data_2JSP
#
_entry.id   2JSP
#
_cell.length_a   1.000
_cell.length_b   1.000
_cell.length_c   1.000
_cell.angle_alpha   90.00
_cell.angle_beta   90.00
_cell.angle_gamma   90.00
#
_symmetry.space_group_name_H-M   'P 1'
#
_entity_poly.entity_id   1
_entity_poly.type   'polypeptide(L)'
_entity_poly.pdbx_seq_one_letter_code
;AVNVEKQKPAVSVRKSVQDDHIVCLECGGSFKSLKRHLTTHHSMTPEEYREKWDLPVDYPMVAPAYAEARSRLAKEMGLG
QRRKANR
;
_entity_poly.pdbx_strand_id   A
#
# COMPACT_ATOMS: atom_id res chain seq x y z
N ALA A 1 -6.26 18.24 9.99
CA ALA A 1 -6.22 16.80 10.32
C ALA A 1 -5.66 16.44 11.73
N VAL A 2 -4.34 16.33 11.85
CA VAL A 2 -3.62 15.94 13.10
C VAL A 2 -2.09 15.97 12.92
N ASN A 3 -1.49 14.86 12.52
CA ASN A 3 -0.04 14.66 12.28
C ASN A 3 0.90 15.27 13.34
N VAL A 4 0.52 15.08 14.60
CA VAL A 4 1.35 15.48 15.77
C VAL A 4 1.63 14.28 16.69
N GLU A 5 2.60 13.47 16.24
CA GLU A 5 2.98 12.17 16.87
C GLU A 5 1.79 11.29 17.28
N LYS A 6 1.26 10.61 16.27
CA LYS A 6 0.02 9.79 16.32
C LYS A 6 -0.31 9.27 14.91
N GLN A 7 -0.39 10.21 13.97
CA GLN A 7 -0.80 9.99 12.57
C GLN A 7 -2.20 9.35 12.53
N LYS A 8 -2.54 8.57 11.51
CA LYS A 8 -3.81 7.83 11.51
C LYS A 8 -3.64 6.31 11.32
N PRO A 9 -3.60 5.57 12.44
CA PRO A 9 -3.57 4.09 12.43
C PRO A 9 -4.91 3.51 11.94
N ALA A 10 -4.89 3.10 10.67
CA ALA A 10 -6.06 2.48 10.01
C ALA A 10 -6.21 1.02 10.46
N VAL A 11 -6.49 0.92 11.76
CA VAL A 11 -6.50 -0.30 12.60
C VAL A 11 -5.25 -1.19 12.38
N SER A 12 -5.33 -2.41 12.89
CA SER A 12 -4.35 -3.46 12.57
C SER A 12 -4.65 -4.03 11.17
N VAL A 13 -3.70 -4.81 10.66
CA VAL A 13 -3.80 -5.52 9.37
C VAL A 13 -4.99 -6.53 9.37
N ARG A 14 -4.98 -7.50 8.45
CA ARG A 14 -5.98 -8.59 8.29
C ARG A 14 -7.31 -8.07 7.71
N LYS A 15 -7.84 -7.01 8.32
CA LYS A 15 -9.04 -6.31 7.85
C LYS A 15 -8.77 -4.94 7.17
N SER A 16 -7.52 -4.75 6.74
CA SER A 16 -7.11 -3.63 5.86
C SER A 16 -7.85 -3.66 4.50
N VAL A 17 -8.21 -4.88 4.09
CA VAL A 17 -9.07 -5.19 2.93
C VAL A 17 -10.52 -4.89 3.32
N GLN A 18 -11.13 -3.95 2.61
CA GLN A 18 -12.57 -3.69 2.70
C GLN A 18 -13.26 -3.86 1.33
N ASP A 19 -14.53 -3.46 1.23
CA ASP A 19 -15.40 -3.67 0.05
C ASP A 19 -14.91 -2.88 -1.20
N ASP A 20 -13.96 -3.50 -1.91
CA ASP A 20 -13.19 -2.92 -3.03
C ASP A 20 -12.47 -1.59 -2.74
N HIS A 21 -12.11 -1.43 -1.47
CA HIS A 21 -11.35 -0.28 -0.98
C HIS A 21 -10.35 -0.72 0.10
N ILE A 22 -9.13 -0.26 -0.07
CA ILE A 22 -7.98 -0.60 0.79
C ILE A 22 -7.60 0.64 1.62
N VAL A 23 -7.56 0.43 2.94
CA VAL A 23 -7.41 1.53 3.92
C VAL A 23 -5.95 2.01 4.07
N CYS A 24 -5.78 3.34 4.04
CA CYS A 24 -4.47 3.96 4.03
C CYS A 24 -3.91 3.94 5.47
N LEU A 25 -3.05 2.99 5.75
CA LEU A 25 -2.27 3.02 7.01
C LEU A 25 -1.45 4.32 7.08
N GLU A 26 -1.38 4.87 8.28
CA GLU A 26 -0.76 6.19 8.59
C GLU A 26 -1.63 7.41 8.19
N CYS A 27 -2.69 7.19 7.42
CA CYS A 27 -3.41 8.27 6.75
C CYS A 27 -4.88 8.19 7.16
N GLY A 28 -5.52 7.03 6.98
CA GLY A 28 -6.93 6.82 7.37
C GLY A 28 -7.87 6.68 6.16
N GLY A 29 -7.70 7.60 5.20
CA GLY A 29 -8.44 7.61 3.92
C GLY A 29 -8.38 6.26 3.17
N SER A 30 -9.36 6.06 2.28
CA SER A 30 -9.49 4.79 1.56
C SER A 30 -9.57 4.99 0.03
N PHE A 31 -9.13 3.97 -0.69
CA PHE A 31 -8.98 3.97 -2.17
C PHE A 31 -8.80 2.56 -2.76
N LYS A 32 -8.90 2.47 -4.09
CA LYS A 32 -8.57 1.24 -4.82
C LYS A 32 -7.07 0.89 -4.91
N SER A 33 -6.22 1.92 -5.02
CA SER A 33 -4.76 1.71 -5.11
C SER A 33 -3.89 2.61 -4.23
N LEU A 34 -3.48 2.04 -3.10
CA LEU A 34 -2.46 2.64 -2.21
C LEU A 34 -1.09 2.73 -2.89
N LYS A 35 -0.74 1.81 -3.80
CA LYS A 35 0.54 1.84 -4.55
C LYS A 35 0.96 3.25 -5.03
N ARG A 36 0.00 3.94 -5.65
CA ARG A 36 0.18 5.32 -6.13
C ARG A 36 0.20 6.33 -4.97
N HIS A 37 -0.91 6.43 -4.22
CA HIS A 37 -1.08 7.31 -3.08
C HIS A 37 0.17 7.26 -2.21
N LEU A 38 0.63 6.03 -1.93
CA LEU A 38 1.83 5.72 -1.14
C LEU A 38 3.01 6.51 -1.70
N THR A 39 3.52 6.11 -2.86
CA THR A 39 4.66 6.75 -3.55
C THR A 39 4.47 8.26 -3.82
N THR A 40 3.22 8.71 -3.99
CA THR A 40 2.83 10.13 -4.04
C THR A 40 3.06 10.89 -2.72
N HIS A 41 2.36 10.49 -1.65
CA HIS A 41 2.33 11.22 -0.37
C HIS A 41 3.38 10.76 0.65
N HIS A 42 3.14 9.60 1.28
CA HIS A 42 4.08 8.87 2.10
C HIS A 42 5.35 8.59 1.30
N SER A 43 5.29 8.58 -0.04
CA SER A 43 6.37 8.22 -0.98
C SER A 43 6.97 6.83 -0.70
N MET A 44 8.11 6.49 -1.32
CA MET A 44 8.78 5.17 -1.23
C MET A 44 7.97 4.03 -1.90
N THR A 45 8.59 2.85 -1.97
CA THR A 45 7.99 1.62 -2.53
C THR A 45 7.02 0.92 -1.55
N PRO A 46 6.00 0.20 -2.06
CA PRO A 46 5.05 -0.55 -1.21
C PRO A 46 5.70 -1.57 -0.26
N GLU A 47 6.67 -2.34 -0.76
CA GLU A 47 7.46 -3.27 0.09
C GLU A 47 8.27 -2.58 1.19
N GLU A 48 8.92 -1.45 0.87
CA GLU A 48 9.65 -0.66 1.88
C GLU A 48 8.69 -0.11 2.96
N TYR A 49 7.54 0.37 2.51
CA TYR A 49 6.46 0.85 3.39
C TYR A 49 5.88 -0.23 4.33
N ARG A 50 5.72 -1.45 3.85
CA ARG A 50 5.25 -2.56 4.71
C ARG A 50 6.17 -2.78 5.93
N GLU A 51 7.47 -2.55 5.74
CA GLU A 51 8.49 -2.60 6.82
C GLU A 51 8.16 -1.65 7.99
N LYS A 52 7.71 -0.43 7.66
CA LYS A 52 7.31 0.60 8.65
C LYS A 52 6.21 0.07 9.60
N TRP A 53 5.12 -0.40 9.01
CA TRP A 53 3.98 -0.99 9.77
C TRP A 53 4.18 -2.46 10.17
N ASP A 54 5.38 -3.01 9.91
CA ASP A 54 5.74 -4.44 10.11
C ASP A 54 4.73 -5.42 9.46
N LEU A 55 4.13 -4.96 8.37
CA LEU A 55 2.92 -5.55 7.76
C LEU A 55 3.12 -6.96 7.19
N PRO A 56 2.57 -7.97 7.88
CA PRO A 56 2.80 -9.40 7.56
C PRO A 56 2.39 -9.78 6.13
N VAL A 57 3.10 -10.79 5.64
CA VAL A 57 3.05 -11.31 4.25
C VAL A 57 3.22 -10.23 3.15
N ASP A 58 3.88 -9.11 3.52
CA ASP A 58 4.06 -7.92 2.67
C ASP A 58 2.75 -7.41 2.02
N TYR A 59 1.71 -7.42 2.85
CA TYR A 59 0.33 -6.98 2.55
C TYR A 59 0.19 -6.06 1.32
N PRO A 60 -0.57 -6.49 0.30
CA PRO A 60 -0.70 -5.74 -0.97
C PRO A 60 -1.29 -4.35 -0.75
N MET A 61 -0.71 -3.38 -1.45
CA MET A 61 -1.20 -1.99 -1.41
C MET A 61 -2.19 -1.65 -2.53
N VAL A 62 -2.58 -2.64 -3.32
CA VAL A 62 -3.53 -2.46 -4.43
C VAL A 62 -4.74 -3.35 -4.14
N ALA A 63 -5.92 -2.89 -4.54
CA ALA A 63 -7.23 -3.58 -4.50
C ALA A 63 -7.14 -5.10 -4.21
N PRO A 64 -8.00 -5.62 -3.31
CA PRO A 64 -7.91 -7.00 -2.80
C PRO A 64 -7.72 -8.12 -3.83
N ALA A 65 -8.32 -7.97 -5.01
CA ALA A 65 -8.11 -8.90 -6.14
C ALA A 65 -7.62 -8.26 -7.46
N TYR A 66 -6.87 -7.16 -7.36
CA TYR A 66 -6.40 -6.37 -8.54
C TYR A 66 -5.71 -7.21 -9.62
N ALA A 67 -4.75 -8.02 -9.18
CA ALA A 67 -4.02 -8.99 -10.04
C ALA A 67 -3.46 -10.13 -9.17
N GLU A 68 -4.37 -11.08 -8.91
CA GLU A 68 -4.17 -12.29 -8.07
C GLU A 68 -3.64 -11.98 -6.65
N ALA A 69 -3.95 -10.77 -6.16
CA ALA A 69 -3.37 -10.14 -4.95
C ALA A 69 -1.86 -10.33 -4.73
N ARG A 70 -1.12 -10.49 -5.82
CA ARG A 70 0.31 -10.87 -5.77
C ARG A 70 1.14 -10.34 -6.96
N SER A 71 0.96 -9.04 -7.25
CA SER A 71 1.56 -8.33 -8.42
C SER A 71 1.53 -9.09 -9.76
N ARG A 72 0.39 -9.75 -10.00
CA ARG A 72 0.13 -10.66 -11.15
C ARG A 72 1.14 -11.83 -11.30
N LEU A 73 1.80 -12.15 -10.20
CA LEU A 73 2.94 -13.09 -10.07
C LEU A 73 4.15 -12.55 -10.83
N ALA A 74 5.28 -12.58 -10.12
CA ALA A 74 6.57 -11.96 -10.52
C ALA A 74 6.44 -10.42 -10.64
N LYS A 75 7.29 -9.80 -11.47
CA LYS A 75 7.41 -8.34 -11.68
C LYS A 75 7.38 -7.54 -10.37
N GLU A 76 8.56 -7.53 -9.72
CA GLU A 76 8.77 -6.93 -8.38
C GLU A 76 8.45 -5.42 -8.33
N MET A 77 8.26 -4.92 -7.11
CA MET A 77 7.99 -3.49 -6.83
C MET A 77 8.97 -2.54 -7.54
N GLY A 78 8.37 -1.50 -8.13
CA GLY A 78 9.08 -0.51 -8.96
C GLY A 78 8.33 -0.35 -10.28
N LEU A 79 9.10 -0.30 -11.36
CA LEU A 79 8.58 -0.15 -12.74
C LEU A 79 9.29 -1.09 -13.72
N GLY A 80 8.46 -1.81 -14.49
CA GLY A 80 8.92 -2.72 -15.56
C GLY A 80 9.75 -1.95 -16.60
N GLN A 81 9.04 -1.23 -17.46
CA GLN A 81 9.64 -0.29 -18.42
C GLN A 81 9.14 1.14 -18.21
N ARG A 82 10.11 2.06 -18.15
CA ARG A 82 9.89 3.52 -18.08
C ARG A 82 9.43 4.12 -19.43
N ARG A 83 8.42 3.49 -20.01
CA ARG A 83 7.92 3.77 -21.37
C ARG A 83 6.49 3.24 -21.51
N LYS A 84 5.64 4.04 -22.15
CA LYS A 84 4.26 3.60 -22.44
C LYS A 84 4.25 2.97 -23.85
N ALA A 85 4.76 1.75 -23.86
CA ALA A 85 4.83 0.90 -25.06
C ALA A 85 3.45 0.29 -25.34
N ASN A 86 3.05 0.44 -26.59
CA ASN A 86 1.71 0.07 -27.11
C ASN A 86 0.58 0.95 -26.53
N ARG A 87 -0.49 1.06 -27.31
CA ARG A 87 -1.63 1.96 -26.99
C ARG A 87 -2.95 1.20 -26.76
N ALA A 1 -0.76 11.35 5.92
CA ALA A 1 0.26 12.28 5.38
C ALA A 1 1.66 12.12 6.01
N VAL A 2 2.15 10.87 5.97
CA VAL A 2 3.37 10.38 6.65
C VAL A 2 3.41 10.73 8.17
N ASN A 3 4.31 10.06 8.89
CA ASN A 3 4.46 10.29 10.34
C ASN A 3 5.25 11.58 10.65
N VAL A 4 4.57 12.69 10.41
CA VAL A 4 5.07 14.04 10.73
C VAL A 4 4.07 14.79 11.64
N GLU A 5 4.06 14.34 12.89
CA GLU A 5 3.17 14.85 13.96
C GLU A 5 1.68 14.81 13.56
N LYS A 6 1.18 13.58 13.52
CA LYS A 6 -0.20 13.21 13.14
C LYS A 6 -0.45 11.70 13.34
N GLN A 7 0.08 10.86 12.44
CA GLN A 7 0.02 9.38 12.51
C GLN A 7 -1.43 8.87 12.62
N LYS A 8 -1.99 8.47 11.48
CA LYS A 8 -3.36 7.91 11.49
C LYS A 8 -3.41 6.39 11.23
N PRO A 9 -3.40 5.58 12.31
CA PRO A 9 -3.47 4.12 12.22
C PRO A 9 -4.85 3.67 11.69
N ALA A 10 -4.82 3.10 10.49
CA ALA A 10 -6.02 2.58 9.81
C ALA A 10 -6.45 1.22 10.37
N VAL A 11 -6.64 1.24 11.69
CA VAL A 11 -6.90 0.07 12.56
C VAL A 11 -5.71 -0.92 12.40
N SER A 12 -5.88 -2.14 12.91
CA SER A 12 -4.94 -3.27 12.73
C SER A 12 -5.08 -3.87 11.32
N VAL A 13 -4.16 -4.77 10.99
CA VAL A 13 -4.21 -5.60 9.77
C VAL A 13 -5.44 -6.53 9.78
N ARG A 14 -5.41 -7.63 9.03
CA ARG A 14 -6.48 -8.65 8.88
C ARG A 14 -7.70 -8.13 8.09
N LYS A 15 -8.20 -6.96 8.49
CA LYS A 15 -9.33 -6.28 7.80
C LYS A 15 -8.89 -5.02 7.00
N SER A 16 -7.60 -4.99 6.63
CA SER A 16 -7.03 -3.97 5.72
C SER A 16 -7.75 -3.96 4.35
N VAL A 17 -8.19 -5.15 3.96
CA VAL A 17 -9.06 -5.44 2.80
C VAL A 17 -10.51 -5.09 3.19
N GLN A 18 -11.08 -4.15 2.45
CA GLN A 18 -12.50 -3.76 2.60
C GLN A 18 -13.24 -3.94 1.26
N ASP A 19 -14.48 -3.46 1.16
CA ASP A 19 -15.34 -3.57 -0.06
C ASP A 19 -14.79 -2.81 -1.29
N ASP A 20 -13.84 -3.46 -1.97
CA ASP A 20 -13.06 -2.90 -3.09
C ASP A 20 -12.30 -1.58 -2.79
N HIS A 21 -12.02 -1.41 -1.51
CA HIS A 21 -11.20 -0.30 -0.99
C HIS A 21 -10.22 -0.83 0.06
N ILE A 22 -8.99 -0.35 -0.10
CA ILE A 22 -7.83 -0.70 0.73
C ILE A 22 -7.48 0.53 1.59
N VAL A 23 -7.47 0.30 2.90
CA VAL A 23 -7.32 1.36 3.92
C VAL A 23 -5.86 1.85 4.05
N CYS A 24 -5.69 3.18 3.98
CA CYS A 24 -4.39 3.80 3.98
C CYS A 24 -3.84 3.80 5.40
N LEU A 25 -2.93 2.86 5.68
CA LEU A 25 -2.16 2.85 6.94
C LEU A 25 -1.28 4.11 7.03
N GLU A 26 -1.35 4.75 8.19
CA GLU A 26 -0.74 6.06 8.54
C GLU A 26 -1.49 7.29 7.96
N CYS A 27 -2.68 7.08 7.39
CA CYS A 27 -3.40 8.14 6.71
C CYS A 27 -4.87 8.08 7.11
N GLY A 28 -5.50 6.91 6.94
CA GLY A 28 -6.91 6.70 7.36
C GLY A 28 -7.87 6.47 6.18
N GLY A 29 -7.79 7.36 5.18
CA GLY A 29 -8.61 7.28 3.95
C GLY A 29 -8.45 5.95 3.19
N SER A 30 -9.50 5.59 2.46
CA SER A 30 -9.53 4.33 1.67
C SER A 30 -9.69 4.59 0.17
N PHE A 31 -9.08 3.70 -0.60
CA PHE A 31 -9.02 3.77 -2.09
C PHE A 31 -8.77 2.41 -2.76
N LYS A 32 -8.84 2.38 -4.09
CA LYS A 32 -8.52 1.16 -4.87
C LYS A 32 -7.03 0.82 -4.99
N SER A 33 -6.16 1.81 -5.01
CA SER A 33 -4.70 1.58 -5.00
C SER A 33 -3.91 2.52 -4.09
N LEU A 34 -3.29 1.90 -3.09
CA LEU A 34 -2.32 2.55 -2.19
C LEU A 34 -0.97 2.82 -2.87
N LYS A 35 -0.49 1.93 -3.75
CA LYS A 35 0.83 2.02 -4.41
C LYS A 35 1.23 3.46 -4.82
N ARG A 36 0.44 4.02 -5.74
CA ARG A 36 0.50 5.44 -6.17
C ARG A 36 0.51 6.43 -4.99
N HIS A 37 -0.64 6.61 -4.31
CA HIS A 37 -0.85 7.41 -3.12
C HIS A 37 0.36 7.30 -2.21
N LEU A 38 0.77 6.06 -1.90
CA LEU A 38 1.92 5.75 -1.05
C LEU A 38 3.15 6.52 -1.51
N THR A 39 3.65 6.19 -2.70
CA THR A 39 4.82 6.84 -3.34
C THR A 39 4.65 8.36 -3.57
N THR A 40 3.41 8.81 -3.78
CA THR A 40 3.03 10.24 -3.88
C THR A 40 3.16 11.01 -2.55
N HIS A 41 2.37 10.60 -1.54
CA HIS A 41 2.23 11.32 -0.26
C HIS A 41 3.29 10.91 0.79
N HIS A 42 3.08 9.74 1.40
CA HIS A 42 4.05 9.09 2.26
C HIS A 42 5.35 8.86 1.48
N SER A 43 5.36 8.85 0.14
CA SER A 43 6.55 8.53 -0.71
C SER A 43 6.99 7.07 -0.53
N MET A 44 8.16 6.72 -1.07
CA MET A 44 8.80 5.37 -0.98
C MET A 44 8.06 4.26 -1.75
N THR A 45 8.74 3.11 -1.87
CA THR A 45 8.16 1.88 -2.48
C THR A 45 7.17 1.22 -1.52
N PRO A 46 6.10 0.57 -2.05
CA PRO A 46 5.10 -0.14 -1.23
C PRO A 46 5.71 -1.22 -0.32
N GLU A 47 6.66 -1.99 -0.85
CA GLU A 47 7.43 -3.00 -0.09
C GLU A 47 8.30 -2.43 1.04
N GLU A 48 8.99 -1.31 0.80
CA GLU A 48 9.78 -0.66 1.88
C GLU A 48 8.85 -0.06 2.96
N TYR A 49 7.72 0.51 2.52
CA TYR A 49 6.64 0.98 3.41
C TYR A 49 6.05 -0.12 4.32
N ARG A 50 5.86 -1.33 3.78
CA ARG A 50 5.37 -2.46 4.60
C ARG A 50 6.25 -2.71 5.83
N GLU A 51 7.57 -2.50 5.67
CA GLU A 51 8.56 -2.63 6.75
C GLU A 51 8.36 -1.59 7.89
N LYS A 52 7.98 -0.37 7.53
CA LYS A 52 7.62 0.70 8.51
C LYS A 52 6.52 0.23 9.49
N TRP A 53 5.45 -0.32 8.92
CA TRP A 53 4.34 -0.90 9.70
C TRP A 53 4.50 -2.40 10.01
N ASP A 54 5.69 -2.94 9.76
CA ASP A 54 6.01 -4.40 9.79
C ASP A 54 4.87 -5.34 9.37
N LEU A 55 4.25 -4.95 8.27
CA LEU A 55 3.03 -5.55 7.71
C LEU A 55 3.21 -7.01 7.22
N PRO A 56 2.53 -7.96 7.88
CA PRO A 56 2.68 -9.40 7.60
C PRO A 56 2.38 -9.75 6.14
N VAL A 57 3.15 -10.74 5.68
CA VAL A 57 3.20 -11.24 4.27
C VAL A 57 3.33 -10.12 3.21
N ASP A 58 3.98 -9.01 3.61
CA ASP A 58 4.18 -7.78 2.80
C ASP A 58 2.92 -7.25 2.10
N TYR A 59 1.78 -7.47 2.77
CA TYR A 59 0.41 -7.14 2.36
C TYR A 59 0.25 -6.20 1.14
N PRO A 60 -0.54 -6.64 0.13
CA PRO A 60 -0.72 -5.88 -1.11
C PRO A 60 -1.26 -4.46 -0.89
N MET A 61 -0.72 -3.55 -1.68
CA MET A 61 -1.15 -2.12 -1.66
C MET A 61 -2.25 -1.80 -2.69
N VAL A 62 -2.57 -2.77 -3.55
CA VAL A 62 -3.53 -2.58 -4.66
C VAL A 62 -4.74 -3.49 -4.37
N ALA A 63 -5.93 -2.95 -4.66
CA ALA A 63 -7.26 -3.57 -4.54
C ALA A 63 -7.29 -5.09 -4.25
N PRO A 64 -8.18 -5.53 -3.35
CA PRO A 64 -8.19 -6.90 -2.80
C PRO A 64 -8.05 -8.07 -3.79
N ALA A 65 -8.65 -7.95 -4.98
CA ALA A 65 -8.48 -8.95 -6.04
C ALA A 65 -8.01 -8.42 -7.42
N TYR A 66 -7.30 -7.28 -7.41
CA TYR A 66 -6.93 -6.53 -8.64
C TYR A 66 -6.19 -7.37 -9.71
N ALA A 67 -5.28 -8.20 -9.23
CA ALA A 67 -4.56 -9.24 -10.01
C ALA A 67 -4.08 -10.30 -9.01
N GLU A 68 -4.99 -11.24 -8.79
CA GLU A 68 -4.85 -12.38 -7.84
C GLU A 68 -4.28 -12.04 -6.45
N ALA A 69 -4.78 -10.93 -5.89
CA ALA A 69 -4.35 -10.35 -4.59
C ALA A 69 -2.81 -10.23 -4.38
N ARG A 70 -2.11 -9.86 -5.45
CA ARG A 70 -0.63 -9.87 -5.47
C ARG A 70 0.03 -8.53 -5.88
N SER A 71 -0.46 -7.42 -5.31
CA SER A 71 -0.06 -6.03 -5.66
C SER A 71 0.14 -5.80 -7.18
N ARG A 72 -0.96 -5.91 -7.92
CA ARG A 72 -0.99 -5.86 -9.41
C ARG A 72 0.06 -6.81 -10.06
N LEU A 73 0.20 -8.00 -9.49
CA LEU A 73 1.17 -9.05 -9.90
C LEU A 73 2.63 -8.53 -9.88
N ALA A 74 2.97 -7.83 -8.79
CA ALA A 74 4.28 -7.18 -8.60
C ALA A 74 4.64 -7.05 -7.10
N LYS A 75 5.51 -7.96 -6.66
CA LYS A 75 5.96 -8.01 -5.26
C LYS A 75 7.49 -8.13 -5.16
N GLU A 76 8.13 -7.00 -4.89
CA GLU A 76 9.59 -6.90 -4.61
C GLU A 76 9.99 -5.53 -4.06
N MET A 77 10.96 -5.55 -3.15
CA MET A 77 11.56 -4.32 -2.59
C MET A 77 12.64 -3.71 -3.50
N GLY A 78 12.60 -2.38 -3.57
CA GLY A 78 13.48 -1.57 -4.46
C GLY A 78 12.98 -1.56 -5.92
N LEU A 79 13.91 -1.26 -6.81
CA LEU A 79 13.68 -1.24 -8.28
C LEU A 79 13.82 -2.64 -8.90
N GLY A 80 13.04 -2.84 -9.98
CA GLY A 80 13.03 -4.09 -10.77
C GLY A 80 14.39 -4.47 -11.36
N GLN A 81 14.68 -3.89 -12.52
CA GLN A 81 15.94 -4.16 -13.27
C GLN A 81 16.43 -2.87 -13.97
N ARG A 82 17.74 -2.70 -13.96
CA ARG A 82 18.44 -1.56 -14.59
C ARG A 82 19.69 -1.99 -15.40
N ARG A 83 19.49 -2.16 -16.70
CA ARG A 83 20.61 -2.45 -17.62
C ARG A 83 20.75 -1.34 -18.70
N LYS A 84 21.61 -0.39 -18.39
CA LYS A 84 21.95 0.78 -19.26
C LYS A 84 20.72 1.56 -19.76
N ALA A 85 20.45 2.66 -19.05
CA ALA A 85 19.28 3.52 -19.35
C ALA A 85 19.68 4.74 -20.20
N ASN A 86 19.84 4.46 -21.49
CA ASN A 86 20.21 5.47 -22.49
C ASN A 86 19.13 5.72 -23.55
N ARG A 87 18.42 6.84 -23.37
CA ARG A 87 17.39 7.29 -24.32
C ARG A 87 17.95 7.78 -25.68
N ALA A 1 -3.07 13.19 4.14
CA ALA A 1 -1.78 13.21 3.41
C ALA A 1 -0.52 13.37 4.30
N VAL A 2 -0.43 14.50 4.99
CA VAL A 2 0.69 14.88 5.88
C VAL A 2 0.81 13.96 7.13
N ASN A 3 2.02 13.48 7.31
CA ASN A 3 2.40 12.59 8.43
C ASN A 3 3.66 13.07 9.18
N VAL A 4 3.42 13.86 10.21
CA VAL A 4 4.50 14.33 11.11
C VAL A 4 4.19 14.17 12.62
N GLU A 5 3.17 14.86 13.10
CA GLU A 5 2.81 14.89 14.53
C GLU A 5 1.29 14.71 14.79
N LYS A 6 0.79 13.59 14.28
CA LYS A 6 -0.66 13.24 14.29
C LYS A 6 -0.94 11.83 13.76
N GLN A 7 -0.59 11.60 12.49
CA GLN A 7 -0.82 10.35 11.73
C GLN A 7 -2.28 9.85 11.82
N LYS A 8 -2.56 8.71 11.17
CA LYS A 8 -3.81 7.98 11.42
C LYS A 8 -3.66 6.46 11.26
N PRO A 9 -3.51 5.74 12.39
CA PRO A 9 -3.44 4.27 12.40
C PRO A 9 -4.78 3.65 11.99
N ALA A 10 -4.79 3.10 10.78
CA ALA A 10 -5.97 2.43 10.18
C ALA A 10 -6.24 1.04 10.80
N VAL A 11 -6.35 1.06 12.12
CA VAL A 11 -6.50 -0.09 13.04
C VAL A 11 -5.30 -1.06 12.84
N SER A 12 -5.45 -2.33 13.21
CA SER A 12 -4.44 -3.39 13.04
C SER A 12 -4.84 -4.26 11.85
N VAL A 13 -3.81 -4.71 11.13
CA VAL A 13 -3.90 -5.54 9.89
C VAL A 13 -5.28 -6.16 9.60
N ARG A 14 -5.56 -7.35 10.13
CA ARG A 14 -6.87 -8.03 10.10
C ARG A 14 -7.59 -7.95 8.73
N LYS A 15 -8.49 -6.95 8.61
CA LYS A 15 -9.22 -6.67 7.37
C LYS A 15 -8.74 -5.35 6.75
N SER A 16 -7.46 -5.34 6.38
CA SER A 16 -6.83 -4.25 5.60
C SER A 16 -7.53 -4.06 4.24
N VAL A 17 -8.04 -5.20 3.76
CA VAL A 17 -8.86 -5.39 2.56
C VAL A 17 -10.35 -5.21 2.95
N GLN A 18 -11.00 -4.28 2.27
CA GLN A 18 -12.45 -4.03 2.45
C GLN A 18 -13.18 -4.19 1.09
N ASP A 19 -14.41 -3.68 0.95
CA ASP A 19 -15.22 -3.78 -0.29
C ASP A 19 -14.65 -3.01 -1.49
N ASP A 20 -13.67 -3.62 -2.14
CA ASP A 20 -12.86 -3.07 -3.25
C ASP A 20 -12.16 -1.73 -2.90
N HIS A 21 -11.84 -1.58 -1.62
CA HIS A 21 -11.09 -0.44 -1.08
C HIS A 21 -10.17 -0.91 0.05
N ILE A 22 -8.95 -0.42 -0.03
CA ILE A 22 -7.88 -0.76 0.92
C ILE A 22 -7.48 0.50 1.72
N VAL A 23 -7.48 0.33 3.04
CA VAL A 23 -7.33 1.44 4.00
C VAL A 23 -5.88 1.93 4.16
N CYS A 24 -5.71 3.25 4.08
CA CYS A 24 -4.40 3.88 4.07
C CYS A 24 -3.88 3.90 5.51
N LEU A 25 -3.01 2.94 5.81
CA LEU A 25 -2.22 3.01 7.05
C LEU A 25 -1.43 4.34 7.09
N GLU A 26 -1.36 4.88 8.32
CA GLU A 26 -0.78 6.20 8.64
C GLU A 26 -1.57 7.43 8.12
N CYS A 27 -2.67 7.21 7.40
CA CYS A 27 -3.41 8.26 6.72
C CYS A 27 -4.88 8.15 7.13
N GLY A 28 -5.49 6.96 6.99
CA GLY A 28 -6.89 6.73 7.40
C GLY A 28 -7.86 6.56 6.22
N GLY A 29 -7.75 7.48 5.25
CA GLY A 29 -8.53 7.43 3.99
C GLY A 29 -8.39 6.09 3.24
N SER A 30 -9.37 5.80 2.39
CA SER A 30 -9.39 4.51 1.66
C SER A 30 -9.45 4.71 0.14
N PHE A 31 -8.85 3.77 -0.58
CA PHE A 31 -8.70 3.82 -2.05
C PHE A 31 -8.55 2.43 -2.71
N LYS A 32 -8.62 2.43 -4.04
CA LYS A 32 -8.30 1.22 -4.84
C LYS A 32 -6.81 0.82 -4.80
N SER A 33 -5.90 1.78 -4.86
CA SER A 33 -4.45 1.49 -4.93
C SER A 33 -3.56 2.42 -4.09
N LEU A 34 -3.07 1.85 -2.99
CA LEU A 34 -2.04 2.50 -2.16
C LEU A 34 -0.71 2.65 -2.90
N LYS A 35 -0.35 1.75 -3.81
CA LYS A 35 0.91 1.84 -4.60
C LYS A 35 1.22 3.27 -5.13
N ARG A 36 0.19 3.91 -5.68
CA ARG A 36 0.23 5.32 -6.10
C ARG A 36 0.30 6.26 -4.87
N HIS A 37 -0.80 6.34 -4.12
CA HIS A 37 -1.01 7.21 -2.97
C HIS A 37 0.24 7.21 -2.08
N LEU A 38 0.77 6.02 -1.82
CA LEU A 38 1.97 5.77 -1.01
C LEU A 38 3.13 6.62 -1.54
N THR A 39 3.66 6.26 -2.71
CA THR A 39 4.78 6.96 -3.37
C THR A 39 4.49 8.46 -3.65
N THR A 40 3.22 8.81 -3.85
CA THR A 40 2.74 10.21 -3.96
C THR A 40 2.88 11.03 -2.66
N HIS A 41 2.30 10.54 -1.56
CA HIS A 41 2.18 11.29 -0.29
C HIS A 41 3.24 10.90 0.76
N HIS A 42 3.04 9.76 1.41
CA HIS A 42 4.02 9.10 2.26
C HIS A 42 5.31 8.88 1.47
N SER A 43 5.30 8.88 0.13
CA SER A 43 6.46 8.63 -0.75
C SER A 43 6.97 7.19 -0.59
N MET A 44 8.11 6.86 -1.18
CA MET A 44 8.81 5.55 -1.05
C MET A 44 8.08 4.38 -1.73
N THR A 45 8.83 3.29 -1.90
CA THR A 45 8.33 2.00 -2.42
C THR A 45 7.41 1.23 -1.44
N PRO A 46 6.36 0.58 -1.95
CA PRO A 46 5.38 -0.17 -1.14
C PRO A 46 5.98 -1.23 -0.20
N GLU A 47 6.86 -2.09 -0.73
CA GLU A 47 7.63 -3.06 0.10
C GLU A 47 8.42 -2.42 1.25
N GLU A 48 9.12 -1.32 0.98
CA GLU A 48 9.86 -0.57 2.03
C GLU A 48 8.92 0.05 3.07
N TYR A 49 7.79 0.57 2.60
CA TYR A 49 6.69 1.06 3.47
C TYR A 49 6.08 -0.01 4.39
N ARG A 50 5.86 -1.23 3.87
CA ARG A 50 5.34 -2.33 4.70
C ARG A 50 6.22 -2.61 5.93
N GLU A 51 7.53 -2.36 5.78
CA GLU A 51 8.51 -2.47 6.87
C GLU A 51 8.24 -1.51 8.05
N LYS A 52 7.84 -0.28 7.72
CA LYS A 52 7.42 0.74 8.71
C LYS A 52 6.31 0.22 9.64
N TRP A 53 5.24 -0.27 9.03
CA TRP A 53 4.10 -0.88 9.75
C TRP A 53 4.27 -2.36 10.15
N ASP A 54 5.44 -2.93 9.85
CA ASP A 54 5.78 -4.37 10.02
C ASP A 54 4.73 -5.33 9.41
N LEU A 55 4.08 -4.85 8.35
CA LEU A 55 2.84 -5.44 7.80
C LEU A 55 3.01 -6.86 7.24
N PRO A 56 2.42 -7.86 7.92
CA PRO A 56 2.60 -9.30 7.57
C PRO A 56 2.26 -9.63 6.12
N VAL A 57 3.04 -10.59 5.63
CA VAL A 57 3.07 -11.08 4.23
C VAL A 57 3.25 -9.98 3.15
N ASP A 58 3.77 -8.82 3.54
CA ASP A 58 3.95 -7.63 2.69
C ASP A 58 2.72 -7.30 1.84
N TYR A 59 1.57 -7.21 2.54
CA TYR A 59 0.22 -7.06 1.97
C TYR A 59 0.16 -6.20 0.69
N PRO A 60 -0.64 -6.61 -0.29
CA PRO A 60 -0.80 -5.84 -1.55
C PRO A 60 -1.41 -4.46 -1.31
N MET A 61 -0.69 -3.48 -1.81
CA MET A 61 -1.15 -2.07 -1.84
C MET A 61 -2.27 -1.79 -2.85
N VAL A 62 -2.34 -2.61 -3.89
CA VAL A 62 -3.33 -2.48 -4.99
C VAL A 62 -4.64 -3.18 -4.57
N ALA A 63 -5.69 -2.99 -5.36
CA ALA A 63 -7.06 -3.50 -5.11
C ALA A 63 -7.09 -4.96 -4.63
N PRO A 64 -7.98 -5.29 -3.68
CA PRO A 64 -8.05 -6.63 -3.03
C PRO A 64 -8.01 -7.84 -3.97
N ALA A 65 -8.63 -7.71 -5.14
CA ALA A 65 -8.60 -8.77 -6.17
C ALA A 65 -8.03 -8.34 -7.55
N TYR A 66 -7.16 -7.32 -7.54
CA TYR A 66 -6.62 -6.69 -8.77
C TYR A 66 -6.06 -7.67 -9.81
N ALA A 67 -5.32 -8.67 -9.33
CA ALA A 67 -4.81 -9.80 -10.14
C ALA A 67 -4.99 -11.15 -9.43
N GLU A 68 -6.22 -11.40 -8.94
CA GLU A 68 -6.65 -12.66 -8.28
C GLU A 68 -5.75 -13.13 -7.10
N ALA A 69 -5.05 -12.18 -6.48
CA ALA A 69 -3.97 -12.40 -5.50
C ALA A 69 -2.87 -13.44 -5.88
N ARG A 70 -2.69 -13.62 -7.18
CA ARG A 70 -1.83 -14.67 -7.80
C ARG A 70 -0.45 -14.87 -7.14
N SER A 71 0.57 -14.12 -7.58
CA SER A 71 1.90 -14.13 -6.96
C SER A 71 1.99 -13.02 -5.90
N ARG A 72 1.31 -13.29 -4.79
CA ARG A 72 1.14 -12.39 -3.62
C ARG A 72 0.51 -11.02 -3.95
N LEU A 73 -0.19 -10.97 -5.09
CA LEU A 73 -0.73 -9.75 -5.76
C LEU A 73 0.37 -8.72 -6.09
N ALA A 74 1.08 -8.24 -5.06
CA ALA A 74 2.18 -7.27 -5.18
C ALA A 74 3.46 -7.92 -5.71
N LYS A 75 3.84 -7.51 -6.92
CA LYS A 75 5.03 -8.01 -7.62
C LYS A 75 5.90 -6.87 -8.21
N GLU A 76 6.53 -6.13 -7.30
CA GLU A 76 7.34 -4.95 -7.67
C GLU A 76 8.29 -4.48 -6.55
N MET A 77 9.42 -3.96 -7.00
CA MET A 77 10.46 -3.37 -6.12
C MET A 77 11.14 -2.13 -6.71
N GLY A 78 11.65 -2.26 -7.95
CA GLY A 78 12.40 -1.18 -8.62
C GLY A 78 13.66 -0.81 -7.84
N LEU A 79 14.16 0.40 -8.10
CA LEU A 79 15.36 0.97 -7.45
C LEU A 79 16.64 0.12 -7.55
N GLY A 80 17.77 0.80 -7.34
CA GLY A 80 19.09 0.15 -7.30
C GLY A 80 19.34 -0.58 -5.96
N GLN A 81 18.61 -1.68 -5.76
CA GLN A 81 18.78 -2.49 -4.54
C GLN A 81 19.85 -3.58 -4.74
N ARG A 82 20.80 -3.55 -3.80
CA ARG A 82 22.03 -4.39 -3.81
C ARG A 82 22.84 -4.09 -2.52
N ARG A 83 23.58 -2.98 -2.52
CA ARG A 83 24.37 -2.49 -1.37
C ARG A 83 23.54 -2.04 -0.15
N LYS A 84 22.59 -1.14 -0.42
CA LYS A 84 21.66 -0.52 0.55
C LYS A 84 22.39 0.22 1.70
N ALA A 85 22.94 1.38 1.32
CA ALA A 85 23.67 2.29 2.22
C ALA A 85 23.54 3.74 1.72
N ASN A 86 22.37 4.32 2.04
CA ASN A 86 21.97 5.69 1.70
C ASN A 86 20.59 6.01 2.30
N ARG A 87 20.27 7.30 2.34
CA ARG A 87 18.97 7.81 2.82
C ARG A 87 17.75 7.51 1.90
N ALA A 1 -2.74 20.23 1.94
CA ALA A 1 -3.81 20.41 2.95
C ALA A 1 -4.64 19.13 3.24
N VAL A 2 -4.16 18.43 4.26
CA VAL A 2 -4.63 17.08 4.68
C VAL A 2 -3.84 16.59 5.91
N ASN A 3 -2.51 16.62 5.78
CA ASN A 3 -1.55 16.31 6.87
C ASN A 3 -1.77 17.25 8.08
N VAL A 4 -1.26 16.83 9.23
CA VAL A 4 -1.49 17.35 10.60
C VAL A 4 -2.90 17.06 11.15
N GLU A 5 -3.91 17.16 10.28
CA GLU A 5 -5.32 16.91 10.64
C GLU A 5 -6.00 15.79 9.83
N LYS A 6 -5.31 14.65 9.76
CA LYS A 6 -5.78 13.45 9.03
C LYS A 6 -4.94 12.18 9.28
N GLN A 7 -3.62 12.29 9.24
CA GLN A 7 -2.66 11.16 9.40
C GLN A 7 -2.91 10.29 10.65
N LYS A 8 -3.73 9.27 10.44
CA LYS A 8 -4.08 8.30 11.49
C LYS A 8 -3.77 6.83 11.12
N PRO A 9 -3.42 6.00 12.11
CA PRO A 9 -3.26 4.55 11.91
C PRO A 9 -4.63 3.90 11.60
N ALA A 10 -4.66 3.19 10.48
CA ALA A 10 -5.87 2.53 9.98
C ALA A 10 -6.08 1.15 10.65
N VAL A 11 -6.09 1.21 11.98
CA VAL A 11 -6.13 0.06 12.92
C VAL A 11 -4.88 -0.84 12.66
N SER A 12 -4.93 -2.10 13.08
CA SER A 12 -3.86 -3.09 12.83
C SER A 12 -4.31 -4.03 11.70
N VAL A 13 -3.36 -4.22 10.78
CA VAL A 13 -3.48 -5.02 9.53
C VAL A 13 -4.82 -5.76 9.33
N ARG A 14 -4.89 -7.05 9.68
CA ARG A 14 -6.06 -7.94 9.61
C ARG A 14 -7.00 -7.68 8.40
N LYS A 15 -7.95 -6.77 8.58
CA LYS A 15 -8.93 -6.34 7.55
C LYS A 15 -8.52 -5.04 6.82
N SER A 16 -7.23 -4.92 6.48
CA SER A 16 -6.71 -3.86 5.60
C SER A 16 -7.46 -3.79 4.25
N VAL A 17 -7.90 -4.97 3.81
CA VAL A 17 -8.84 -5.17 2.70
C VAL A 17 -10.28 -4.98 3.22
N GLN A 18 -10.97 -4.06 2.58
CA GLN A 18 -12.42 -3.87 2.77
C GLN A 18 -13.17 -4.09 1.43
N ASP A 19 -14.37 -3.54 1.29
CA ASP A 19 -15.25 -3.77 0.11
C ASP A 19 -14.73 -3.09 -1.18
N ASP A 20 -13.76 -3.76 -1.81
CA ASP A 20 -12.96 -3.23 -2.95
C ASP A 20 -12.26 -1.88 -2.70
N HIS A 21 -11.94 -1.65 -1.43
CA HIS A 21 -11.20 -0.47 -0.98
C HIS A 21 -10.21 -0.85 0.13
N ILE A 22 -8.99 -0.39 -0.08
CA ILE A 22 -7.83 -0.58 0.81
C ILE A 22 -7.54 0.75 1.54
N VAL A 23 -7.40 0.60 2.86
CA VAL A 23 -7.29 1.73 3.79
C VAL A 23 -5.84 2.22 3.96
N CYS A 24 -5.65 3.53 3.78
CA CYS A 24 -4.32 4.13 3.74
C CYS A 24 -3.78 4.20 5.17
N LEU A 25 -2.85 3.31 5.48
CA LEU A 25 -2.11 3.40 6.75
C LEU A 25 -1.38 4.75 6.84
N GLU A 26 -1.33 5.29 8.06
CA GLU A 26 -0.81 6.64 8.38
C GLU A 26 -1.54 7.79 7.63
N CYS A 27 -2.76 7.52 7.15
CA CYS A 27 -3.59 8.53 6.52
C CYS A 27 -5.03 8.32 6.99
N GLY A 28 -5.61 7.13 6.74
CA GLY A 28 -7.00 6.82 7.15
C GLY A 28 -7.95 6.65 5.95
N GLY A 29 -7.84 7.58 4.99
CA GLY A 29 -8.62 7.54 3.73
C GLY A 29 -8.45 6.20 2.97
N SER A 30 -9.51 5.80 2.29
CA SER A 30 -9.56 4.48 1.60
C SER A 30 -9.84 4.63 0.10
N PHE A 31 -9.33 3.66 -0.66
CA PHE A 31 -9.31 3.69 -2.14
C PHE A 31 -9.01 2.32 -2.79
N LYS A 32 -9.17 2.23 -4.10
CA LYS A 32 -8.80 1.05 -4.92
C LYS A 32 -7.30 0.69 -4.92
N SER A 33 -6.45 1.71 -4.94
CA SER A 33 -4.98 1.53 -5.03
C SER A 33 -4.23 2.38 -4.00
N LEU A 34 -3.69 1.69 -3.01
CA LEU A 34 -2.83 2.31 -1.98
C LEU A 34 -1.44 2.68 -2.56
N LYS A 35 -0.89 1.80 -3.41
CA LYS A 35 0.46 1.93 -3.99
C LYS A 35 0.78 3.32 -4.57
N ARG A 36 -0.09 3.81 -5.45
CA ARG A 36 0.12 5.12 -6.12
C ARG A 36 0.16 6.27 -5.10
N HIS A 37 -0.95 6.47 -4.38
CA HIS A 37 -1.11 7.40 -3.27
C HIS A 37 0.11 7.30 -2.35
N LEU A 38 0.47 6.07 -1.99
CA LEU A 38 1.64 5.77 -1.14
C LEU A 38 2.90 6.46 -1.68
N THR A 39 3.35 6.00 -2.85
CA THR A 39 4.55 6.51 -3.56
C THR A 39 4.49 8.03 -3.87
N THR A 40 3.28 8.55 -4.07
CA THR A 40 2.99 10.00 -4.22
C THR A 40 3.17 10.83 -2.94
N HIS A 41 2.39 10.51 -1.90
CA HIS A 41 2.32 11.30 -0.65
C HIS A 41 3.36 10.91 0.41
N HIS A 42 3.10 9.81 1.10
CA HIS A 42 4.02 9.12 1.99
C HIS A 42 5.30 8.76 1.21
N SER A 43 5.28 8.69 -0.12
CA SER A 43 6.42 8.29 -0.99
C SER A 43 6.78 6.81 -0.76
N MET A 44 7.93 6.35 -1.29
CA MET A 44 8.50 4.99 -1.09
C MET A 44 7.74 3.86 -1.82
N THR A 45 8.41 2.70 -1.86
CA THR A 45 7.87 1.45 -2.46
C THR A 45 6.83 0.79 -1.53
N PRO A 46 5.83 0.10 -2.11
CA PRO A 46 4.79 -0.63 -1.32
C PRO A 46 5.36 -1.63 -0.31
N GLU A 47 6.34 -2.44 -0.74
CA GLU A 47 7.03 -3.38 0.17
C GLU A 47 7.89 -2.71 1.27
N GLU A 48 8.63 -1.65 0.94
CA GLU A 48 9.39 -0.90 1.96
C GLU A 48 8.45 -0.26 2.99
N TYR A 49 7.31 0.23 2.50
CA TYR A 49 6.21 0.73 3.34
C TYR A 49 5.62 -0.35 4.28
N ARG A 50 5.47 -1.59 3.81
CA ARG A 50 4.99 -2.68 4.69
C ARG A 50 5.90 -2.90 5.92
N GLU A 51 7.21 -2.64 5.77
CA GLU A 51 8.19 -2.78 6.86
C GLU A 51 7.92 -1.84 8.07
N LYS A 52 7.56 -0.57 7.80
CA LYS A 52 7.28 0.41 8.88
C LYS A 52 6.05 0.02 9.73
N TRP A 53 5.08 -0.61 9.07
CA TRP A 53 3.88 -1.19 9.71
C TRP A 53 4.02 -2.65 10.18
N ASP A 54 5.19 -3.24 9.93
CA ASP A 54 5.53 -4.66 10.22
C ASP A 54 4.54 -5.66 9.58
N LEU A 55 3.99 -5.28 8.43
CA LEU A 55 2.82 -5.93 7.82
C LEU A 55 3.02 -7.40 7.40
N PRO A 56 2.36 -8.34 8.12
CA PRO A 56 2.51 -9.79 7.91
C PRO A 56 2.17 -10.19 6.47
N VAL A 57 2.84 -11.26 6.05
CA VAL A 57 2.80 -11.83 4.68
C VAL A 57 3.11 -10.80 3.57
N ASP A 58 3.83 -9.74 3.95
CA ASP A 58 4.15 -8.54 3.13
C ASP A 58 2.94 -7.92 2.40
N TYR A 59 1.79 -8.01 3.05
CA TYR A 59 0.46 -7.56 2.58
C TYR A 59 0.44 -6.51 1.43
N PRO A 60 -0.16 -6.85 0.29
CA PRO A 60 -0.18 -5.98 -0.90
C PRO A 60 -0.95 -4.66 -0.71
N MET A 61 -0.35 -3.61 -1.24
CA MET A 61 -0.91 -2.23 -1.19
C MET A 61 -1.89 -1.91 -2.34
N VAL A 62 -2.67 -2.91 -2.72
CA VAL A 62 -3.63 -2.81 -3.85
C VAL A 62 -4.86 -3.67 -3.49
N ALA A 63 -6.02 -3.29 -4.03
CA ALA A 63 -7.30 -4.02 -3.86
C ALA A 63 -7.14 -5.57 -3.93
N PRO A 64 -7.91 -6.32 -3.12
CA PRO A 64 -7.66 -7.75 -2.85
C PRO A 64 -7.44 -8.66 -4.08
N ALA A 65 -8.24 -8.45 -5.11
CA ALA A 65 -8.09 -9.14 -6.41
C ALA A 65 -8.07 -8.16 -7.60
N TYR A 66 -7.29 -7.09 -7.46
CA TYR A 66 -7.17 -6.02 -8.48
C TYR A 66 -6.73 -6.56 -9.86
N ALA A 67 -5.45 -6.94 -9.96
CA ALA A 67 -4.81 -7.53 -11.17
C ALA A 67 -3.36 -7.97 -10.91
N GLU A 68 -3.10 -8.47 -9.70
CA GLU A 68 -1.73 -8.71 -9.19
C GLU A 68 -1.76 -9.52 -7.88
N ALA A 69 -0.58 -9.78 -7.31
CA ALA A 69 -0.36 -10.41 -6.00
C ALA A 69 -0.99 -11.81 -5.78
N ARG A 70 -0.91 -12.61 -6.85
CA ARG A 70 -1.43 -13.99 -6.91
C ARG A 70 -0.76 -14.94 -5.90
N SER A 71 -1.50 -15.14 -4.82
CA SER A 71 -1.19 -16.06 -3.69
C SER A 71 0.20 -15.83 -3.08
N ARG A 72 0.23 -14.94 -2.09
CA ARG A 72 1.44 -14.43 -1.41
C ARG A 72 2.46 -13.80 -2.39
N LEU A 73 1.92 -13.24 -3.48
CA LEU A 73 2.66 -12.69 -4.64
C LEU A 73 3.64 -13.69 -5.30
N ALA A 74 3.97 -13.38 -6.55
CA ALA A 74 5.00 -14.09 -7.32
C ALA A 74 5.84 -13.08 -8.12
N LYS A 75 7.06 -12.86 -7.61
CA LYS A 75 8.11 -12.01 -8.22
C LYS A 75 7.57 -10.66 -8.77
N GLU A 76 7.26 -9.76 -7.84
CA GLU A 76 6.66 -8.45 -8.15
C GLU A 76 6.79 -7.39 -7.03
N MET A 77 8.02 -7.20 -6.57
CA MET A 77 8.36 -6.14 -5.59
C MET A 77 8.24 -4.70 -6.12
N GLY A 78 8.18 -4.58 -7.46
CA GLY A 78 8.30 -3.31 -8.19
C GLY A 78 9.74 -2.77 -8.13
N LEU A 79 9.86 -1.49 -8.44
CA LEU A 79 11.11 -0.73 -8.35
C LEU A 79 10.99 0.52 -7.46
N GLY A 80 10.08 1.43 -7.87
CA GLY A 80 9.81 2.70 -7.17
C GLY A 80 11.01 3.67 -7.20
N GLN A 81 11.38 4.07 -8.41
CA GLN A 81 12.51 4.97 -8.67
C GLN A 81 12.16 6.47 -8.54
N ARG A 82 11.55 6.76 -7.40
CA ARG A 82 11.08 8.10 -6.99
C ARG A 82 12.25 8.99 -6.56
N ARG A 83 12.11 10.28 -6.84
CA ARG A 83 13.13 11.28 -6.46
C ARG A 83 12.97 11.83 -5.03
N LYS A 84 11.73 11.90 -4.56
CA LYS A 84 11.31 12.48 -3.27
C LYS A 84 11.77 13.94 -3.10
N ALA A 85 10.99 14.82 -3.71
CA ALA A 85 11.22 16.28 -3.68
C ALA A 85 9.88 17.04 -3.67
N ASN A 86 9.44 17.30 -2.45
CA ASN A 86 8.21 18.07 -2.17
C ASN A 86 8.48 19.03 -1.01
N ARG A 87 7.98 20.26 -1.13
CA ARG A 87 8.16 21.37 -0.15
C ARG A 87 9.54 21.50 0.52
N ALA A 1 -10.61 7.40 15.42
CA ALA A 1 -10.11 8.61 16.14
C ALA A 1 -8.91 8.39 17.09
N VAL A 2 -8.16 7.33 16.84
CA VAL A 2 -7.03 6.92 17.71
C VAL A 2 -5.67 7.40 17.18
N ASN A 3 -5.53 8.73 17.16
CA ASN A 3 -4.32 9.42 16.68
C ASN A 3 -3.15 9.40 17.69
N VAL A 4 -2.73 8.16 17.97
CA VAL A 4 -1.64 7.79 18.89
C VAL A 4 -0.22 8.10 18.36
N GLU A 5 -0.07 9.38 18.02
CA GLU A 5 1.14 10.02 17.44
C GLU A 5 1.59 9.36 16.12
N LYS A 6 0.77 9.62 15.11
CA LYS A 6 0.89 9.18 13.70
C LYS A 6 -0.09 9.98 12.82
N GLN A 7 -1.30 9.44 12.64
CA GLN A 7 -2.45 10.06 11.94
C GLN A 7 -3.70 9.17 12.18
N LYS A 8 -4.01 8.27 11.24
CA LYS A 8 -5.02 7.21 11.48
C LYS A 8 -4.44 5.80 11.30
N PRO A 9 -4.17 5.11 12.42
CA PRO A 9 -3.85 3.68 12.42
C PRO A 9 -5.11 2.85 12.08
N ALA A 10 -5.18 2.48 10.81
CA ALA A 10 -6.26 1.66 10.24
C ALA A 10 -6.15 0.19 10.70
N VAL A 11 -6.19 0.04 12.03
CA VAL A 11 -5.87 -1.17 12.81
C VAL A 11 -4.57 -1.86 12.32
N SER A 12 -4.42 -3.13 12.62
CA SER A 12 -3.39 -3.99 11.98
C SER A 12 -3.86 -4.36 10.56
N VAL A 13 -3.05 -5.14 9.86
CA VAL A 13 -3.41 -5.67 8.53
C VAL A 13 -4.62 -6.65 8.63
N ARG A 14 -4.82 -7.50 7.63
CA ARG A 14 -5.93 -8.47 7.49
C ARG A 14 -7.27 -7.76 7.18
N LYS A 15 -7.53 -6.66 7.90
CA LYS A 15 -8.66 -5.75 7.63
C LYS A 15 -8.38 -4.52 6.74
N SER A 16 -7.16 -4.44 6.20
CA SER A 16 -6.82 -3.49 5.10
C SER A 16 -7.74 -3.63 3.88
N VAL A 17 -8.22 -4.85 3.71
CA VAL A 17 -9.10 -5.32 2.62
C VAL A 17 -10.57 -5.00 2.95
N GLN A 18 -11.13 -4.06 2.20
CA GLN A 18 -12.54 -3.64 2.32
C GLN A 18 -13.31 -3.82 0.99
N ASP A 19 -14.55 -3.30 0.92
CA ASP A 19 -15.43 -3.37 -0.28
C ASP A 19 -14.89 -2.56 -1.49
N ASP A 20 -13.93 -3.15 -2.19
CA ASP A 20 -13.19 -2.52 -3.30
C ASP A 20 -12.58 -1.15 -2.94
N HIS A 21 -11.88 -1.14 -1.80
CA HIS A 21 -11.11 0.00 -1.29
C HIS A 21 -10.16 -0.44 -0.17
N ILE A 22 -8.87 -0.35 -0.47
CA ILE A 22 -7.83 -0.58 0.55
C ILE A 22 -7.61 0.68 1.41
N VAL A 23 -7.68 0.48 2.72
CA VAL A 23 -7.51 1.55 3.72
C VAL A 23 -6.03 1.99 3.89
N CYS A 24 -5.80 3.30 3.78
CA CYS A 24 -4.45 3.84 3.80
C CYS A 24 -3.97 3.85 5.25
N LEU A 25 -3.00 2.98 5.52
CA LEU A 25 -2.25 3.05 6.79
C LEU A 25 -1.61 4.44 6.94
N GLU A 26 -1.71 4.93 8.17
CA GLU A 26 -1.32 6.29 8.59
C GLU A 26 -2.12 7.42 7.89
N CYS A 27 -3.36 7.13 7.46
CA CYS A 27 -4.20 8.13 6.82
C CYS A 27 -5.66 7.80 7.15
N GLY A 28 -6.13 6.61 6.76
CA GLY A 28 -7.53 6.19 7.02
C GLY A 28 -8.41 6.19 5.76
N GLY A 29 -8.19 7.20 4.90
CA GLY A 29 -8.83 7.26 3.57
C GLY A 29 -8.49 6.03 2.71
N SER A 30 -9.47 5.56 1.96
CA SER A 30 -9.31 4.36 1.12
C SER A 30 -9.44 4.68 -0.37
N PHE A 31 -8.48 4.16 -1.14
CA PHE A 31 -8.36 4.45 -2.60
C PHE A 31 -8.02 3.27 -3.53
N LYS A 32 -8.25 2.04 -3.05
CA LYS A 32 -7.90 0.78 -3.76
C LYS A 32 -6.41 0.50 -4.00
N SER A 33 -5.69 1.44 -4.61
CA SER A 33 -4.29 1.24 -5.02
C SER A 33 -3.33 2.03 -4.10
N LEU A 34 -2.95 1.34 -3.02
CA LEU A 34 -2.04 1.86 -1.98
C LEU A 34 -0.69 2.31 -2.56
N LYS A 35 -0.14 1.49 -3.45
CA LYS A 35 1.17 1.74 -4.12
C LYS A 35 1.34 3.16 -4.67
N ARG A 36 0.27 3.68 -5.29
CA ARG A 36 0.26 5.04 -5.87
C ARG A 36 0.35 6.11 -4.76
N HIS A 37 -0.73 6.25 -3.97
CA HIS A 37 -0.84 7.16 -2.85
C HIS A 37 0.43 7.08 -2.00
N LEU A 38 0.90 5.86 -1.76
CA LEU A 38 2.13 5.58 -1.00
C LEU A 38 3.29 6.41 -1.55
N THR A 39 3.80 6.05 -2.73
CA THR A 39 4.91 6.76 -3.42
C THR A 39 4.64 8.27 -3.65
N THR A 40 3.37 8.64 -3.82
CA THR A 40 2.90 10.04 -3.93
C THR A 40 3.03 10.88 -2.62
N HIS A 41 2.33 10.45 -1.57
CA HIS A 41 2.20 11.21 -0.30
C HIS A 41 3.26 10.86 0.75
N HIS A 42 3.10 9.71 1.40
CA HIS A 42 4.12 9.10 2.25
C HIS A 42 5.40 8.92 1.44
N SER A 43 5.37 8.87 0.11
CA SER A 43 6.54 8.62 -0.77
C SER A 43 7.10 7.19 -0.54
N MET A 44 8.27 6.90 -1.12
CA MET A 44 9.01 5.61 -0.99
C MET A 44 8.32 4.42 -1.68
N THR A 45 9.10 3.36 -1.85
CA THR A 45 8.64 2.07 -2.43
C THR A 45 7.60 1.38 -1.53
N PRO A 46 6.61 0.70 -2.12
CA PRO A 46 5.52 0.03 -1.36
C PRO A 46 6.02 -0.97 -0.31
N GLU A 47 6.95 -1.84 -0.70
CA GLU A 47 7.61 -2.79 0.24
C GLU A 47 8.37 -2.14 1.41
N GLU A 48 9.00 -0.98 1.18
CA GLU A 48 9.66 -0.22 2.27
C GLU A 48 8.64 0.19 3.36
N TYR A 49 7.47 0.62 2.91
CA TYR A 49 6.36 1.01 3.80
C TYR A 49 5.83 -0.13 4.70
N ARG A 50 5.89 -1.37 4.21
CA ARG A 50 5.51 -2.53 5.05
C ARG A 50 6.39 -2.65 6.30
N GLU A 51 7.65 -2.24 6.20
CA GLU A 51 8.58 -2.17 7.35
C GLU A 51 8.14 -1.15 8.41
N LYS A 52 7.65 0.01 7.96
CA LYS A 52 7.09 1.07 8.84
C LYS A 52 5.98 0.50 9.76
N TRP A 53 4.93 -0.02 9.12
CA TRP A 53 3.84 -0.70 9.83
C TRP A 53 4.15 -2.13 10.32
N ASP A 54 5.40 -2.57 10.14
CA ASP A 54 5.85 -3.96 10.32
C ASP A 54 4.83 -5.06 9.90
N LEU A 55 4.20 -4.76 8.78
CA LEU A 55 3.03 -5.46 8.23
C LEU A 55 3.38 -6.81 7.56
N PRO A 56 3.00 -7.92 8.22
CA PRO A 56 3.40 -9.28 7.82
C PRO A 56 3.03 -9.64 6.38
N VAL A 57 3.92 -10.45 5.80
CA VAL A 57 3.93 -10.92 4.41
C VAL A 57 3.89 -9.83 3.32
N ASP A 58 4.17 -8.57 3.70
CA ASP A 58 4.12 -7.39 2.81
C ASP A 58 2.83 -7.35 1.96
N TYR A 59 1.74 -7.06 2.67
CA TYR A 59 0.37 -7.03 2.13
C TYR A 59 0.25 -6.36 0.74
N PRO A 60 -0.63 -6.84 -0.13
CA PRO A 60 -0.79 -6.29 -1.49
C PRO A 60 -1.18 -4.81 -1.45
N MET A 61 -0.46 -4.05 -2.28
CA MET A 61 -0.59 -2.58 -2.32
C MET A 61 -1.53 -2.11 -3.45
N VAL A 62 -2.49 -2.97 -3.77
CA VAL A 62 -3.43 -2.80 -4.90
C VAL A 62 -4.84 -3.18 -4.38
N ALA A 63 -5.85 -3.00 -5.21
CA ALA A 63 -7.27 -3.28 -4.88
C ALA A 63 -7.44 -4.64 -4.15
N PRO A 64 -8.30 -4.69 -3.13
CA PRO A 64 -8.48 -5.89 -2.27
C PRO A 64 -8.70 -7.23 -3.00
N ALA A 65 -9.34 -7.18 -4.17
CA ALA A 65 -9.50 -8.38 -5.02
C ALA A 65 -8.85 -8.31 -6.43
N TYR A 66 -7.93 -7.37 -6.64
CA TYR A 66 -7.39 -7.00 -7.98
C TYR A 66 -6.95 -8.19 -8.86
N ALA A 67 -5.70 -8.61 -8.77
CA ALA A 67 -5.20 -9.83 -9.45
C ALA A 67 -5.63 -11.07 -8.63
N GLU A 68 -6.93 -11.30 -8.72
CA GLU A 68 -7.70 -12.39 -8.07
C GLU A 68 -7.39 -12.58 -6.58
N ALA A 69 -7.31 -11.44 -5.88
CA ALA A 69 -6.92 -11.30 -4.46
C ALA A 69 -5.65 -12.08 -4.02
N ARG A 70 -4.70 -12.20 -4.95
CA ARG A 70 -3.46 -12.98 -4.73
C ARG A 70 -2.13 -12.18 -4.76
N SER A 71 -2.07 -11.07 -4.04
CA SER A 71 -0.87 -10.20 -3.95
C SER A 71 -0.13 -9.91 -5.28
N ARG A 72 -0.94 -9.54 -6.27
CA ARG A 72 -0.54 -9.31 -7.68
C ARG A 72 0.11 -10.54 -8.37
N LEU A 73 -0.25 -11.73 -7.89
CA LEU A 73 0.27 -13.04 -8.32
C LEU A 73 1.77 -13.17 -8.02
N ALA A 74 2.59 -12.59 -8.92
CA ALA A 74 4.05 -12.56 -8.77
C ALA A 74 4.44 -11.28 -8.02
N LYS A 75 4.47 -11.42 -6.69
CA LYS A 75 4.95 -10.37 -5.77
C LYS A 75 6.46 -10.07 -5.93
N GLU A 76 6.73 -9.46 -7.08
CA GLU A 76 8.06 -9.02 -7.56
C GLU A 76 8.57 -7.77 -6.81
N MET A 77 8.41 -7.78 -5.49
CA MET A 77 8.84 -6.73 -4.53
C MET A 77 8.40 -5.29 -4.87
N GLY A 78 7.27 -5.18 -5.59
CA GLY A 78 6.75 -3.92 -6.15
C GLY A 78 7.65 -3.23 -7.21
N LEU A 79 8.37 -4.03 -7.99
CA LEU A 79 9.25 -3.55 -9.08
C LEU A 79 8.53 -2.86 -10.25
N GLY A 80 9.18 -1.79 -10.73
CA GLY A 80 8.74 -1.01 -11.91
C GLY A 80 9.10 -1.70 -13.24
N GLN A 81 8.47 -2.85 -13.45
CA GLN A 81 8.74 -3.72 -14.62
C GLN A 81 7.57 -3.70 -15.61
N ARG A 82 7.72 -2.83 -16.60
CA ARG A 82 6.76 -2.65 -17.71
C ARG A 82 7.49 -1.96 -18.87
N ARG A 83 7.87 -2.77 -19.86
CA ARG A 83 8.62 -2.36 -21.08
C ARG A 83 9.71 -1.28 -20.89
N LYS A 84 10.91 -1.75 -20.55
CA LYS A 84 12.11 -0.91 -20.25
C LYS A 84 11.85 0.17 -19.17
N ALA A 85 11.22 -0.28 -18.08
CA ALA A 85 10.81 0.53 -16.91
C ALA A 85 9.96 1.75 -17.29
N ASN A 86 8.67 1.45 -17.46
CA ASN A 86 7.58 2.32 -17.96
C ASN A 86 7.87 2.92 -19.35
N ARG A 87 6.91 3.69 -19.85
CA ARG A 87 6.95 4.33 -21.19
C ARG A 87 5.84 5.38 -21.40
N ALA A 1 5.23 14.48 19.92
CA ALA A 1 5.61 13.09 20.28
C ALA A 1 6.10 12.23 19.09
N VAL A 2 5.20 11.89 18.16
CA VAL A 2 5.54 11.15 16.93
C VAL A 2 5.19 12.02 15.70
N ASN A 3 3.89 12.23 15.48
CA ASN A 3 3.33 13.14 14.45
C ASN A 3 3.89 12.95 13.02
N VAL A 4 3.99 11.67 12.63
CA VAL A 4 4.61 11.19 11.38
C VAL A 4 3.78 11.44 10.08
N GLU A 5 3.45 12.72 9.89
CA GLU A 5 2.62 13.31 8.81
C GLU A 5 1.15 12.85 8.91
N LYS A 6 0.42 13.56 9.78
CA LYS A 6 -0.96 13.22 10.19
C LYS A 6 -1.14 11.73 10.53
N GLN A 7 -0.55 11.37 11.67
CA GLN A 7 -0.47 9.97 12.17
C GLN A 7 -1.84 9.36 12.51
N LYS A 8 -2.43 8.75 11.49
CA LYS A 8 -3.74 8.09 11.60
C LYS A 8 -3.67 6.58 11.37
N PRO A 9 -3.59 5.79 12.46
CA PRO A 9 -3.58 4.32 12.39
C PRO A 9 -4.94 3.77 11.92
N ALA A 10 -4.91 3.24 10.70
CA ALA A 10 -6.09 2.64 10.04
C ALA A 10 -6.44 1.23 10.58
N VAL A 11 -6.57 1.20 11.91
CA VAL A 11 -6.75 -0.01 12.74
C VAL A 11 -5.52 -0.96 12.53
N SER A 12 -5.56 -2.14 13.13
CA SER A 12 -4.52 -3.19 12.97
C SER A 12 -4.90 -4.10 11.79
N VAL A 13 -3.88 -4.39 10.97
CA VAL A 13 -3.95 -5.21 9.74
C VAL A 13 -5.28 -5.96 9.49
N ARG A 14 -5.38 -7.20 9.98
CA ARG A 14 -6.54 -8.11 9.79
C ARG A 14 -7.30 -7.96 8.45
N LYS A 15 -8.31 -7.09 8.43
CA LYS A 15 -9.05 -6.76 7.19
C LYS A 15 -8.76 -5.34 6.65
N SER A 16 -7.48 -5.12 6.33
CA SER A 16 -7.02 -3.94 5.55
C SER A 16 -7.72 -3.87 4.17
N VAL A 17 -8.01 -5.05 3.64
CA VAL A 17 -8.89 -5.31 2.48
C VAL A 17 -10.36 -5.18 2.89
N GLN A 18 -11.02 -4.23 2.25
CA GLN A 18 -12.47 -3.99 2.44
C GLN A 18 -13.21 -4.07 1.08
N ASP A 19 -14.44 -3.56 1.00
CA ASP A 19 -15.28 -3.62 -0.23
C ASP A 19 -14.72 -2.79 -1.42
N ASP A 20 -13.75 -3.39 -2.10
CA ASP A 20 -12.97 -2.77 -3.20
C ASP A 20 -12.24 -1.45 -2.83
N HIS A 21 -11.86 -1.39 -1.56
CA HIS A 21 -11.09 -0.27 -0.98
C HIS A 21 -10.14 -0.78 0.11
N ILE A 22 -8.89 -0.37 -0.06
CA ILE A 22 -7.76 -0.69 0.83
C ILE A 22 -7.43 0.56 1.66
N VAL A 23 -7.35 0.32 2.97
CA VAL A 23 -7.20 1.40 3.97
C VAL A 23 -5.76 1.92 4.10
N CYS A 24 -5.61 3.24 4.01
CA CYS A 24 -4.31 3.90 3.98
C CYS A 24 -3.76 3.91 5.42
N LEU A 25 -2.79 3.06 5.69
CA LEU A 25 -2.09 3.14 6.99
C LEU A 25 -1.33 4.48 7.11
N GLU A 26 -1.39 5.04 8.31
CA GLU A 26 -0.85 6.37 8.68
C GLU A 26 -1.63 7.56 8.08
N CYS A 27 -2.79 7.30 7.46
CA CYS A 27 -3.54 8.33 6.75
C CYS A 27 -5.01 8.22 7.17
N GLY A 28 -5.61 7.03 6.97
CA GLY A 28 -7.02 6.78 7.33
C GLY A 28 -7.89 6.58 6.09
N GLY A 29 -7.82 7.56 5.17
CA GLY A 29 -8.60 7.56 3.90
C GLY A 29 -8.36 6.28 3.08
N SER A 30 -9.45 5.74 2.55
CA SER A 30 -9.43 4.43 1.87
C SER A 30 -9.70 4.59 0.37
N PHE A 31 -9.09 3.71 -0.42
CA PHE A 31 -9.07 3.77 -1.90
C PHE A 31 -8.75 2.44 -2.59
N LYS A 32 -9.01 2.36 -3.88
CA LYS A 32 -8.67 1.17 -4.69
C LYS A 32 -7.17 0.86 -4.83
N SER A 33 -6.34 1.89 -4.97
CA SER A 33 -4.88 1.71 -5.14
C SER A 33 -4.07 2.43 -4.05
N LEU A 34 -3.13 1.69 -3.48
CA LEU A 34 -2.21 2.20 -2.45
C LEU A 34 -0.81 2.53 -2.99
N LYS A 35 -0.28 1.73 -3.92
CA LYS A 35 1.05 1.95 -4.54
C LYS A 35 1.26 3.34 -5.15
N ARG A 36 0.17 3.89 -5.69
CA ARG A 36 0.05 5.31 -6.11
C ARG A 36 0.20 6.25 -4.90
N HIS A 37 -0.89 6.39 -4.14
CA HIS A 37 -1.08 7.31 -3.03
C HIS A 37 0.12 7.21 -2.07
N LEU A 38 0.53 5.99 -1.74
CA LEU A 38 1.67 5.73 -0.86
C LEU A 38 2.92 6.46 -1.36
N THR A 39 3.47 6.00 -2.48
CA THR A 39 4.64 6.61 -3.17
C THR A 39 4.46 8.11 -3.50
N THR A 40 3.22 8.53 -3.75
CA THR A 40 2.84 9.96 -3.93
C THR A 40 3.00 10.82 -2.66
N HIS A 41 2.22 10.51 -1.62
CA HIS A 41 2.12 11.30 -0.39
C HIS A 41 3.19 10.95 0.66
N HIS A 42 2.97 9.85 1.38
CA HIS A 42 3.95 9.23 2.26
C HIS A 42 5.23 8.94 1.49
N SER A 43 5.21 8.78 0.17
CA SER A 43 6.37 8.42 -0.68
C SER A 43 6.84 6.97 -0.38
N MET A 44 8.04 6.62 -0.83
CA MET A 44 8.70 5.31 -0.64
C MET A 44 8.05 4.15 -1.43
N THR A 45 8.83 3.09 -1.63
CA THR A 45 8.38 1.85 -2.30
C THR A 45 7.36 1.08 -1.42
N PRO A 46 6.39 0.38 -2.05
CA PRO A 46 5.40 -0.44 -1.34
C PRO A 46 6.01 -1.49 -0.38
N GLU A 47 7.05 -2.17 -0.85
CA GLU A 47 7.82 -3.12 -0.03
C GLU A 47 8.53 -2.50 1.19
N GLU A 48 9.15 -1.33 1.02
CA GLU A 48 9.78 -0.64 2.16
C GLU A 48 8.73 -0.13 3.17
N TYR A 49 7.60 0.36 2.65
CA TYR A 49 6.45 0.77 3.46
C TYR A 49 5.86 -0.36 4.33
N ARG A 50 5.81 -1.58 3.81
CA ARG A 50 5.34 -2.74 4.60
C ARG A 50 6.17 -2.91 5.89
N GLU A 51 7.47 -2.65 5.81
CA GLU A 51 8.40 -2.72 6.96
C GLU A 51 8.07 -1.67 8.04
N LYS A 52 7.65 -0.47 7.64
CA LYS A 52 7.19 0.61 8.54
C LYS A 52 6.09 0.14 9.51
N TRP A 53 5.06 -0.50 8.94
CA TRP A 53 3.95 -1.08 9.72
C TRP A 53 4.14 -2.56 10.09
N ASP A 54 5.35 -3.09 9.88
CA ASP A 54 5.74 -4.51 10.10
C ASP A 54 4.79 -5.52 9.42
N LEU A 55 4.19 -5.08 8.33
CA LEU A 55 3.02 -5.71 7.67
C LEU A 55 3.28 -7.10 7.06
N PRO A 56 2.65 -8.14 7.64
CA PRO A 56 2.88 -9.55 7.24
C PRO A 56 2.62 -9.81 5.74
N VAL A 57 3.43 -10.73 5.23
CA VAL A 57 3.47 -11.20 3.82
C VAL A 57 3.60 -10.06 2.76
N ASP A 58 4.20 -8.94 3.18
CA ASP A 58 4.32 -7.71 2.37
C ASP A 58 3.01 -7.33 1.65
N TYR A 59 1.99 -7.12 2.48
CA TYR A 59 0.60 -6.79 2.09
C TYR A 59 0.49 -6.03 0.75
N PRO A 60 -0.43 -6.42 -0.14
CA PRO A 60 -0.59 -5.77 -1.46
C PRO A 60 -0.94 -4.28 -1.32
N MET A 61 -0.36 -3.50 -2.22
CA MET A 61 -0.68 -2.06 -2.35
C MET A 61 -1.60 -1.76 -3.56
N VAL A 62 -2.48 -2.71 -3.85
CA VAL A 62 -3.42 -2.63 -4.99
C VAL A 62 -4.78 -3.19 -4.50
N ALA A 63 -5.82 -2.97 -5.31
CA ALA A 63 -7.21 -3.39 -5.02
C ALA A 63 -7.30 -4.84 -4.51
N PRO A 64 -8.22 -5.12 -3.56
CA PRO A 64 -8.32 -6.40 -2.84
C PRO A 64 -8.16 -7.68 -3.68
N ALA A 65 -8.83 -7.72 -4.84
CA ALA A 65 -8.69 -8.81 -5.81
C ALA A 65 -8.32 -8.34 -7.24
N TYR A 66 -7.44 -7.33 -7.33
CA TYR A 66 -6.99 -6.74 -8.61
C TYR A 66 -6.49 -7.79 -9.63
N ALA A 67 -5.51 -8.57 -9.18
CA ALA A 67 -4.91 -9.71 -9.89
C ALA A 67 -4.02 -10.48 -8.89
N GLU A 68 -4.72 -11.01 -7.89
CA GLU A 68 -4.12 -11.71 -6.73
C GLU A 68 -5.18 -12.45 -5.90
N ALA A 69 -4.70 -13.20 -4.91
CA ALA A 69 -5.51 -13.93 -3.90
C ALA A 69 -6.45 -14.97 -4.55
N ARG A 70 -5.80 -15.84 -5.33
CA ARG A 70 -6.44 -16.89 -6.13
C ARG A 70 -5.41 -18.01 -6.42
N SER A 71 -4.75 -17.92 -7.57
CA SER A 71 -3.77 -18.92 -8.02
C SER A 71 -2.35 -18.45 -7.64
N ARG A 72 -1.84 -19.16 -6.64
CA ARG A 72 -0.51 -18.94 -6.01
C ARG A 72 -0.33 -17.53 -5.41
N LEU A 73 -1.47 -16.96 -4.97
CA LEU A 73 -1.61 -15.58 -4.47
C LEU A 73 -1.23 -14.53 -5.53
N ALA A 74 0.08 -14.34 -5.73
CA ALA A 74 0.75 -13.41 -6.68
C ALA A 74 2.24 -13.29 -6.34
N LYS A 75 2.55 -12.47 -5.32
CA LYS A 75 3.93 -12.11 -4.88
C LYS A 75 4.79 -11.53 -6.00
N GLU A 76 6.04 -11.19 -5.64
CA GLU A 76 7.11 -10.66 -6.53
C GLU A 76 6.74 -9.28 -7.10
N MET A 77 7.57 -8.30 -6.74
CA MET A 77 7.32 -6.86 -6.99
C MET A 77 6.94 -6.50 -8.44
N GLY A 78 7.62 -7.11 -9.41
CA GLY A 78 7.34 -6.95 -10.85
C GLY A 78 7.69 -5.58 -11.44
N LEU A 79 6.94 -4.58 -10.97
CA LEU A 79 6.94 -3.18 -11.43
C LEU A 79 6.53 -3.04 -12.91
N GLY A 80 5.21 -2.89 -13.07
CA GLY A 80 4.53 -2.81 -14.39
C GLY A 80 5.18 -1.80 -15.36
N GLN A 81 5.15 -0.54 -14.96
CA GLN A 81 5.78 0.57 -15.69
C GLN A 81 6.35 1.58 -14.68
N ARG A 82 7.52 2.11 -15.00
CA ARG A 82 8.14 3.22 -14.24
C ARG A 82 8.72 4.26 -15.21
N ARG A 83 7.91 5.30 -15.41
CA ARG A 83 8.18 6.42 -16.34
C ARG A 83 7.07 7.49 -16.22
N LYS A 84 5.82 7.06 -16.45
CA LYS A 84 4.62 7.91 -16.58
C LYS A 84 4.81 9.11 -17.54
N ALA A 85 3.92 10.09 -17.47
CA ALA A 85 3.91 11.31 -18.32
C ALA A 85 2.82 12.28 -17.82
N ASN A 86 2.80 13.46 -18.42
CA ASN A 86 1.69 14.43 -18.28
C ASN A 86 0.40 13.78 -18.80
N ARG A 87 -0.43 13.41 -17.82
CA ARG A 87 -1.71 12.68 -18.03
C ARG A 87 -1.59 11.37 -18.85
N ALA A 1 1.73 18.95 2.90
CA ALA A 1 0.43 18.98 3.63
C ALA A 1 -0.18 17.60 4.01
N VAL A 2 0.69 16.59 4.10
CA VAL A 2 0.28 15.19 4.37
C VAL A 2 0.97 14.68 5.65
N ASN A 3 2.23 14.27 5.51
CA ASN A 3 3.10 13.80 6.61
C ASN A 3 3.60 14.87 7.60
N VAL A 4 2.80 15.93 7.74
CA VAL A 4 3.11 17.07 8.61
C VAL A 4 2.00 17.26 9.67
N GLU A 5 2.13 16.43 10.70
CA GLU A 5 1.24 16.38 11.89
C GLU A 5 -0.26 16.25 11.51
N LYS A 6 -0.64 15.01 11.14
CA LYS A 6 -2.00 14.67 10.67
C LYS A 6 -2.19 13.16 10.45
N GLN A 7 -1.20 12.52 9.86
CA GLN A 7 -1.05 11.04 9.72
C GLN A 7 -1.66 10.22 10.88
N LYS A 8 -2.74 9.49 10.59
CA LYS A 8 -3.41 8.63 11.59
C LYS A 8 -3.52 7.13 11.22
N PRO A 9 -3.45 6.23 12.21
CA PRO A 9 -3.59 4.77 11.98
C PRO A 9 -4.97 4.41 11.40
N ALA A 10 -4.97 3.40 10.56
CA ALA A 10 -6.19 2.92 9.88
C ALA A 10 -6.38 1.42 10.15
N VAL A 11 -6.91 1.18 11.35
CA VAL A 11 -7.01 -0.14 12.04
C VAL A 11 -5.65 -0.85 12.22
N SER A 12 -5.61 -1.74 13.20
CA SER A 12 -4.49 -2.68 13.36
C SER A 12 -4.59 -3.77 12.28
N VAL A 13 -3.45 -4.40 11.99
CA VAL A 13 -3.37 -5.53 11.04
C VAL A 13 -4.38 -6.65 11.36
N ARG A 14 -5.35 -6.72 10.45
CA ARG A 14 -6.49 -7.67 10.42
C ARG A 14 -7.21 -7.56 9.08
N LYS A 15 -7.75 -6.37 8.80
CA LYS A 15 -8.35 -6.00 7.52
C LYS A 15 -7.61 -4.78 6.94
N SER A 16 -6.52 -5.07 6.24
CA SER A 16 -5.88 -4.09 5.33
C SER A 16 -6.73 -3.89 4.07
N VAL A 17 -7.38 -4.99 3.69
CA VAL A 17 -8.35 -5.15 2.61
C VAL A 17 -9.77 -5.04 3.20
N GLN A 18 -10.59 -4.23 2.54
CA GLN A 18 -12.03 -4.10 2.83
C GLN A 18 -12.84 -4.39 1.54
N ASP A 19 -14.12 -4.01 1.52
CA ASP A 19 -15.04 -4.13 0.37
C ASP A 19 -14.64 -3.26 -0.84
N ASP A 20 -13.66 -3.75 -1.61
CA ASP A 20 -13.04 -3.06 -2.76
C ASP A 20 -12.45 -1.66 -2.47
N HIS A 21 -12.06 -1.48 -1.22
CA HIS A 21 -11.37 -0.28 -0.73
C HIS A 21 -10.31 -0.71 0.29
N ILE A 22 -9.09 -0.25 0.04
CA ILE A 22 -7.91 -0.53 0.86
C ILE A 22 -7.56 0.72 1.67
N VAL A 23 -7.41 0.50 2.96
CA VAL A 23 -7.31 1.59 3.95
C VAL A 23 -5.84 2.03 4.15
N CYS A 24 -5.63 3.34 4.01
CA CYS A 24 -4.30 3.91 4.03
C CYS A 24 -3.81 3.98 5.48
N LEU A 25 -2.98 3.01 5.85
CA LEU A 25 -2.26 3.04 7.14
C LEU A 25 -1.36 4.28 7.19
N GLU A 26 -1.39 4.94 8.35
CA GLU A 26 -0.73 6.23 8.63
C GLU A 26 -1.33 7.42 7.85
N CYS A 27 -2.60 7.31 7.44
CA CYS A 27 -3.26 8.38 6.72
C CYS A 27 -4.73 8.40 7.14
N GLY A 28 -5.43 7.28 6.94
CA GLY A 28 -6.86 7.15 7.29
C GLY A 28 -7.75 6.94 6.06
N GLY A 29 -7.53 7.78 5.05
CA GLY A 29 -8.27 7.74 3.77
C GLY A 29 -8.23 6.36 3.10
N SER A 30 -9.36 6.00 2.49
CA SER A 30 -9.52 4.68 1.83
C SER A 30 -9.87 4.85 0.35
N PHE A 31 -9.40 3.89 -0.45
CA PHE A 31 -9.46 3.90 -1.93
C PHE A 31 -9.13 2.53 -2.53
N LYS A 32 -9.35 2.38 -3.83
CA LYS A 32 -9.02 1.14 -4.56
C LYS A 32 -7.51 0.98 -4.90
N SER A 33 -6.72 2.01 -4.63
CA SER A 33 -5.27 2.03 -4.94
C SER A 33 -4.39 2.79 -3.92
N LEU A 34 -3.90 2.03 -2.95
CA LEU A 34 -2.95 2.53 -1.95
C LEU A 34 -1.54 2.75 -2.53
N LYS A 35 -1.08 1.87 -3.43
CA LYS A 35 0.27 1.97 -4.04
C LYS A 35 0.66 3.37 -4.52
N ARG A 36 -0.10 3.88 -5.50
CA ARG A 36 0.13 5.21 -6.11
C ARG A 36 0.15 6.32 -5.05
N HIS A 37 -0.94 6.42 -4.29
CA HIS A 37 -1.10 7.33 -3.16
C HIS A 37 0.12 7.24 -2.24
N LEU A 38 0.49 6.02 -1.88
CA LEU A 38 1.63 5.71 -0.99
C LEU A 38 2.89 6.41 -1.52
N THR A 39 3.36 5.99 -2.69
CA THR A 39 4.55 6.54 -3.38
C THR A 39 4.46 8.05 -3.66
N THR A 40 3.26 8.56 -3.91
CA THR A 40 2.97 10.02 -4.07
C THR A 40 3.08 10.85 -2.77
N HIS A 41 2.42 10.40 -1.71
CA HIS A 41 2.28 11.16 -0.46
C HIS A 41 3.32 10.80 0.63
N HIS A 42 3.10 9.66 1.28
CA HIS A 42 4.08 9.01 2.15
C HIS A 42 5.34 8.70 1.35
N SER A 43 5.29 8.60 0.01
CA SER A 43 6.44 8.24 -0.87
C SER A 43 6.87 6.78 -0.63
N MET A 44 8.05 6.39 -1.12
CA MET A 44 8.69 5.07 -0.90
C MET A 44 8.04 3.89 -1.64
N THR A 45 8.82 2.82 -1.77
CA THR A 45 8.39 1.56 -2.43
C THR A 45 7.34 0.78 -1.59
N PRO A 46 6.46 0.02 -2.25
CA PRO A 46 5.45 -0.82 -1.57
C PRO A 46 5.99 -1.72 -0.44
N GLU A 47 6.98 -2.55 -0.75
CA GLU A 47 7.66 -3.37 0.29
C GLU A 47 8.35 -2.60 1.43
N GLU A 48 8.93 -1.44 1.15
CA GLU A 48 9.56 -0.62 2.21
C GLU A 48 8.53 -0.16 3.25
N TYR A 49 7.38 0.32 2.77
CA TYR A 49 6.24 0.69 3.64
C TYR A 49 5.69 -0.49 4.46
N ARG A 50 5.59 -1.67 3.85
CA ARG A 50 5.09 -2.86 4.58
C ARG A 50 5.94 -3.15 5.83
N GLU A 51 7.25 -2.87 5.75
CA GLU A 51 8.19 -2.99 6.89
C GLU A 51 7.89 -1.97 8.02
N LYS A 52 7.52 -0.74 7.66
CA LYS A 52 7.10 0.31 8.61
C LYS A 52 5.96 -0.17 9.53
N TRP A 53 4.88 -0.66 8.91
CA TRP A 53 3.75 -1.27 9.63
C TRP A 53 3.92 -2.76 9.96
N ASP A 54 5.12 -3.30 9.71
CA ASP A 54 5.44 -4.75 9.76
C ASP A 54 4.33 -5.72 9.32
N LEU A 55 3.70 -5.31 8.22
CA LEU A 55 2.50 -5.94 7.63
C LEU A 55 2.79 -7.31 6.98
N PRO A 56 2.27 -8.39 7.59
CA PRO A 56 2.48 -9.78 7.12
C PRO A 56 2.04 -10.00 5.66
N VAL A 57 2.75 -10.94 5.04
CA VAL A 57 2.69 -11.31 3.61
C VAL A 57 2.85 -10.12 2.62
N ASP A 58 3.43 -9.02 3.11
CA ASP A 58 3.64 -7.77 2.34
C ASP A 58 2.39 -7.34 1.53
N TYR A 59 1.28 -7.24 2.26
CA TYR A 59 -0.08 -7.02 1.73
C TYR A 59 -0.15 -6.17 0.43
N PRO A 60 -0.94 -6.62 -0.56
CA PRO A 60 -1.09 -5.90 -1.83
C PRO A 60 -1.66 -4.49 -1.60
N MET A 61 -0.93 -3.53 -2.13
CA MET A 61 -1.31 -2.11 -2.10
C MET A 61 -2.44 -1.68 -3.06
N VAL A 62 -2.82 -2.55 -3.97
CA VAL A 62 -3.87 -2.24 -4.97
C VAL A 62 -5.17 -2.96 -4.55
N ALA A 63 -6.21 -2.87 -5.37
CA ALA A 63 -7.49 -3.60 -5.17
C ALA A 63 -7.31 -5.02 -4.61
N PRO A 64 -8.23 -5.46 -3.72
CA PRO A 64 -8.20 -6.80 -3.10
C PRO A 64 -8.01 -7.98 -4.07
N ALA A 65 -8.56 -7.85 -5.28
CA ALA A 65 -8.38 -8.84 -6.36
C ALA A 65 -7.88 -8.24 -7.70
N TYR A 66 -6.99 -7.25 -7.61
CA TYR A 66 -6.41 -6.57 -8.80
C TYR A 66 -5.62 -7.49 -9.74
N ALA A 67 -4.59 -8.12 -9.15
CA ALA A 67 -3.58 -8.98 -9.81
C ALA A 67 -2.66 -9.57 -8.73
N GLU A 68 -2.06 -10.71 -9.03
CA GLU A 68 -1.20 -11.50 -8.11
C GLU A 68 -1.97 -12.04 -6.89
N ALA A 69 -1.25 -12.35 -5.80
CA ALA A 69 -1.78 -12.93 -4.54
C ALA A 69 -2.72 -14.13 -4.75
N ARG A 70 -2.09 -15.23 -5.16
CA ARG A 70 -2.78 -16.49 -5.51
C ARG A 70 -2.12 -17.68 -4.76
N SER A 71 -2.01 -18.84 -5.41
CA SER A 71 -1.35 -20.05 -4.85
C SER A 71 0.07 -19.72 -4.37
N ARG A 72 0.43 -20.32 -3.23
CA ARG A 72 1.62 -20.01 -2.41
C ARG A 72 1.65 -18.62 -1.73
N LEU A 73 0.78 -17.70 -2.15
CA LEU A 73 0.77 -16.26 -1.79
C LEU A 73 2.13 -15.58 -1.99
N ALA A 74 2.41 -15.42 -3.28
CA ALA A 74 3.70 -14.93 -3.81
C ALA A 74 3.51 -13.84 -4.89
N LYS A 75 4.65 -13.41 -5.44
CA LYS A 75 4.81 -12.34 -6.46
C LYS A 75 4.46 -10.94 -5.91
N GLU A 76 4.21 -9.97 -6.79
CA GLU A 76 3.86 -8.57 -6.46
C GLU A 76 4.96 -7.82 -5.69
N MET A 77 6.15 -7.85 -6.29
CA MET A 77 7.37 -7.19 -5.77
C MET A 77 7.38 -5.66 -5.99
N GLY A 78 8.33 -5.01 -5.31
CA GLY A 78 8.49 -3.54 -5.34
C GLY A 78 9.94 -3.11 -5.06
N LEU A 79 10.66 -2.88 -6.15
CA LEU A 79 12.05 -2.40 -6.15
C LEU A 79 12.22 -1.02 -6.81
N GLY A 80 11.97 -0.96 -8.14
CA GLY A 80 12.11 0.26 -8.95
C GLY A 80 13.58 0.71 -9.05
N GLN A 81 14.28 0.07 -9.97
CA GLN A 81 15.74 0.23 -10.11
C GLN A 81 16.07 0.98 -11.41
N ARG A 82 16.15 2.29 -11.23
CA ARG A 82 16.39 3.27 -12.31
C ARG A 82 16.94 4.57 -11.71
N ARG A 83 17.82 5.23 -12.47
CA ARG A 83 18.41 6.54 -12.09
C ARG A 83 18.93 7.28 -13.33
N LYS A 84 18.99 8.60 -13.22
CA LYS A 84 19.56 9.48 -14.26
C LYS A 84 19.92 10.85 -13.67
N ALA A 85 21.01 11.41 -14.17
CA ALA A 85 21.52 12.73 -13.76
C ALA A 85 21.73 13.63 -14.99
N ASN A 86 21.19 14.83 -14.89
CA ASN A 86 21.21 15.86 -15.96
C ASN A 86 20.67 17.20 -15.41
N ARG A 87 21.08 18.29 -16.05
CA ARG A 87 20.53 19.63 -15.75
C ARG A 87 19.01 19.71 -15.96
N ALA A 1 3.27 20.30 10.01
CA ALA A 1 2.92 19.38 11.12
C ALA A 1 2.88 17.86 10.78
N VAL A 2 3.85 17.45 9.98
CA VAL A 2 3.98 16.06 9.46
C VAL A 2 4.31 15.11 10.63
N ASN A 3 3.30 14.32 11.00
CA ASN A 3 3.35 13.30 12.08
C ASN A 3 3.88 13.86 13.42
N VAL A 4 3.23 14.94 13.87
CA VAL A 4 3.55 15.63 15.14
C VAL A 4 3.13 14.84 16.40
N GLU A 5 3.76 13.67 16.51
CA GLU A 5 3.64 12.67 17.60
C GLU A 5 2.18 12.24 17.86
N LYS A 6 1.65 11.53 16.87
CA LYS A 6 0.24 11.04 16.80
C LYS A 6 0.05 10.00 15.69
N GLN A 7 0.17 10.46 14.44
CA GLN A 7 -0.06 9.69 13.19
C GLN A 7 -1.54 9.25 13.06
N LYS A 8 -1.97 8.95 11.84
CA LYS A 8 -3.35 8.47 11.60
C LYS A 8 -3.47 7.00 11.18
N PRO A 9 -3.54 6.08 12.16
CA PRO A 9 -3.67 4.64 11.90
C PRO A 9 -5.04 4.31 11.28
N ALA A 10 -5.01 3.33 10.39
CA ALA A 10 -6.24 2.83 9.73
C ALA A 10 -6.36 1.32 9.92
N VAL A 11 -6.79 0.98 11.13
CA VAL A 11 -6.90 -0.40 11.64
C VAL A 11 -5.49 -1.07 11.58
N SER A 12 -5.45 -2.39 11.59
CA SER A 12 -4.24 -3.22 11.39
C SER A 12 -4.46 -4.16 10.20
N VAL A 13 -3.37 -4.66 9.63
CA VAL A 13 -3.29 -5.67 8.54
C VAL A 13 -4.48 -6.65 8.45
N ARG A 14 -4.90 -7.15 9.61
CA ARG A 14 -6.04 -8.07 9.79
C ARG A 14 -7.34 -7.61 9.08
N LYS A 15 -7.52 -6.29 8.96
CA LYS A 15 -8.63 -5.68 8.22
C LYS A 15 -8.16 -4.57 7.22
N SER A 16 -6.98 -4.77 6.62
CA SER A 16 -6.43 -3.84 5.60
C SER A 16 -7.26 -3.83 4.29
N VAL A 17 -7.72 -5.04 3.95
CA VAL A 17 -8.66 -5.34 2.86
C VAL A 17 -10.10 -5.14 3.37
N GLN A 18 -10.83 -4.29 2.66
CA GLN A 18 -12.25 -3.99 2.95
C GLN A 18 -13.11 -4.21 1.68
N ASP A 19 -14.34 -3.69 1.65
CA ASP A 19 -15.28 -3.83 0.50
C ASP A 19 -14.83 -3.10 -0.77
N ASP A 20 -13.90 -3.73 -1.49
CA ASP A 20 -13.20 -3.19 -2.67
C ASP A 20 -12.50 -1.83 -2.48
N HIS A 21 -12.16 -1.57 -1.22
CA HIS A 21 -11.38 -0.41 -0.79
C HIS A 21 -10.32 -0.87 0.22
N ILE A 22 -9.12 -0.36 -0.01
CA ILE A 22 -7.91 -0.69 0.77
C ILE A 22 -7.49 0.53 1.59
N VAL A 23 -7.52 0.32 2.90
CA VAL A 23 -7.37 1.39 3.91
C VAL A 23 -5.92 1.90 4.03
N CYS A 24 -5.77 3.22 3.92
CA CYS A 24 -4.46 3.86 3.89
C CYS A 24 -3.94 3.95 5.33
N LEU A 25 -3.03 3.04 5.67
CA LEU A 25 -2.28 3.14 6.94
C LEU A 25 -1.47 4.45 6.97
N GLU A 26 -1.39 5.02 8.17
CA GLU A 26 -0.79 6.35 8.44
C GLU A 26 -1.62 7.55 7.92
N CYS A 27 -2.68 7.28 7.14
CA CYS A 27 -3.45 8.33 6.48
C CYS A 27 -4.89 8.25 6.99
N GLY A 28 -5.55 7.09 6.84
CA GLY A 28 -6.95 6.90 7.28
C GLY A 28 -7.89 6.64 6.08
N GLY A 29 -7.92 7.61 5.16
CA GLY A 29 -8.75 7.57 3.94
C GLY A 29 -8.51 6.29 3.12
N SER A 30 -9.60 5.75 2.57
CA SER A 30 -9.57 4.46 1.86
C SER A 30 -9.89 4.63 0.37
N PHE A 31 -9.29 3.74 -0.43
CA PHE A 31 -9.31 3.80 -1.92
C PHE A 31 -9.06 2.45 -2.59
N LYS A 32 -9.25 2.38 -3.90
CA LYS A 32 -8.93 1.17 -4.68
C LYS A 32 -7.41 0.90 -4.84
N SER A 33 -6.60 1.95 -4.86
CA SER A 33 -5.13 1.84 -5.05
C SER A 33 -4.30 2.58 -3.98
N LEU A 34 -3.34 1.84 -3.43
CA LEU A 34 -2.38 2.39 -2.44
C LEU A 34 -0.95 2.50 -3.00
N LYS A 35 -0.52 1.56 -3.85
CA LYS A 35 0.79 1.55 -4.53
C LYS A 35 1.26 2.96 -4.97
N ARG A 36 0.41 3.62 -5.77
CA ARG A 36 0.58 5.04 -6.15
C ARG A 36 0.56 6.01 -4.97
N HIS A 37 -0.60 6.15 -4.31
CA HIS A 37 -0.84 7.08 -3.22
C HIS A 37 0.34 7.03 -2.23
N LEU A 38 0.76 5.82 -1.88
CA LEU A 38 1.89 5.56 -0.98
C LEU A 38 3.13 6.33 -1.43
N THR A 39 3.72 5.91 -2.55
CA THR A 39 4.91 6.53 -3.16
C THR A 39 4.73 8.02 -3.52
N THR A 40 3.49 8.44 -3.81
CA THR A 40 3.10 9.85 -4.00
C THR A 40 3.18 10.71 -2.72
N HIS A 41 2.40 10.34 -1.70
CA HIS A 41 2.23 11.15 -0.47
C HIS A 41 3.24 10.81 0.63
N HIS A 42 3.01 9.70 1.31
CA HIS A 42 3.96 9.07 2.24
C HIS A 42 5.28 8.80 1.52
N SER A 43 5.31 8.71 0.19
CA SER A 43 6.51 8.40 -0.62
C SER A 43 6.97 6.96 -0.37
N MET A 44 8.17 6.60 -0.83
CA MET A 44 8.85 5.30 -0.60
C MET A 44 8.21 4.09 -1.32
N THR A 45 9.00 3.02 -1.40
CA THR A 45 8.56 1.73 -1.97
C THR A 45 7.54 1.01 -1.06
N PRO A 46 6.61 0.25 -1.65
CA PRO A 46 5.59 -0.52 -0.89
C PRO A 46 6.20 -1.50 0.12
N GLU A 47 7.23 -2.24 -0.30
CA GLU A 47 8.00 -3.12 0.60
C GLU A 47 8.75 -2.41 1.75
N GLU A 48 9.30 -1.22 1.53
CA GLU A 48 9.89 -0.43 2.63
C GLU A 48 8.79 0.04 3.61
N TYR A 49 7.66 0.45 3.05
CA TYR A 49 6.46 0.85 3.82
C TYR A 49 5.90 -0.27 4.72
N ARG A 50 5.89 -1.52 4.23
CA ARG A 50 5.48 -2.67 5.05
C ARG A 50 6.32 -2.81 6.33
N GLU A 51 7.60 -2.48 6.24
CA GLU A 51 8.54 -2.46 7.37
C GLU A 51 8.12 -1.49 8.49
N LYS A 52 7.65 -0.30 8.12
CA LYS A 52 7.12 0.71 9.05
C LYS A 52 5.97 0.14 9.92
N TRP A 53 4.93 -0.33 9.25
CA TRP A 53 3.75 -0.95 9.92
C TRP A 53 3.92 -2.42 10.35
N ASP A 54 5.13 -2.94 10.19
CA ASP A 54 5.48 -4.37 10.43
C ASP A 54 4.60 -5.37 9.64
N LEU A 55 4.04 -4.90 8.52
CA LEU A 55 3.01 -5.58 7.70
C LEU A 55 3.42 -6.98 7.20
N PRO A 56 2.88 -8.05 7.79
CA PRO A 56 3.22 -9.44 7.41
C PRO A 56 2.95 -9.73 5.94
N VAL A 57 3.89 -10.50 5.38
CA VAL A 57 3.98 -10.95 3.98
C VAL A 57 3.86 -9.85 2.90
N ASP A 58 4.14 -8.59 3.28
CA ASP A 58 3.93 -7.38 2.45
C ASP A 58 2.62 -7.42 1.63
N TYR A 59 1.52 -7.27 2.37
CA TYR A 59 0.15 -7.28 1.82
C TYR A 59 0.03 -6.46 0.50
N PRO A 60 -0.84 -6.83 -0.44
CA PRO A 60 -0.98 -6.10 -1.72
C PRO A 60 -1.44 -4.64 -1.50
N MET A 61 -0.67 -3.74 -2.09
CA MET A 61 -0.98 -2.28 -2.07
C MET A 61 -2.03 -1.83 -3.12
N VAL A 62 -2.89 -2.76 -3.50
CA VAL A 62 -3.93 -2.52 -4.54
C VAL A 62 -5.15 -3.39 -4.15
N ALA A 63 -6.35 -2.93 -4.52
CA ALA A 63 -7.64 -3.63 -4.35
C ALA A 63 -7.52 -5.17 -4.19
N PRO A 64 -8.28 -5.76 -3.26
CA PRO A 64 -8.15 -7.17 -2.85
C PRO A 64 -8.02 -8.20 -3.99
N ALA A 65 -8.80 -8.03 -5.06
CA ALA A 65 -8.73 -8.91 -6.23
C ALA A 65 -8.42 -8.20 -7.58
N TYR A 66 -7.69 -7.07 -7.52
CA TYR A 66 -7.42 -6.21 -8.70
C TYR A 66 -6.86 -6.97 -9.91
N ALA A 67 -5.84 -7.80 -9.66
CA ALA A 67 -5.23 -8.71 -10.64
C ALA A 67 -4.54 -9.88 -9.91
N GLU A 68 -5.40 -10.82 -9.50
CA GLU A 68 -5.05 -12.04 -8.75
C GLU A 68 -4.12 -11.80 -7.53
N ALA A 69 -4.39 -10.67 -6.85
CA ALA A 69 -3.52 -10.02 -5.85
C ALA A 69 -2.01 -10.38 -5.84
N ARG A 70 -1.41 -10.37 -7.03
CA ARG A 70 0.01 -10.77 -7.21
C ARG A 70 0.83 -9.93 -8.20
N SER A 71 0.52 -8.64 -8.26
CA SER A 71 1.09 -7.68 -9.24
C SER A 71 1.04 -8.22 -10.68
N ARG A 72 -0.19 -8.49 -11.12
CA ARG A 72 -0.56 -9.12 -12.41
C ARG A 72 0.19 -10.43 -12.71
N LEU A 73 0.36 -11.23 -11.64
CA LEU A 73 1.12 -12.50 -11.60
C LEU A 73 2.61 -12.28 -11.93
N ALA A 74 3.34 -11.93 -10.86
CA ALA A 74 4.78 -11.61 -10.86
C ALA A 74 5.38 -11.53 -9.45
N LYS A 75 4.67 -10.85 -8.55
CA LYS A 75 5.03 -10.63 -7.13
C LYS A 75 6.47 -10.11 -6.93
N GLU A 76 6.59 -8.80 -7.05
CA GLU A 76 7.86 -8.04 -6.92
C GLU A 76 7.57 -6.53 -6.95
N MET A 77 8.51 -5.75 -6.44
CA MET A 77 8.46 -4.27 -6.49
C MET A 77 9.79 -3.68 -7.01
N GLY A 78 9.66 -2.49 -7.61
CA GLY A 78 10.84 -1.71 -8.07
C GLY A 78 11.06 -0.48 -7.17
N LEU A 79 10.46 0.61 -7.62
CA LEU A 79 10.53 1.95 -6.96
C LEU A 79 9.38 2.88 -7.33
N GLY A 80 9.24 3.13 -8.64
CA GLY A 80 8.22 4.02 -9.20
C GLY A 80 8.46 5.49 -8.82
N GLN A 81 9.49 6.05 -9.44
CA GLN A 81 9.95 7.42 -9.14
C GLN A 81 9.54 8.31 -10.33
N ARG A 82 8.32 8.84 -10.17
CA ARG A 82 7.66 9.72 -11.16
C ARG A 82 6.40 10.37 -10.55
N ARG A 83 6.05 11.53 -11.08
CA ARG A 83 4.87 12.31 -10.64
C ARG A 83 3.66 12.08 -11.56
N LYS A 84 2.83 11.12 -11.15
CA LYS A 84 1.56 10.79 -11.84
C LYS A 84 0.62 10.01 -10.89
N ALA A 85 -0.33 10.77 -10.35
CA ALA A 85 -1.34 10.31 -9.37
C ALA A 85 -2.38 11.43 -9.14
N ASN A 86 -3.42 11.12 -8.36
CA ASN A 86 -4.56 11.99 -8.03
C ASN A 86 -5.47 12.32 -9.24
N ARG A 87 -6.73 12.57 -8.91
CA ARG A 87 -7.78 12.91 -9.91
C ARG A 87 -8.49 14.26 -9.67
N ALA A 1 11.64 13.21 15.11
CA ALA A 1 11.14 13.96 13.93
C ALA A 1 9.94 13.34 13.17
N VAL A 2 9.21 12.47 13.88
CA VAL A 2 8.06 11.71 13.34
C VAL A 2 6.88 11.78 14.32
N ASN A 3 5.67 11.66 13.78
CA ASN A 3 4.38 11.77 14.50
C ASN A 3 4.18 13.15 15.16
N VAL A 4 3.09 13.79 14.73
CA VAL A 4 2.77 15.20 15.03
C VAL A 4 1.47 15.65 14.35
N GLU A 5 1.39 15.45 13.03
CA GLU A 5 0.20 15.75 12.19
C GLU A 5 0.21 14.94 10.88
N LYS A 6 -0.07 13.65 11.04
CA LYS A 6 -0.09 12.65 9.93
C LYS A 6 -0.54 11.27 10.44
N GLN A 7 0.25 10.70 11.37
CA GLN A 7 0.03 9.38 11.99
C GLN A 7 -1.43 9.01 12.31
N LYS A 8 -2.06 8.40 11.32
CA LYS A 8 -3.44 7.92 11.47
C LYS A 8 -3.54 6.39 11.28
N PRO A 9 -3.59 5.65 12.38
CA PRO A 9 -3.73 4.18 12.37
C PRO A 9 -5.08 3.75 11.80
N ALA A 10 -5.03 3.20 10.60
CA ALA A 10 -6.20 2.73 9.84
C ALA A 10 -6.70 1.37 10.34
N VAL A 11 -7.07 1.38 11.62
CA VAL A 11 -7.48 0.19 12.41
C VAL A 11 -6.30 -0.84 12.42
N SER A 12 -6.55 -2.01 13.00
CA SER A 12 -5.61 -3.15 12.97
C SER A 12 -5.61 -3.84 11.60
N VAL A 13 -4.57 -4.63 11.37
CA VAL A 13 -4.41 -5.49 10.17
C VAL A 13 -5.53 -6.56 10.10
N ARG A 14 -5.34 -7.57 9.23
CA ARG A 14 -6.32 -8.63 8.88
C ARG A 14 -7.48 -8.03 8.06
N LYS A 15 -8.23 -7.12 8.68
CA LYS A 15 -9.33 -6.38 8.02
C LYS A 15 -8.84 -5.07 7.39
N SER A 16 -7.71 -5.17 6.68
CA SER A 16 -7.18 -4.08 5.82
C SER A 16 -7.92 -4.01 4.48
N VAL A 17 -8.39 -5.19 4.03
CA VAL A 17 -9.29 -5.41 2.88
C VAL A 17 -10.71 -4.96 3.24
N GLN A 18 -11.27 -4.10 2.38
CA GLN A 18 -12.70 -3.73 2.44
C GLN A 18 -13.36 -3.95 1.06
N ASP A 19 -14.61 -3.48 0.91
CA ASP A 19 -15.41 -3.59 -0.34
C ASP A 19 -14.83 -2.74 -1.49
N ASP A 20 -13.87 -3.32 -2.21
CA ASP A 20 -13.11 -2.67 -3.31
C ASP A 20 -12.37 -1.36 -2.95
N HIS A 21 -12.02 -1.27 -1.67
CA HIS A 21 -11.20 -0.18 -1.12
C HIS A 21 -10.29 -0.74 -0.03
N ILE A 22 -9.02 -0.37 -0.15
CA ILE A 22 -7.96 -0.76 0.79
C ILE A 22 -7.59 0.48 1.64
N VAL A 23 -7.54 0.24 2.94
CA VAL A 23 -7.39 1.31 3.95
C VAL A 23 -5.93 1.80 4.08
N CYS A 24 -5.75 3.12 3.98
CA CYS A 24 -4.43 3.72 3.96
C CYS A 24 -3.90 3.76 5.40
N LEU A 25 -3.03 2.81 5.69
CA LEU A 25 -2.22 2.88 6.93
C LEU A 25 -1.45 4.21 6.99
N GLU A 26 -1.38 4.74 8.21
CA GLU A 26 -0.81 6.06 8.56
C GLU A 26 -1.60 7.27 8.01
N CYS A 27 -2.69 7.02 7.28
CA CYS A 27 -3.44 8.08 6.61
C CYS A 27 -4.90 7.97 7.05
N GLY A 28 -5.54 6.80 6.85
CA GLY A 28 -6.94 6.57 7.26
C GLY A 28 -7.89 6.38 6.06
N GLY A 29 -7.77 7.30 5.09
CA GLY A 29 -8.56 7.28 3.84
C GLY A 29 -8.44 5.94 3.08
N SER A 30 -9.50 5.60 2.37
CA SER A 30 -9.58 4.32 1.61
C SER A 30 -9.74 4.53 0.10
N PHE A 31 -9.16 3.59 -0.63
CA PHE A 31 -9.07 3.65 -2.10
C PHE A 31 -8.85 2.31 -2.82
N LYS A 32 -9.14 2.31 -4.11
CA LYS A 32 -8.86 1.18 -5.03
C LYS A 32 -7.36 0.85 -5.29
N SER A 33 -6.47 1.75 -4.87
CA SER A 33 -5.01 1.53 -4.95
C SER A 33 -4.23 2.39 -3.95
N LEU A 34 -3.23 1.76 -3.35
CA LEU A 34 -2.28 2.42 -2.45
C LEU A 34 -0.96 2.74 -3.18
N LYS A 35 -0.56 1.89 -4.13
CA LYS A 35 0.75 1.94 -4.83
C LYS A 35 1.22 3.36 -5.16
N ARG A 36 0.37 4.11 -5.87
CA ARG A 36 0.61 5.52 -6.20
C ARG A 36 0.60 6.42 -4.95
N HIS A 37 -0.56 6.59 -4.31
CA HIS A 37 -0.81 7.36 -3.10
C HIS A 37 0.38 7.20 -2.14
N LEU A 38 0.80 5.96 -1.92
CA LEU A 38 1.96 5.63 -1.07
C LEU A 38 3.18 6.45 -1.49
N THR A 39 3.76 6.11 -2.64
CA THR A 39 4.93 6.78 -3.23
C THR A 39 4.73 8.30 -3.48
N THR A 40 3.49 8.72 -3.71
CA THR A 40 3.07 10.14 -3.80
C THR A 40 3.17 10.91 -2.46
N HIS A 41 2.38 10.50 -1.46
CA HIS A 41 2.24 11.23 -0.19
C HIS A 41 3.28 10.83 0.87
N HIS A 42 3.06 9.67 1.49
CA HIS A 42 4.02 9.02 2.37
C HIS A 42 5.34 8.80 1.62
N SER A 43 5.35 8.75 0.29
CA SER A 43 6.54 8.49 -0.57
C SER A 43 7.00 7.02 -0.43
N MET A 44 8.22 6.73 -0.86
CA MET A 44 8.90 5.41 -0.72
C MET A 44 8.26 4.26 -1.54
N THR A 45 9.00 3.15 -1.62
CA THR A 45 8.54 1.92 -2.32
C THR A 45 7.52 1.13 -1.46
N PRO A 46 6.57 0.43 -2.09
CA PRO A 46 5.57 -0.40 -1.38
C PRO A 46 6.19 -1.45 -0.43
N GLU A 47 7.24 -2.13 -0.90
CA GLU A 47 8.00 -3.08 -0.06
C GLU A 47 8.72 -2.42 1.15
N GLU A 48 9.32 -1.25 0.96
CA GLU A 48 9.94 -0.51 2.08
C GLU A 48 8.87 -0.05 3.10
N TYR A 49 7.72 0.37 2.59
CA TYR A 49 6.55 0.75 3.43
C TYR A 49 6.01 -0.40 4.30
N ARG A 50 6.05 -1.63 3.80
CA ARG A 50 5.66 -2.81 4.61
C ARG A 50 6.48 -2.91 5.90
N GLU A 51 7.78 -2.58 5.81
CA GLU A 51 8.71 -2.58 6.95
C GLU A 51 8.31 -1.56 8.03
N LYS A 52 7.82 -0.39 7.60
CA LYS A 52 7.28 0.67 8.49
C LYS A 52 6.18 0.13 9.44
N TRP A 53 5.18 -0.53 8.87
CA TRP A 53 4.10 -1.17 9.64
C TRP A 53 4.37 -2.63 10.06
N ASP A 54 5.59 -3.10 9.84
CA ASP A 54 6.02 -4.51 10.05
C ASP A 54 5.11 -5.55 9.34
N LEU A 55 4.49 -5.10 8.25
CA LEU A 55 3.41 -5.80 7.54
C LEU A 55 3.76 -7.19 6.97
N PRO A 56 3.19 -8.25 7.57
CA PRO A 56 3.46 -9.65 7.14
C PRO A 56 3.12 -9.87 5.66
N VAL A 57 3.96 -10.69 5.05
CA VAL A 57 3.95 -11.08 3.62
C VAL A 57 3.98 -9.90 2.61
N ASP A 58 4.47 -8.74 3.06
CA ASP A 58 4.45 -7.47 2.28
C ASP A 58 3.10 -7.20 1.61
N TYR A 59 2.12 -6.99 2.49
CA TYR A 59 0.69 -6.73 2.17
C TYR A 59 0.49 -5.87 0.90
N PRO A 60 -0.41 -6.28 -0.01
CA PRO A 60 -0.59 -5.62 -1.31
C PRO A 60 -1.01 -4.15 -1.24
N MET A 61 -0.46 -3.38 -2.18
CA MET A 61 -0.79 -1.95 -2.37
C MET A 61 -1.75 -1.67 -3.54
N VAL A 62 -2.60 -2.65 -3.85
CA VAL A 62 -3.57 -2.57 -4.95
C VAL A 62 -4.94 -3.03 -4.42
N ALA A 63 -6.01 -2.72 -5.15
CA ALA A 63 -7.39 -3.13 -4.80
C ALA A 63 -7.48 -4.54 -4.18
N PRO A 64 -8.33 -4.71 -3.14
CA PRO A 64 -8.40 -5.95 -2.33
C PRO A 64 -8.51 -7.27 -3.10
N ALA A 65 -9.16 -7.25 -4.26
CA ALA A 65 -9.23 -8.41 -5.18
C ALA A 65 -8.86 -8.07 -6.64
N TYR A 66 -7.86 -7.22 -6.81
CA TYR A 66 -7.43 -6.73 -8.15
C TYR A 66 -6.93 -7.84 -9.09
N ALA A 67 -6.08 -8.70 -8.55
CA ALA A 67 -5.37 -9.81 -9.21
C ALA A 67 -4.52 -10.55 -8.15
N GLU A 68 -3.84 -11.63 -8.56
CA GLU A 68 -2.85 -12.37 -7.75
C GLU A 68 -3.53 -13.09 -6.55
N ALA A 69 -2.87 -13.12 -5.39
CA ALA A 69 -3.41 -13.65 -4.11
C ALA A 69 -4.15 -15.01 -4.16
N ARG A 70 -3.50 -15.99 -4.79
CA ARG A 70 -4.07 -17.34 -4.95
C ARG A 70 -3.28 -18.45 -4.21
N SER A 71 -2.56 -18.06 -3.15
CA SER A 71 -1.64 -18.91 -2.36
C SER A 71 -0.59 -19.74 -3.14
N ARG A 72 -0.49 -19.46 -4.44
CA ARG A 72 0.44 -20.09 -5.39
C ARG A 72 0.72 -19.09 -6.53
N LEU A 73 1.43 -18.03 -6.15
CA LEU A 73 1.81 -16.93 -7.05
C LEU A 73 3.33 -16.91 -7.28
N ALA A 74 4.10 -16.56 -6.24
CA ALA A 74 5.57 -16.43 -6.26
C ALA A 74 6.10 -15.36 -7.24
N LYS A 75 7.34 -14.92 -7.02
CA LYS A 75 8.03 -13.88 -7.82
C LYS A 75 7.21 -12.58 -7.99
N GLU A 76 7.17 -11.82 -6.89
CA GLU A 76 6.39 -10.56 -6.82
C GLU A 76 6.98 -9.62 -5.76
N MET A 77 7.89 -8.76 -6.22
CA MET A 77 8.57 -7.75 -5.39
C MET A 77 9.16 -6.63 -6.27
N GLY A 78 8.25 -5.76 -6.73
CA GLY A 78 8.59 -4.62 -7.62
C GLY A 78 9.43 -5.04 -8.83
N LEU A 79 10.40 -4.18 -9.15
CA LEU A 79 11.41 -4.46 -10.19
C LEU A 79 12.62 -5.15 -9.56
N GLY A 80 12.94 -6.34 -10.11
CA GLY A 80 14.09 -7.16 -9.68
C GLY A 80 15.45 -6.44 -9.69
N GLN A 81 15.59 -5.49 -10.62
CA GLN A 81 16.76 -4.61 -10.72
C GLN A 81 16.28 -3.17 -11.00
N ARG A 82 16.90 -2.22 -10.30
CA ARG A 82 16.59 -0.77 -10.41
C ARG A 82 17.72 0.12 -9.88
N ARG A 83 17.86 1.25 -10.58
CA ARG A 83 18.90 2.27 -10.29
C ARG A 83 18.41 3.69 -10.03
N LYS A 84 17.51 4.18 -10.90
CA LYS A 84 17.02 5.59 -10.92
C LYS A 84 18.14 6.64 -11.00
N ALA A 85 18.55 6.86 -12.25
CA ALA A 85 19.63 7.80 -12.60
C ALA A 85 19.13 9.08 -13.30
N ASN A 86 18.20 8.90 -14.25
CA ASN A 86 17.48 10.01 -14.89
C ASN A 86 16.51 10.65 -13.87
N ARG A 87 16.24 11.94 -14.08
CA ARG A 87 15.43 12.77 -13.17
C ARG A 87 14.03 12.21 -12.80
N ALA A 1 -1.58 18.10 2.32
CA ALA A 1 -2.97 17.61 2.05
C ALA A 1 -3.55 16.62 3.07
N VAL A 2 -2.74 15.64 3.49
CA VAL A 2 -3.18 14.58 4.43
C VAL A 2 -2.61 14.70 5.85
N ASN A 3 -2.75 15.92 6.37
CA ASN A 3 -2.17 16.33 7.66
C ASN A 3 -3.14 17.21 8.45
N VAL A 4 -2.84 17.38 9.74
CA VAL A 4 -3.60 18.13 10.77
C VAL A 4 -4.94 17.47 11.17
N GLU A 5 -5.63 16.90 10.18
CA GLU A 5 -6.83 16.05 10.35
C GLU A 5 -6.92 15.05 9.18
N LYS A 6 -6.19 13.95 9.36
CA LYS A 6 -6.12 12.81 8.42
C LYS A 6 -5.28 11.67 9.02
N GLN A 7 -3.95 11.78 8.91
CA GLN A 7 -2.92 10.83 9.41
C GLN A 7 -3.32 10.04 10.67
N LYS A 8 -3.87 8.85 10.43
CA LYS A 8 -4.24 7.91 11.51
C LYS A 8 -3.85 6.44 11.25
N PRO A 9 -3.65 5.65 12.31
CA PRO A 9 -3.53 4.18 12.22
C PRO A 9 -4.85 3.53 11.80
N ALA A 10 -4.92 3.21 10.51
CA ALA A 10 -6.05 2.49 9.90
C ALA A 10 -6.05 1.00 10.29
N VAL A 11 -6.24 0.81 11.60
CA VAL A 11 -6.17 -0.46 12.34
C VAL A 11 -4.96 -1.34 11.99
N SER A 12 -5.07 -2.63 12.27
CA SER A 12 -4.10 -3.65 11.84
C SER A 12 -4.57 -4.29 10.53
N VAL A 13 -3.58 -4.83 9.81
CA VAL A 13 -3.72 -5.53 8.52
C VAL A 13 -4.88 -6.55 8.42
N ARG A 14 -5.25 -7.14 9.56
CA ARG A 14 -6.43 -8.01 9.73
C ARG A 14 -7.68 -7.57 8.93
N LYS A 15 -7.94 -6.26 8.92
CA LYS A 15 -9.03 -5.67 8.11
C LYS A 15 -8.58 -4.48 7.24
N SER A 16 -7.40 -4.62 6.63
CA SER A 16 -6.95 -3.69 5.55
C SER A 16 -7.74 -3.88 4.24
N VAL A 17 -8.20 -5.12 4.03
CA VAL A 17 -9.15 -5.53 2.99
C VAL A 17 -10.57 -5.06 3.37
N GLN A 18 -11.14 -4.25 2.48
CA GLN A 18 -12.55 -3.82 2.56
C GLN A 18 -13.25 -4.09 1.21
N ASP A 19 -14.49 -3.61 1.04
CA ASP A 19 -15.29 -3.79 -0.20
C ASP A 19 -14.73 -3.02 -1.42
N ASP A 20 -13.71 -3.62 -2.05
CA ASP A 20 -12.94 -3.04 -3.17
C ASP A 20 -12.28 -1.67 -2.86
N HIS A 21 -11.88 -1.52 -1.60
CA HIS A 21 -11.13 -0.36 -1.09
C HIS A 21 -10.19 -0.81 0.03
N ILE A 22 -8.93 -0.45 -0.16
CA ILE A 22 -7.82 -0.78 0.77
C ILE A 22 -7.48 0.50 1.57
N VAL A 23 -7.61 0.33 2.88
CA VAL A 23 -7.44 1.42 3.87
C VAL A 23 -5.97 1.89 4.02
N CYS A 24 -5.78 3.20 3.90
CA CYS A 24 -4.47 3.82 3.89
C CYS A 24 -3.95 3.86 5.34
N LEU A 25 -2.99 2.99 5.63
CA LEU A 25 -2.24 3.06 6.91
C LEU A 25 -1.42 4.35 6.97
N GLU A 26 -1.40 4.92 8.18
CA GLU A 26 -0.87 6.27 8.50
C GLU A 26 -1.58 7.42 7.76
N CYS A 27 -2.78 7.17 7.21
CA CYS A 27 -3.52 8.22 6.54
C CYS A 27 -4.99 8.10 6.94
N GLY A 28 -5.61 6.93 6.73
CA GLY A 28 -7.03 6.71 7.12
C GLY A 28 -7.96 6.47 5.92
N GLY A 29 -7.92 7.42 4.97
CA GLY A 29 -8.69 7.34 3.71
C GLY A 29 -8.49 6.01 2.97
N SER A 30 -9.52 5.58 2.24
CA SER A 30 -9.50 4.27 1.56
C SER A 30 -9.74 4.41 0.05
N PHE A 31 -9.15 3.49 -0.71
CA PHE A 31 -9.09 3.53 -2.19
C PHE A 31 -8.74 2.20 -2.88
N LYS A 32 -8.92 2.16 -4.19
CA LYS A 32 -8.49 1.02 -5.03
C LYS A 32 -6.98 0.80 -5.20
N SER A 33 -6.17 1.86 -5.14
CA SER A 33 -4.71 1.73 -5.18
C SER A 33 -3.98 2.59 -4.14
N LEU A 34 -3.27 1.90 -3.24
CA LEU A 34 -2.36 2.56 -2.30
C LEU A 34 -1.00 2.91 -2.94
N LYS A 35 -0.50 2.07 -3.84
CA LYS A 35 0.80 2.24 -4.55
C LYS A 35 1.12 3.70 -4.96
N ARG A 36 0.31 4.27 -5.84
CA ARG A 36 0.44 5.68 -6.28
C ARG A 36 0.45 6.68 -5.11
N HIS A 37 -0.69 6.78 -4.42
CA HIS A 37 -0.91 7.55 -3.20
C HIS A 37 0.33 7.48 -2.31
N LEU A 38 0.75 6.25 -2.03
CA LEU A 38 1.94 5.93 -1.21
C LEU A 38 3.14 6.74 -1.70
N THR A 39 3.65 6.39 -2.87
CA THR A 39 4.84 7.04 -3.50
C THR A 39 4.68 8.57 -3.69
N THR A 40 3.45 9.04 -3.91
CA THR A 40 3.08 10.48 -3.98
C THR A 40 3.17 11.22 -2.62
N HIS A 41 2.48 10.71 -1.61
CA HIS A 41 2.31 11.37 -0.29
C HIS A 41 3.32 10.91 0.76
N HIS A 42 3.06 9.75 1.37
CA HIS A 42 3.99 9.02 2.21
C HIS A 42 5.29 8.77 1.43
N SER A 43 5.32 8.80 0.11
CA SER A 43 6.52 8.48 -0.74
C SER A 43 6.95 7.01 -0.56
N MET A 44 8.10 6.63 -1.14
CA MET A 44 8.71 5.28 -1.07
C MET A 44 7.94 4.18 -1.83
N THR A 45 8.54 3.00 -1.87
CA THR A 45 7.97 1.77 -2.48
C THR A 45 6.97 1.08 -1.52
N PRO A 46 5.95 0.39 -2.05
CA PRO A 46 4.99 -0.37 -1.24
C PRO A 46 5.63 -1.43 -0.31
N GLU A 47 6.62 -2.17 -0.83
CA GLU A 47 7.43 -3.09 -0.01
C GLU A 47 8.20 -2.42 1.14
N GLU A 48 8.86 -1.29 0.89
CA GLU A 48 9.57 -0.55 1.97
C GLU A 48 8.58 -0.04 3.03
N TYR A 49 7.45 0.50 2.56
CA TYR A 49 6.32 0.91 3.40
C TYR A 49 5.83 -0.22 4.34
N ARG A 50 5.75 -1.45 3.81
CA ARG A 50 5.31 -2.60 4.62
C ARG A 50 6.19 -2.85 5.85
N GLU A 51 7.49 -2.56 5.74
CA GLU A 51 8.45 -2.68 6.86
C GLU A 51 8.13 -1.69 8.00
N LYS A 52 7.77 -0.46 7.65
CA LYS A 52 7.35 0.60 8.60
C LYS A 52 6.24 0.10 9.56
N TRP A 53 5.14 -0.34 8.98
CA TRP A 53 4.01 -0.95 9.71
C TRP A 53 4.20 -2.42 10.14
N ASP A 54 5.36 -2.99 9.76
CA ASP A 54 5.75 -4.40 9.97
C ASP A 54 4.73 -5.43 9.41
N LEU A 55 4.07 -5.08 8.31
CA LEU A 55 2.95 -5.87 7.74
C LEU A 55 3.28 -7.34 7.42
N PRO A 56 2.70 -8.29 8.18
CA PRO A 56 2.88 -9.72 7.94
C PRO A 56 2.43 -10.14 6.53
N VAL A 57 3.12 -11.17 6.04
CA VAL A 57 3.02 -11.72 4.67
C VAL A 57 3.21 -10.68 3.53
N ASP A 58 3.87 -9.56 3.85
CA ASP A 58 4.11 -8.43 2.94
C ASP A 58 2.86 -7.95 2.16
N TYR A 59 1.72 -8.03 2.85
CA TYR A 59 0.36 -7.69 2.39
C TYR A 59 0.26 -6.75 1.17
N PRO A 60 -0.58 -7.05 0.17
CA PRO A 60 -0.72 -6.21 -1.04
C PRO A 60 -1.27 -4.80 -0.80
N MET A 61 -0.52 -3.83 -1.31
CA MET A 61 -0.86 -2.39 -1.25
C MET A 61 -1.80 -1.90 -2.37
N VAL A 62 -2.69 -2.78 -2.81
CA VAL A 62 -3.64 -2.52 -3.90
C VAL A 62 -5.00 -3.16 -3.52
N ALA A 63 -6.06 -2.77 -4.23
CA ALA A 63 -7.43 -3.31 -4.05
C ALA A 63 -7.44 -4.83 -3.79
N PRO A 64 -8.31 -5.29 -2.87
CA PRO A 64 -8.32 -6.69 -2.38
C PRO A 64 -8.27 -7.80 -3.44
N ALA A 65 -8.90 -7.57 -4.59
CA ALA A 65 -8.81 -8.48 -5.75
C ALA A 65 -8.47 -7.77 -7.08
N TYR A 66 -7.52 -6.83 -7.03
CA TYR A 66 -7.10 -6.05 -8.21
C TYR A 66 -6.49 -6.90 -9.35
N ALA A 67 -5.58 -7.79 -8.95
CA ALA A 67 -4.83 -8.74 -9.78
C ALA A 67 -3.94 -9.59 -8.86
N GLU A 68 -3.64 -10.82 -9.30
CA GLU A 68 -2.76 -11.79 -8.59
C GLU A 68 -3.36 -12.15 -7.21
N ALA A 69 -2.50 -12.44 -6.21
CA ALA A 69 -2.88 -12.72 -4.80
C ALA A 69 -3.87 -13.89 -4.60
N ARG A 70 -3.77 -14.86 -5.50
CA ARG A 70 -4.66 -16.03 -5.54
C ARG A 70 -3.83 -17.31 -5.70
N SER A 71 -4.25 -18.35 -4.96
CA SER A 71 -3.65 -19.71 -4.94
C SER A 71 -2.12 -19.72 -4.90
N ARG A 72 -1.59 -19.79 -3.68
CA ARG A 72 -0.16 -19.56 -3.32
C ARG A 72 0.34 -18.12 -3.62
N LEU A 73 -0.61 -17.22 -3.90
CA LEU A 73 -0.42 -15.77 -4.12
C LEU A 73 0.40 -15.38 -5.37
N ALA A 74 1.71 -15.62 -5.28
CA ALA A 74 2.78 -15.33 -6.28
C ALA A 74 4.19 -15.26 -5.65
N LYS A 75 4.30 -14.54 -4.51
CA LYS A 75 5.56 -14.24 -3.81
C LYS A 75 6.67 -13.59 -4.67
N GLU A 76 6.26 -12.59 -5.46
CA GLU A 76 7.17 -11.85 -6.36
C GLU A 76 6.60 -10.46 -6.75
N MET A 77 6.51 -9.60 -5.74
CA MET A 77 6.04 -8.19 -5.81
C MET A 77 4.79 -7.87 -6.67
N GLY A 78 5.01 -7.75 -8.00
CA GLY A 78 3.97 -7.41 -9.00
C GLY A 78 4.67 -7.06 -10.32
N LEU A 79 4.52 -5.79 -10.66
CA LEU A 79 5.07 -5.14 -11.87
C LEU A 79 4.78 -3.63 -11.88
N GLY A 80 3.48 -3.29 -11.74
CA GLY A 80 3.03 -1.88 -11.70
C GLY A 80 3.03 -1.28 -13.10
N GLN A 81 4.21 -0.85 -13.53
CA GLN A 81 4.45 -0.26 -14.87
C GLN A 81 5.88 -0.59 -15.32
N ARG A 82 6.00 -0.88 -16.61
CA ARG A 82 7.30 -1.16 -17.27
C ARG A 82 8.08 0.13 -17.58
N ARG A 83 9.41 -0.01 -17.59
CA ARG A 83 10.34 1.09 -17.88
C ARG A 83 11.17 0.78 -19.13
N LYS A 84 11.50 1.83 -19.88
CA LYS A 84 12.32 1.74 -21.09
C LYS A 84 13.02 3.08 -21.38
N ALA A 85 14.33 3.07 -21.13
CA ALA A 85 15.22 4.22 -21.42
C ALA A 85 15.49 4.37 -22.92
N ASN A 86 15.51 5.62 -23.38
CA ASN A 86 15.75 6.01 -24.78
C ASN A 86 16.09 7.50 -24.87
N ARG A 87 16.76 7.87 -25.96
CA ARG A 87 17.15 9.27 -26.26
C ARG A 87 15.93 10.20 -26.40
N ALA A 1 1.91 20.26 5.07
CA ALA A 1 2.59 19.17 4.33
C ALA A 1 1.70 17.95 3.97
N VAL A 2 1.44 17.07 4.95
CA VAL A 2 0.60 15.86 4.79
C VAL A 2 -0.27 15.72 6.05
N ASN A 3 0.40 15.35 7.14
CA ASN A 3 -0.21 15.27 8.49
C ASN A 3 -0.58 16.66 9.02
N VAL A 4 -1.85 16.76 9.41
CA VAL A 4 -2.50 17.97 9.95
C VAL A 4 -3.93 17.70 10.45
N GLU A 5 -4.78 17.15 9.57
CA GLU A 5 -6.16 16.74 9.91
C GLU A 5 -6.66 15.67 8.92
N LYS A 6 -6.17 14.45 9.13
CA LYS A 6 -6.40 13.26 8.26
C LYS A 6 -5.66 12.03 8.82
N GLN A 7 -4.33 12.11 8.82
CA GLN A 7 -3.37 11.07 9.27
C GLN A 7 -3.81 10.29 10.51
N LYS A 8 -4.38 9.12 10.24
CA LYS A 8 -4.76 8.14 11.29
C LYS A 8 -4.26 6.71 10.99
N PRO A 9 -3.92 5.94 12.04
CA PRO A 9 -3.63 4.50 11.92
C PRO A 9 -4.91 3.73 11.54
N ALA A 10 -4.88 3.18 10.33
CA ALA A 10 -6.01 2.41 9.76
C ALA A 10 -6.01 0.97 10.34
N VAL A 11 -6.21 0.96 11.65
CA VAL A 11 -6.09 -0.21 12.56
C VAL A 11 -4.84 -1.08 12.28
N SER A 12 -4.88 -2.33 12.72
CA SER A 12 -3.90 -3.35 12.33
C SER A 12 -4.36 -4.03 11.02
N VAL A 13 -3.43 -4.77 10.44
CA VAL A 13 -3.64 -5.57 9.19
C VAL A 13 -4.75 -6.63 9.35
N ARG A 14 -4.73 -7.67 8.51
CA ARG A 14 -5.78 -8.71 8.38
C ARG A 14 -7.08 -8.15 7.78
N LYS A 15 -7.65 -7.14 8.44
CA LYS A 15 -8.86 -6.44 7.97
C LYS A 15 -8.55 -5.09 7.26
N SER A 16 -7.31 -4.94 6.81
CA SER A 16 -6.89 -3.83 5.92
C SER A 16 -7.64 -3.85 4.57
N VAL A 17 -8.08 -5.05 4.22
CA VAL A 17 -9.02 -5.35 3.10
C VAL A 17 -10.44 -5.01 3.57
N GLN A 18 -11.10 -4.15 2.80
CA GLN A 18 -12.53 -3.84 3.00
C GLN A 18 -13.34 -4.12 1.72
N ASP A 19 -14.62 -3.73 1.70
CA ASP A 19 -15.56 -3.98 0.57
C ASP A 19 -15.16 -3.22 -0.71
N ASP A 20 -14.25 -3.83 -1.47
CA ASP A 20 -13.64 -3.26 -2.69
C ASP A 20 -13.00 -1.86 -2.49
N HIS A 21 -12.44 -1.67 -1.29
CA HIS A 21 -11.75 -0.43 -0.90
C HIS A 21 -10.69 -0.73 0.17
N ILE A 22 -9.45 -0.37 -0.18
CA ILE A 22 -8.29 -0.55 0.70
C ILE A 22 -8.05 0.73 1.55
N VAL A 23 -7.79 0.51 2.83
CA VAL A 23 -7.66 1.60 3.82
C VAL A 23 -6.20 2.07 3.96
N CYS A 24 -5.97 3.37 3.73
CA CYS A 24 -4.63 3.93 3.72
C CYS A 24 -4.13 4.00 5.16
N LEU A 25 -3.17 3.12 5.47
CA LEU A 25 -2.42 3.20 6.74
C LEU A 25 -1.71 4.56 6.83
N GLU A 26 -1.72 5.11 8.04
CA GLU A 26 -1.25 6.47 8.37
C GLU A 26 -2.03 7.58 7.63
N CYS A 27 -3.20 7.26 7.08
CA CYS A 27 -4.02 8.25 6.41
C CYS A 27 -5.49 8.03 6.80
N GLY A 28 -6.03 6.83 6.62
CA GLY A 28 -7.44 6.52 6.97
C GLY A 28 -8.34 6.45 5.71
N GLY A 29 -8.19 7.47 4.87
CA GLY A 29 -8.89 7.54 3.56
C GLY A 29 -8.63 6.29 2.68
N SER A 30 -9.62 5.98 1.86
CA SER A 30 -9.58 4.80 0.96
C SER A 30 -9.54 5.20 -0.53
N PHE A 31 -8.73 4.44 -1.26
CA PHE A 31 -8.50 4.64 -2.72
C PHE A 31 -8.37 3.39 -3.61
N LYS A 32 -8.54 2.21 -3.00
CA LYS A 32 -8.31 0.87 -3.62
C LYS A 32 -6.86 0.57 -4.02
N SER A 33 -6.11 1.53 -4.55
CA SER A 33 -4.67 1.38 -4.85
C SER A 33 -3.78 2.39 -4.10
N LEU A 34 -2.93 1.83 -3.27
CA LEU A 34 -1.90 2.53 -2.49
C LEU A 34 -0.54 2.61 -3.23
N LYS A 35 -0.42 1.91 -4.37
CA LYS A 35 0.81 1.84 -5.20
C LYS A 35 1.41 3.24 -5.46
N ARG A 36 0.61 4.11 -6.08
CA ARG A 36 0.94 5.53 -6.29
C ARG A 36 0.93 6.38 -5.00
N HIS A 37 -0.25 6.51 -4.38
CA HIS A 37 -0.54 7.28 -3.19
C HIS A 37 0.66 7.21 -2.23
N LEU A 38 1.09 5.98 -1.92
CA LEU A 38 2.22 5.69 -1.02
C LEU A 38 3.44 6.51 -1.44
N THR A 39 4.04 6.17 -2.58
CA THR A 39 5.22 6.84 -3.17
C THR A 39 5.01 8.35 -3.42
N THR A 40 3.77 8.76 -3.71
CA THR A 40 3.35 10.18 -3.82
C THR A 40 3.39 10.95 -2.49
N HIS A 41 2.54 10.56 -1.54
CA HIS A 41 2.32 11.30 -0.27
C HIS A 41 3.29 10.89 0.85
N HIS A 42 3.06 9.71 1.42
CA HIS A 42 3.97 9.06 2.35
C HIS A 42 5.33 8.84 1.67
N SER A 43 5.45 8.91 0.35
CA SER A 43 6.70 8.65 -0.43
C SER A 43 7.14 7.18 -0.25
N MET A 44 8.32 6.84 -0.78
CA MET A 44 8.98 5.51 -0.62
C MET A 44 8.30 4.35 -1.36
N THR A 45 9.03 3.23 -1.46
CA THR A 45 8.53 1.99 -2.07
C THR A 45 7.49 1.27 -1.17
N PRO A 46 6.50 0.58 -1.77
CA PRO A 46 5.50 -0.21 -1.03
C PRO A 46 6.11 -1.27 -0.10
N GLU A 47 7.12 -1.98 -0.58
CA GLU A 47 7.89 -2.93 0.27
C GLU A 47 8.61 -2.31 1.48
N GLU A 48 9.25 -1.15 1.29
CA GLU A 48 9.86 -0.41 2.43
C GLU A 48 8.80 0.02 3.46
N TYR A 49 7.70 0.54 2.94
CA TYR A 49 6.50 0.90 3.74
C TYR A 49 5.96 -0.26 4.59
N ARG A 50 5.85 -1.45 4.00
CA ARG A 50 5.34 -2.63 4.72
C ARG A 50 6.18 -2.94 5.98
N GLU A 51 7.49 -2.69 5.89
CA GLU A 51 8.42 -2.85 7.03
C GLU A 51 8.15 -1.85 8.17
N LYS A 52 7.80 -0.60 7.82
CA LYS A 52 7.39 0.44 8.78
C LYS A 52 6.20 -0.03 9.65
N TRP A 53 5.14 -0.46 8.99
CA TRP A 53 3.96 -1.04 9.65
C TRP A 53 4.10 -2.53 10.03
N ASP A 54 5.31 -3.08 9.87
CA ASP A 54 5.62 -4.54 9.99
C ASP A 54 4.53 -5.50 9.46
N LEU A 55 4.01 -5.10 8.30
CA LEU A 55 2.86 -5.69 7.59
C LEU A 55 3.15 -7.10 7.02
N PRO A 56 2.62 -8.16 7.67
CA PRO A 56 2.89 -9.56 7.30
C PRO A 56 2.52 -9.88 5.84
N VAL A 57 3.30 -10.82 5.31
CA VAL A 57 3.30 -11.27 3.90
C VAL A 57 3.38 -10.12 2.85
N ASP A 58 3.95 -8.99 3.29
CA ASP A 58 4.07 -7.74 2.49
C ASP A 58 2.74 -7.30 1.83
N TYR A 59 1.71 -7.32 2.67
CA TYR A 59 0.30 -6.93 2.35
C TYR A 59 0.15 -6.06 1.09
N PRO A 60 -0.62 -6.55 0.09
CA PRO A 60 -0.74 -5.89 -1.23
C PRO A 60 -1.34 -4.48 -1.13
N MET A 61 -0.74 -3.59 -1.91
CA MET A 61 -1.18 -2.18 -2.02
C MET A 61 -2.39 -1.93 -2.93
N VAL A 62 -2.86 -2.99 -3.57
CA VAL A 62 -3.89 -2.88 -4.63
C VAL A 62 -5.12 -3.69 -4.18
N ALA A 63 -6.28 -3.25 -4.64
CA ALA A 63 -7.62 -3.81 -4.35
C ALA A 63 -7.62 -5.32 -4.03
N PRO A 64 -8.41 -5.75 -3.04
CA PRO A 64 -8.36 -7.11 -2.46
C PRO A 64 -8.23 -8.27 -3.45
N ALA A 65 -9.00 -8.23 -4.53
CA ALA A 65 -8.88 -9.19 -5.65
C ALA A 65 -8.77 -8.50 -7.03
N TYR A 66 -7.90 -7.49 -7.12
CA TYR A 66 -7.65 -6.72 -8.37
C TYR A 66 -7.31 -7.60 -9.58
N ALA A 67 -6.14 -8.26 -9.49
CA ALA A 67 -5.59 -9.21 -10.50
C ALA A 67 -4.31 -9.90 -9.99
N GLU A 68 -4.36 -10.33 -8.74
CA GLU A 68 -3.22 -10.90 -7.96
C GLU A 68 -3.71 -11.48 -6.62
N ALA A 69 -2.78 -11.93 -5.77
CA ALA A 69 -3.04 -12.52 -4.44
C ALA A 69 -4.07 -13.67 -4.44
N ARG A 70 -3.88 -14.53 -5.44
CA ARG A 70 -4.80 -15.63 -5.83
C ARG A 70 -4.62 -16.90 -4.97
N SER A 71 -4.66 -16.66 -3.66
CA SER A 71 -4.39 -17.61 -2.55
C SER A 71 -2.98 -18.21 -2.62
N ARG A 72 -2.18 -17.82 -1.63
CA ARG A 72 -0.75 -18.20 -1.49
C ARG A 72 0.11 -17.81 -2.71
N LEU A 73 -0.05 -16.56 -3.13
CA LEU A 73 0.71 -15.94 -4.24
C LEU A 73 2.21 -15.84 -3.90
N ALA A 74 3.04 -16.10 -4.91
CA ALA A 74 4.52 -15.97 -4.83
C ALA A 74 4.99 -14.53 -4.53
N LYS A 75 5.35 -14.31 -3.27
CA LYS A 75 5.85 -13.01 -2.78
C LYS A 75 7.21 -12.60 -3.36
N GLU A 76 7.11 -11.88 -4.48
CA GLU A 76 8.27 -11.31 -5.19
C GLU A 76 7.89 -10.09 -6.07
N MET A 77 7.40 -9.06 -5.39
CA MET A 77 6.94 -7.75 -5.92
C MET A 77 6.08 -7.74 -7.21
N GLY A 78 5.44 -8.88 -7.51
CA GLY A 78 4.80 -9.15 -8.82
C GLY A 78 5.80 -9.01 -9.98
N LEU A 79 6.69 -9.99 -10.11
CA LEU A 79 7.69 -10.04 -11.19
C LEU A 79 7.05 -10.13 -12.60
N GLY A 80 7.11 -8.97 -13.28
CA GLY A 80 6.54 -8.78 -14.64
C GLY A 80 6.93 -9.87 -15.67
N GLN A 81 8.22 -9.94 -15.95
CA GLN A 81 8.80 -10.91 -16.90
C GLN A 81 10.27 -11.19 -16.53
N ARG A 82 10.73 -12.38 -16.90
CA ARG A 82 12.11 -12.82 -16.60
C ARG A 82 13.13 -12.03 -17.45
N ARG A 83 14.11 -11.47 -16.74
CA ARG A 83 15.23 -10.70 -17.30
C ARG A 83 16.52 -11.54 -17.20
N LYS A 84 17.43 -11.29 -18.14
CA LYS A 84 18.72 -11.99 -18.31
C LYS A 84 18.55 -13.52 -18.46
N ALA A 85 19.63 -14.28 -18.31
CA ALA A 85 19.73 -15.77 -18.41
C ALA A 85 19.46 -16.35 -19.81
N ASN A 86 18.34 -15.96 -20.41
CA ASN A 86 17.99 -16.27 -21.81
C ASN A 86 18.99 -15.67 -22.79
N ARG A 87 19.38 -16.49 -23.77
CA ARG A 87 20.31 -16.08 -24.85
C ARG A 87 19.63 -16.05 -26.23
N ALA A 1 -9.53 11.29 7.22
CA ALA A 1 -10.27 11.35 8.50
C ALA A 1 -9.95 12.59 9.38
N VAL A 2 -8.78 12.60 10.04
CA VAL A 2 -8.31 13.75 10.84
C VAL A 2 -6.81 13.64 11.22
N ASN A 3 -6.00 13.36 10.20
CA ASN A 3 -4.53 13.18 10.33
C ASN A 3 -3.74 14.51 10.37
N VAL A 4 -4.34 15.51 11.01
CA VAL A 4 -3.83 16.90 11.10
C VAL A 4 -2.46 17.03 11.80
N GLU A 5 -2.29 16.27 12.89
CA GLU A 5 -1.05 16.20 13.69
C GLU A 5 -1.08 14.96 14.60
N LYS A 6 -0.78 13.83 13.97
CA LYS A 6 -0.78 12.49 14.60
C LYS A 6 -0.22 11.43 13.63
N GLN A 7 -1.11 10.76 12.88
CA GLN A 7 -0.80 9.61 12.00
C GLN A 7 -2.06 9.00 11.36
N LYS A 8 -3.09 8.78 12.19
CA LYS A 8 -4.32 8.04 11.89
C LYS A 8 -4.03 6.54 11.60
N PRO A 9 -3.95 5.74 12.67
CA PRO A 9 -3.71 4.29 12.58
C PRO A 9 -4.98 3.55 12.12
N ALA A 10 -4.92 3.05 10.90
CA ALA A 10 -6.00 2.28 10.26
C ALA A 10 -6.16 0.84 10.79
N VAL A 11 -6.18 0.77 12.13
CA VAL A 11 -6.22 -0.46 12.95
C VAL A 11 -5.00 -1.36 12.59
N SER A 12 -4.98 -2.59 13.11
CA SER A 12 -4.00 -3.63 12.77
C SER A 12 -4.38 -4.30 11.43
N VAL A 13 -3.34 -4.57 10.64
CA VAL A 13 -3.36 -5.34 9.36
C VAL A 13 -4.69 -6.03 9.01
N ARG A 14 -4.96 -7.19 9.61
CA ARG A 14 -6.17 -8.04 9.44
C ARG A 14 -7.00 -7.79 8.16
N LYS A 15 -7.99 -6.89 8.22
CA LYS A 15 -8.81 -6.51 7.06
C LYS A 15 -8.42 -5.13 6.50
N SER A 16 -7.15 -5.06 6.11
CA SER A 16 -6.53 -3.92 5.40
C SER A 16 -7.27 -3.61 4.09
N VAL A 17 -7.67 -4.69 3.43
CA VAL A 17 -8.67 -4.69 2.35
C VAL A 17 -10.10 -4.66 2.92
N GLN A 18 -10.87 -3.76 2.34
CA GLN A 18 -12.31 -3.58 2.65
C GLN A 18 -13.11 -3.70 1.32
N ASP A 19 -14.32 -3.13 1.22
CA ASP A 19 -15.15 -3.20 0.00
C ASP A 19 -14.57 -2.43 -1.21
N ASP A 20 -13.63 -3.07 -1.89
CA ASP A 20 -12.82 -2.50 -2.99
C ASP A 20 -12.08 -1.19 -2.66
N HIS A 21 -11.74 -1.06 -1.38
CA HIS A 21 -10.95 0.05 -0.83
C HIS A 21 -10.01 -0.49 0.26
N ILE A 22 -8.73 -0.25 0.02
CA ILE A 22 -7.66 -0.54 0.98
C ILE A 22 -7.37 0.74 1.79
N VAL A 23 -7.34 0.54 3.09
CA VAL A 23 -7.23 1.64 4.09
C VAL A 23 -5.78 2.16 4.24
N CYS A 24 -5.63 3.48 4.13
CA CYS A 24 -4.33 4.12 4.10
C CYS A 24 -3.80 4.17 5.54
N LEU A 25 -2.96 3.19 5.88
CA LEU A 25 -2.16 3.28 7.10
C LEU A 25 -1.38 4.61 7.12
N GLU A 26 -1.30 5.20 8.30
CA GLU A 26 -0.71 6.53 8.55
C GLU A 26 -1.39 7.67 7.77
N CYS A 27 -2.69 7.51 7.46
CA CYS A 27 -3.43 8.55 6.78
C CYS A 27 -4.90 8.43 7.16
N GLY A 28 -5.51 7.25 6.97
CA GLY A 28 -6.92 6.99 7.37
C GLY A 28 -7.88 6.81 6.20
N GLY A 29 -7.72 7.64 5.16
CA GLY A 29 -8.51 7.58 3.92
C GLY A 29 -8.39 6.22 3.20
N SER A 30 -9.44 5.84 2.48
CA SER A 30 -9.47 4.55 1.77
C SER A 30 -9.66 4.71 0.25
N PHE A 31 -9.03 3.79 -0.48
CA PHE A 31 -9.00 3.79 -1.96
C PHE A 31 -8.69 2.41 -2.57
N LYS A 32 -9.05 2.25 -3.83
CA LYS A 32 -8.74 1.05 -4.64
C LYS A 32 -7.25 0.80 -4.98
N SER A 33 -6.37 1.75 -4.63
CA SER A 33 -4.93 1.70 -4.96
C SER A 33 -4.02 2.41 -3.95
N LEU A 34 -3.56 1.63 -2.98
CA LEU A 34 -2.55 2.11 -2.01
C LEU A 34 -1.20 2.40 -2.68
N LYS A 35 -0.76 1.58 -3.63
CA LYS A 35 0.52 1.74 -4.35
C LYS A 35 0.68 3.10 -5.06
N ARG A 36 -0.43 3.66 -5.58
CA ARG A 36 -0.45 5.06 -6.03
C ARG A 36 -0.26 6.02 -4.85
N HIS A 37 -1.32 6.22 -4.06
CA HIS A 37 -1.39 7.15 -2.94
C HIS A 37 -0.13 7.01 -2.08
N LEU A 38 0.26 5.79 -1.72
CA LEU A 38 1.47 5.51 -0.93
C LEU A 38 2.69 6.18 -1.56
N THR A 39 3.16 5.66 -2.70
CA THR A 39 4.31 6.20 -3.46
C THR A 39 4.17 7.69 -3.83
N THR A 40 2.94 8.17 -4.02
CA THR A 40 2.61 9.59 -4.24
C THR A 40 2.83 10.50 -3.00
N HIS A 41 2.11 10.22 -1.92
CA HIS A 41 2.09 11.07 -0.71
C HIS A 41 3.20 10.73 0.31
N HIS A 42 2.99 9.66 1.07
CA HIS A 42 3.99 9.04 1.93
C HIS A 42 5.21 8.67 1.09
N SER A 43 5.11 8.45 -0.22
CA SER A 43 6.21 8.01 -1.12
C SER A 43 6.64 6.56 -0.79
N MET A 44 7.83 6.15 -1.27
CA MET A 44 8.47 4.83 -1.03
C MET A 44 7.79 3.65 -1.76
N THR A 45 8.54 2.55 -1.89
CA THR A 45 8.05 1.29 -2.46
C THR A 45 7.03 0.60 -1.54
N PRO A 46 6.06 -0.14 -2.10
CA PRO A 46 5.07 -0.91 -1.31
C PRO A 46 5.68 -1.84 -0.26
N GLU A 47 6.73 -2.58 -0.65
CA GLU A 47 7.51 -3.42 0.30
C GLU A 47 8.24 -2.64 1.40
N GLU A 48 8.88 -1.52 1.07
CA GLU A 48 9.52 -0.66 2.10
C GLU A 48 8.49 -0.16 3.12
N TYR A 49 7.34 0.25 2.60
CA TYR A 49 6.19 0.70 3.40
C TYR A 49 5.65 -0.36 4.38
N ARG A 50 5.60 -1.63 3.94
CA ARG A 50 5.14 -2.71 4.83
C ARG A 50 5.98 -2.79 6.13
N GLU A 51 7.29 -2.55 6.01
CA GLU A 51 8.23 -2.57 7.15
C GLU A 51 7.89 -1.49 8.19
N LYS A 52 7.46 -0.31 7.71
CA LYS A 52 7.05 0.83 8.57
C LYS A 52 5.98 0.42 9.61
N TRP A 53 4.92 -0.21 9.14
CA TRP A 53 3.84 -0.74 10.01
C TRP A 53 4.00 -2.22 10.39
N ASP A 54 5.17 -2.78 10.09
CA ASP A 54 5.53 -4.21 10.28
C ASP A 54 4.52 -5.21 9.68
N LEU A 55 3.89 -4.81 8.58
CA LEU A 55 2.79 -5.55 7.91
C LEU A 55 3.16 -6.99 7.48
N PRO A 56 2.60 -8.01 8.17
CA PRO A 56 2.87 -9.42 7.87
C PRO A 56 2.50 -9.78 6.42
N VAL A 57 3.28 -10.73 5.90
CA VAL A 57 3.28 -11.20 4.50
C VAL A 57 3.46 -10.09 3.42
N ASP A 58 3.99 -8.93 3.84
CA ASP A 58 4.14 -7.73 2.98
C ASP A 58 2.88 -7.43 2.16
N TYR A 59 1.78 -7.30 2.90
CA TYR A 59 0.40 -7.13 2.40
C TYR A 59 0.34 -6.22 1.15
N PRO A 60 -0.32 -6.67 0.08
CA PRO A 60 -0.35 -5.93 -1.21
C PRO A 60 -0.94 -4.53 -1.07
N MET A 61 -0.34 -3.61 -1.82
CA MET A 61 -0.81 -2.21 -1.87
C MET A 61 -1.76 -1.93 -3.05
N VAL A 62 -2.46 -2.95 -3.52
CA VAL A 62 -3.38 -2.83 -4.67
C VAL A 62 -4.74 -3.42 -4.28
N ALA A 63 -5.80 -3.01 -4.98
CA ALA A 63 -7.18 -3.53 -4.81
C ALA A 63 -7.21 -5.05 -4.53
N PRO A 64 -8.13 -5.52 -3.65
CA PRO A 64 -8.18 -6.90 -3.14
C PRO A 64 -7.88 -8.01 -4.16
N ALA A 65 -8.57 -7.97 -5.30
CA ALA A 65 -8.32 -8.88 -6.43
C ALA A 65 -8.16 -8.09 -7.75
N TYR A 66 -7.24 -7.13 -7.74
CA TYR A 66 -6.93 -6.29 -8.92
C TYR A 66 -6.55 -7.16 -10.13
N ALA A 67 -5.41 -7.84 -10.01
CA ALA A 67 -4.89 -8.89 -10.91
C ALA A 67 -3.54 -9.39 -10.33
N GLU A 68 -3.69 -10.19 -9.27
CA GLU A 68 -2.62 -10.80 -8.45
C GLU A 68 -3.25 -11.55 -7.25
N ALA A 69 -2.40 -12.09 -6.37
CA ALA A 69 -2.78 -12.82 -5.14
C ALA A 69 -3.79 -13.97 -5.38
N ARG A 70 -3.20 -15.09 -5.77
CA ARG A 70 -3.92 -16.32 -6.16
C ARG A 70 -3.26 -17.56 -5.54
N SER A 71 -2.05 -17.81 -6.04
CA SER A 71 -1.15 -18.94 -5.69
C SER A 71 0.22 -18.62 -6.31
N ARG A 72 0.21 -18.52 -7.64
CA ARG A 72 1.35 -17.99 -8.41
C ARG A 72 1.11 -16.55 -8.84
N LEU A 73 1.51 -15.68 -7.92
CA LEU A 73 1.60 -14.23 -8.16
C LEU A 73 3.08 -13.83 -8.33
N ALA A 74 3.39 -12.54 -8.17
CA ALA A 74 4.78 -12.07 -8.19
C ALA A 74 5.12 -11.45 -6.82
N LYS A 75 5.60 -12.35 -5.96
CA LYS A 75 6.17 -11.99 -4.65
C LYS A 75 7.56 -11.35 -4.84
N GLU A 76 7.93 -10.48 -3.89
CA GLU A 76 9.11 -9.60 -3.92
C GLU A 76 8.88 -8.38 -4.85
N MET A 77 9.78 -7.39 -4.76
CA MET A 77 9.70 -6.14 -5.54
C MET A 77 9.85 -6.33 -7.07
N GLY A 78 8.97 -5.62 -7.78
CA GLY A 78 9.01 -5.52 -9.27
C GLY A 78 10.14 -4.62 -9.81
N LEU A 79 10.43 -3.55 -9.07
CA LEU A 79 11.46 -2.55 -9.42
C LEU A 79 12.41 -2.30 -8.25
N GLY A 80 13.67 -2.04 -8.61
CA GLY A 80 14.74 -1.67 -7.65
C GLY A 80 14.48 -0.34 -6.95
N GLN A 81 14.92 0.73 -7.61
CA GLN A 81 14.83 2.13 -7.12
C GLN A 81 14.52 3.11 -8.26
N ARG A 82 13.95 4.25 -7.89
CA ARG A 82 13.58 5.32 -8.85
C ARG A 82 13.76 6.70 -8.19
N ARG A 83 14.21 7.67 -9.00
CA ARG A 83 14.49 9.06 -8.58
C ARG A 83 14.59 9.99 -9.80
N LYS A 84 13.52 10.75 -10.03
CA LYS A 84 13.49 11.73 -11.13
C LYS A 84 13.13 13.15 -10.61
N ALA A 85 14.09 13.72 -9.87
CA ALA A 85 14.02 15.04 -9.20
C ALA A 85 12.82 15.22 -8.25
N ASN A 86 11.63 15.44 -8.83
CA ASN A 86 10.36 15.69 -8.12
C ASN A 86 9.16 15.73 -9.08
N ARG A 87 9.30 16.50 -10.16
CA ARG A 87 8.30 16.58 -11.25
C ARG A 87 8.32 15.34 -12.17
N ALA A 1 2.90 19.83 13.62
CA ALA A 1 2.57 20.17 12.23
C ALA A 1 2.16 18.95 11.36
N VAL A 2 2.38 19.01 10.03
CA VAL A 2 2.06 17.94 9.05
C VAL A 2 0.60 17.46 9.15
N ASN A 3 0.31 16.18 8.90
CA ASN A 3 -1.04 15.56 9.00
C ASN A 3 -2.10 16.24 8.11
N VAL A 4 -2.11 15.81 6.85
CA VAL A 4 -3.06 16.31 5.82
C VAL A 4 -4.54 16.22 6.25
N GLU A 5 -4.86 15.13 6.95
CA GLU A 5 -6.14 14.89 7.64
C GLU A 5 -5.85 13.97 8.83
N LYS A 6 -5.56 14.60 9.96
CA LYS A 6 -5.13 13.98 11.25
C LYS A 6 -4.71 12.50 11.14
N GLN A 7 -3.45 12.31 10.73
CA GLN A 7 -2.93 11.01 10.25
C GLN A 7 -3.11 9.84 11.23
N LYS A 8 -4.11 9.02 10.89
CA LYS A 8 -4.52 7.87 11.72
C LYS A 8 -4.09 6.48 11.19
N PRO A 9 -3.85 5.52 12.09
CA PRO A 9 -3.57 4.11 11.72
C PRO A 9 -4.76 3.45 11.00
N ALA A 10 -4.42 2.60 10.06
CA ALA A 10 -5.39 1.87 9.20
C ALA A 10 -5.91 0.57 9.85
N VAL A 11 -6.19 0.67 11.15
CA VAL A 11 -6.54 -0.46 12.04
C VAL A 11 -5.37 -1.48 11.98
N SER A 12 -5.66 -2.77 12.10
CA SER A 12 -4.67 -3.85 11.90
C SER A 12 -4.86 -4.48 10.52
N VAL A 13 -3.72 -4.70 9.89
CA VAL A 13 -3.50 -5.42 8.61
C VAL A 13 -4.54 -6.52 8.26
N ARG A 14 -4.93 -7.28 9.28
CA ARG A 14 -5.94 -8.37 9.21
C ARG A 14 -7.19 -7.97 8.40
N LYS A 15 -7.62 -6.72 8.57
CA LYS A 15 -8.72 -6.11 7.78
C LYS A 15 -8.37 -4.74 7.15
N SER A 16 -7.18 -4.68 6.55
CA SER A 16 -6.81 -3.52 5.69
C SER A 16 -7.62 -3.44 4.38
N VAL A 17 -8.11 -4.59 3.94
CA VAL A 17 -9.06 -4.74 2.81
C VAL A 17 -10.51 -4.60 3.30
N GLN A 18 -11.23 -3.74 2.59
CA GLN A 18 -12.67 -3.49 2.79
C GLN A 18 -13.42 -3.75 1.47
N ASP A 19 -14.67 -3.26 1.37
CA ASP A 19 -15.52 -3.39 0.15
C ASP A 19 -14.97 -2.61 -1.06
N ASP A 20 -14.05 -3.23 -1.78
CA ASP A 20 -13.30 -2.64 -2.91
C ASP A 20 -12.55 -1.34 -2.62
N HIS A 21 -12.09 -1.23 -1.37
CA HIS A 21 -11.27 -0.10 -0.89
C HIS A 21 -10.29 -0.56 0.19
N ILE A 22 -9.02 -0.30 -0.09
CA ILE A 22 -7.89 -0.60 0.82
C ILE A 22 -7.56 0.69 1.60
N VAL A 23 -7.53 0.51 2.92
CA VAL A 23 -7.31 1.62 3.88
C VAL A 23 -5.85 2.08 3.97
N CYS A 24 -5.66 3.39 3.86
CA CYS A 24 -4.34 4.00 3.82
C CYS A 24 -3.77 4.02 5.24
N LEU A 25 -2.71 3.25 5.39
CA LEU A 25 -1.90 3.24 6.61
C LEU A 25 -1.23 4.62 6.78
N GLU A 26 -1.37 5.16 7.99
CA GLU A 26 -0.94 6.52 8.40
C GLU A 26 -1.68 7.65 7.64
N CYS A 27 -2.93 7.39 7.26
CA CYS A 27 -3.75 8.36 6.56
C CYS A 27 -5.21 8.13 6.97
N GLY A 28 -5.71 6.90 6.82
CA GLY A 28 -7.09 6.54 7.23
C GLY A 28 -8.05 6.43 6.03
N GLY A 29 -7.92 7.39 5.11
CA GLY A 29 -8.68 7.39 3.83
C GLY A 29 -8.50 6.09 3.04
N SER A 30 -9.57 5.68 2.38
CA SER A 30 -9.62 4.42 1.60
C SER A 30 -9.88 4.64 0.10
N PHE A 31 -9.34 3.70 -0.68
CA PHE A 31 -9.34 3.74 -2.16
C PHE A 31 -8.99 2.39 -2.82
N LYS A 32 -9.19 2.32 -4.13
CA LYS A 32 -8.80 1.15 -4.95
C LYS A 32 -7.28 0.99 -5.17
N SER A 33 -6.52 2.08 -5.11
CA SER A 33 -5.06 2.04 -5.27
C SER A 33 -4.30 2.79 -4.17
N LEU A 34 -3.39 2.06 -3.53
CA LEU A 34 -2.47 2.66 -2.54
C LEU A 34 -1.02 2.77 -3.04
N LYS A 35 -0.56 1.80 -3.84
CA LYS A 35 0.80 1.85 -4.44
C LYS A 35 1.21 3.20 -5.06
N ARG A 36 0.27 3.85 -5.77
CA ARG A 36 0.40 5.28 -6.15
C ARG A 36 0.39 6.23 -4.94
N HIS A 37 -0.77 6.39 -4.29
CA HIS A 37 -1.07 7.32 -3.22
C HIS A 37 0.12 7.37 -2.25
N LEU A 38 0.59 6.19 -1.84
CA LEU A 38 1.74 5.99 -0.95
C LEU A 38 2.97 6.71 -1.51
N THR A 39 3.55 6.19 -2.59
CA THR A 39 4.74 6.76 -3.27
C THR A 39 4.58 8.25 -3.68
N THR A 40 3.36 8.66 -4.02
CA THR A 40 3.00 10.07 -4.32
C THR A 40 3.07 11.01 -3.09
N HIS A 41 2.52 10.58 -1.95
CA HIS A 41 2.42 11.43 -0.74
C HIS A 41 3.35 10.93 0.39
N HIS A 42 2.98 9.81 1.02
CA HIS A 42 3.81 9.09 1.96
C HIS A 42 5.15 8.77 1.32
N SER A 43 5.31 8.82 0.00
CA SER A 43 6.56 8.51 -0.75
C SER A 43 6.93 7.02 -0.58
N MET A 44 8.12 6.61 -1.03
CA MET A 44 8.67 5.24 -0.84
C MET A 44 7.91 4.12 -1.59
N THR A 45 8.62 3.01 -1.80
CA THR A 45 8.06 1.80 -2.46
C THR A 45 7.05 1.07 -1.54
N PRO A 46 6.00 0.45 -2.12
CA PRO A 46 4.96 -0.25 -1.35
C PRO A 46 5.49 -1.35 -0.40
N GLU A 47 6.39 -2.20 -0.89
CA GLU A 47 7.07 -3.18 -0.01
C GLU A 47 7.96 -2.58 1.09
N GLU A 48 8.65 -1.47 0.83
CA GLU A 48 9.40 -0.76 1.89
C GLU A 48 8.45 -0.31 3.02
N TYR A 49 7.29 0.20 2.60
CA TYR A 49 6.21 0.64 3.52
C TYR A 49 5.66 -0.48 4.42
N ARG A 50 5.62 -1.71 3.91
CA ARG A 50 5.21 -2.87 4.73
C ARG A 50 6.11 -3.04 5.97
N GLU A 51 7.42 -2.78 5.81
CA GLU A 51 8.41 -2.84 6.91
C GLU A 51 8.07 -1.85 8.03
N LYS A 52 7.68 -0.63 7.65
CA LYS A 52 7.28 0.45 8.58
C LYS A 52 6.19 0.00 9.58
N TRP A 53 5.17 -0.67 9.02
CA TRP A 53 4.05 -1.22 9.81
C TRP A 53 4.20 -2.70 10.20
N ASP A 54 5.41 -3.25 10.00
CA ASP A 54 5.77 -4.67 10.26
C ASP A 54 4.82 -5.70 9.61
N LEU A 55 4.28 -5.31 8.45
CA LEU A 55 3.17 -5.99 7.76
C LEU A 55 3.45 -7.44 7.34
N PRO A 56 2.78 -8.41 7.99
CA PRO A 56 2.98 -9.85 7.73
C PRO A 56 2.73 -10.21 6.26
N VAL A 57 3.58 -11.13 5.81
CA VAL A 57 3.67 -11.62 4.42
C VAL A 57 3.73 -10.53 3.32
N ASP A 58 4.27 -9.36 3.70
CA ASP A 58 4.37 -8.16 2.85
C ASP A 58 3.04 -7.74 2.18
N TYR A 59 1.98 -7.87 2.97
CA TYR A 59 0.56 -7.61 2.62
C TYR A 59 0.31 -6.60 1.48
N PRO A 60 -0.46 -7.00 0.47
CA PRO A 60 -0.76 -6.15 -0.70
C PRO A 60 -1.58 -4.91 -0.36
N MET A 61 -1.08 -3.80 -0.88
CA MET A 61 -1.67 -2.46 -0.67
C MET A 61 -2.27 -1.84 -1.95
N VAL A 62 -3.12 -2.67 -2.54
CA VAL A 62 -3.94 -2.32 -3.73
C VAL A 62 -5.35 -2.92 -3.49
N ALA A 63 -6.29 -2.67 -4.40
CA ALA A 63 -7.66 -3.23 -4.37
C ALA A 63 -7.69 -4.74 -4.00
N PRO A 64 -8.69 -5.18 -3.23
CA PRO A 64 -8.77 -6.55 -2.68
C PRO A 64 -8.46 -7.72 -3.63
N ALA A 65 -8.90 -7.59 -4.89
CA ALA A 65 -8.56 -8.55 -5.95
C ALA A 65 -8.05 -7.87 -7.25
N TYR A 66 -7.15 -6.89 -7.08
CA TYR A 66 -6.56 -6.11 -8.20
C TYR A 66 -5.80 -6.98 -9.21
N ALA A 67 -4.94 -7.84 -8.66
CA ALA A 67 -4.00 -8.76 -9.34
C ALA A 67 -3.24 -9.53 -8.25
N GLU A 68 -2.50 -10.56 -8.65
CA GLU A 68 -1.58 -11.34 -7.78
C GLU A 68 -2.37 -12.13 -6.71
N ALA A 69 -1.76 -12.41 -5.56
CA ALA A 69 -2.37 -13.07 -4.37
C ALA A 69 -3.18 -14.34 -4.69
N ARG A 70 -2.44 -15.36 -5.12
CA ARG A 70 -3.01 -16.67 -5.48
C ARG A 70 -2.34 -17.83 -4.71
N SER A 71 -2.25 -19.01 -5.34
CA SER A 71 -1.65 -20.25 -4.81
C SER A 71 -0.33 -20.05 -4.03
N ARG A 72 0.66 -19.44 -4.70
CA ARG A 72 1.95 -19.09 -4.06
C ARG A 72 2.02 -17.59 -3.70
N LEU A 73 0.86 -17.05 -3.31
CA LEU A 73 0.61 -15.64 -3.00
C LEU A 73 1.08 -14.72 -4.14
N ALA A 74 2.17 -13.97 -3.90
CA ALA A 74 2.97 -13.19 -4.86
C ALA A 74 4.14 -12.50 -4.14
N LYS A 75 5.01 -13.35 -3.59
CA LYS A 75 6.22 -12.88 -2.88
C LYS A 75 7.26 -12.38 -3.89
N GLU A 76 8.04 -11.37 -3.44
CA GLU A 76 9.11 -10.63 -4.15
C GLU A 76 8.49 -9.44 -4.92
N MET A 77 8.80 -8.24 -4.42
CA MET A 77 8.27 -6.96 -4.95
C MET A 77 8.50 -6.66 -6.45
N GLY A 78 9.60 -7.19 -6.99
CA GLY A 78 9.92 -7.09 -8.43
C GLY A 78 11.16 -6.22 -8.67
N LEU A 79 12.27 -6.89 -9.00
CA LEU A 79 13.53 -6.22 -9.35
C LEU A 79 13.52 -5.40 -10.65
N GLY A 80 12.85 -5.93 -11.68
CA GLY A 80 12.86 -5.38 -13.05
C GLY A 80 14.26 -5.46 -13.69
N GLN A 81 14.65 -6.68 -14.01
CA GLN A 81 15.95 -6.98 -14.64
C GLN A 81 15.67 -7.58 -16.03
N ARG A 82 16.55 -7.25 -16.97
CA ARG A 82 16.47 -7.59 -18.40
C ARG A 82 15.25 -6.90 -19.07
N ARG A 83 15.32 -6.79 -20.39
CA ARG A 83 14.29 -6.09 -21.20
C ARG A 83 13.65 -7.01 -22.25
N LYS A 84 12.37 -6.75 -22.48
CA LYS A 84 11.55 -7.49 -23.47
C LYS A 84 10.69 -6.53 -24.31
N ALA A 85 10.71 -6.76 -25.62
CA ALA A 85 9.85 -6.03 -26.57
C ALA A 85 9.28 -6.98 -27.64
N ASN A 86 8.16 -7.60 -27.26
CA ASN A 86 7.42 -8.52 -28.15
C ASN A 86 5.94 -8.13 -28.14
N ARG A 87 5.39 -8.04 -29.36
CA ARG A 87 3.98 -7.66 -29.62
C ARG A 87 3.51 -7.96 -31.06
N ALA A 1 2.88 18.11 5.38
CA ALA A 1 4.05 17.23 5.22
C ALA A 1 3.98 15.90 6.03
N VAL A 2 4.34 15.91 7.32
CA VAL A 2 4.28 14.73 8.20
C VAL A 2 3.46 15.03 9.46
N ASN A 3 2.37 14.27 9.60
CA ASN A 3 1.39 14.35 10.70
C ASN A 3 0.87 15.78 10.95
N VAL A 4 -0.04 16.17 10.07
CA VAL A 4 -0.69 17.50 10.12
C VAL A 4 -2.23 17.38 9.98
N GLU A 5 -2.81 16.83 11.05
CA GLU A 5 -4.27 16.56 11.18
C GLU A 5 -4.89 15.77 10.01
N LYS A 6 -4.55 14.48 9.97
CA LYS A 6 -4.95 13.48 8.95
C LYS A 6 -4.37 12.09 9.22
N GLN A 7 -3.04 12.03 9.29
CA GLN A 7 -2.24 10.81 9.53
C GLN A 7 -2.67 10.01 10.78
N LYS A 8 -3.49 8.99 10.54
CA LYS A 8 -4.07 8.11 11.58
C LYS A 8 -3.87 6.60 11.32
N PRO A 9 -3.75 5.77 12.37
CA PRO A 9 -3.68 4.30 12.23
C PRO A 9 -5.00 3.70 11.73
N ALA A 10 -4.92 3.10 10.55
CA ALA A 10 -6.10 2.57 9.85
C ALA A 10 -6.32 1.06 10.14
N VAL A 11 -6.38 0.77 11.44
CA VAL A 11 -6.49 -0.59 12.00
C VAL A 11 -5.26 -1.43 11.55
N SER A 12 -5.15 -2.64 12.08
CA SER A 12 -4.15 -3.64 11.63
C SER A 12 -4.49 -4.19 10.24
N VAL A 13 -3.42 -4.57 9.54
CA VAL A 13 -3.39 -5.35 8.29
C VAL A 13 -4.52 -6.41 8.14
N ARG A 14 -4.85 -7.05 9.27
CA ARG A 14 -5.96 -8.01 9.43
C ARG A 14 -7.23 -7.60 8.68
N LYS A 15 -7.56 -6.31 8.74
CA LYS A 15 -8.62 -5.68 7.92
C LYS A 15 -8.14 -4.42 7.17
N SER A 16 -7.10 -4.60 6.36
CA SER A 16 -6.72 -3.56 5.37
C SER A 16 -7.56 -3.61 4.08
N VAL A 17 -8.00 -4.83 3.74
CA VAL A 17 -9.00 -5.11 2.69
C VAL A 17 -10.41 -4.72 3.18
N GLN A 18 -11.09 -3.93 2.35
CA GLN A 18 -12.52 -3.62 2.50
C GLN A 18 -13.26 -3.91 1.17
N ASP A 19 -14.51 -3.47 1.05
CA ASP A 19 -15.33 -3.56 -0.19
C ASP A 19 -14.76 -2.73 -1.37
N ASP A 20 -13.81 -3.35 -2.08
CA ASP A 20 -13.06 -2.76 -3.21
C ASP A 20 -12.32 -1.43 -2.92
N HIS A 21 -11.98 -1.26 -1.65
CA HIS A 21 -11.17 -0.14 -1.16
C HIS A 21 -10.21 -0.65 -0.08
N ILE A 22 -8.97 -0.23 -0.26
CA ILE A 22 -7.85 -0.56 0.66
C ILE A 22 -7.53 0.70 1.49
N VAL A 23 -7.53 0.49 2.80
CA VAL A 23 -7.42 1.57 3.79
C VAL A 23 -5.97 2.08 3.94
N CYS A 24 -5.82 3.41 3.93
CA CYS A 24 -4.51 4.05 3.93
C CYS A 24 -3.96 4.01 5.36
N LEU A 25 -3.01 3.11 5.59
CA LEU A 25 -2.27 3.12 6.85
C LEU A 25 -1.52 4.46 7.02
N GLU A 26 -1.60 4.96 8.25
CA GLU A 26 -1.09 6.28 8.68
C GLU A 26 -1.75 7.48 7.95
N CYS A 27 -2.99 7.32 7.49
CA CYS A 27 -3.72 8.38 6.81
C CYS A 27 -5.20 8.26 7.18
N GLY A 28 -5.79 7.07 6.93
CA GLY A 28 -7.21 6.79 7.26
C GLY A 28 -8.10 6.62 6.03
N GLY A 29 -7.95 7.54 5.06
CA GLY A 29 -8.69 7.52 3.78
C GLY A 29 -8.56 6.19 3.02
N SER A 30 -9.57 5.87 2.24
CA SER A 30 -9.63 4.61 1.47
C SER A 30 -9.73 4.83 -0.04
N PHE A 31 -9.15 3.87 -0.76
CA PHE A 31 -9.00 3.91 -2.24
C PHE A 31 -8.73 2.54 -2.87
N LYS A 32 -8.86 2.47 -4.19
CA LYS A 32 -8.49 1.27 -4.97
C LYS A 32 -6.98 0.97 -5.09
N SER A 33 -6.13 1.94 -4.76
CA SER A 33 -4.67 1.84 -4.95
C SER A 33 -3.80 2.60 -3.93
N LEU A 34 -3.45 1.88 -2.86
CA LEU A 34 -2.54 2.39 -1.82
C LEU A 34 -1.13 2.65 -2.38
N LYS A 35 -0.63 1.72 -3.19
CA LYS A 35 0.69 1.79 -3.85
C LYS A 35 1.01 3.12 -4.56
N ARG A 36 0.00 3.72 -5.18
CA ARG A 36 0.11 5.06 -5.79
C ARG A 36 0.15 6.15 -4.69
N HIS A 37 -0.98 6.34 -4.00
CA HIS A 37 -1.17 7.32 -2.95
C HIS A 37 0.04 7.29 -2.01
N LEU A 38 0.47 6.09 -1.60
CA LEU A 38 1.63 5.87 -0.73
C LEU A 38 2.87 6.62 -1.28
N THR A 39 3.42 6.12 -2.38
CA THR A 39 4.57 6.73 -3.09
C THR A 39 4.35 8.21 -3.47
N THR A 40 3.11 8.61 -3.74
CA THR A 40 2.69 10.01 -3.99
C THR A 40 2.83 10.95 -2.78
N HIS A 41 2.27 10.55 -1.63
CA HIS A 41 2.20 11.40 -0.42
C HIS A 41 3.22 11.00 0.67
N HIS A 42 2.97 9.86 1.30
CA HIS A 42 3.89 9.20 2.21
C HIS A 42 5.19 8.88 1.48
N SER A 43 5.24 8.86 0.15
CA SER A 43 6.43 8.51 -0.67
C SER A 43 6.87 7.06 -0.39
N MET A 44 8.02 6.66 -0.91
CA MET A 44 8.68 5.33 -0.68
C MET A 44 7.98 4.15 -1.37
N THR A 45 8.80 3.13 -1.64
CA THR A 45 8.35 1.87 -2.28
C THR A 45 7.41 1.04 -1.36
N PRO A 46 6.46 0.30 -1.95
CA PRO A 46 5.49 -0.53 -1.21
C PRO A 46 6.12 -1.52 -0.22
N GLU A 47 7.14 -2.25 -0.66
CA GLU A 47 7.92 -3.16 0.21
C GLU A 47 8.66 -2.47 1.37
N GLU A 48 9.25 -1.30 1.12
CA GLU A 48 9.87 -0.47 2.18
C GLU A 48 8.81 -0.07 3.23
N TYR A 49 7.65 0.35 2.73
CA TYR A 49 6.49 0.74 3.55
C TYR A 49 5.94 -0.40 4.44
N ARG A 50 5.92 -1.63 3.93
CA ARG A 50 5.50 -2.79 4.75
C ARG A 50 6.34 -2.94 6.02
N GLU A 51 7.64 -2.63 5.92
CA GLU A 51 8.59 -2.66 7.04
C GLU A 51 8.23 -1.67 8.16
N LYS A 52 7.78 -0.46 7.76
CA LYS A 52 7.28 0.59 8.67
C LYS A 52 6.17 0.07 9.62
N TRP A 53 5.16 -0.54 9.02
CA TRP A 53 4.03 -1.15 9.77
C TRP A 53 4.24 -2.62 10.19
N ASP A 54 5.45 -3.14 9.96
CA ASP A 54 5.84 -4.56 10.20
C ASP A 54 4.89 -5.58 9.52
N LEU A 55 4.32 -5.15 8.40
CA LEU A 55 3.19 -5.81 7.71
C LEU A 55 3.50 -7.22 7.17
N PRO A 56 2.92 -8.25 7.80
CA PRO A 56 3.17 -9.66 7.45
C PRO A 56 2.87 -9.97 5.97
N VAL A 57 3.67 -10.89 5.46
CA VAL A 57 3.71 -11.33 4.04
C VAL A 57 3.81 -10.18 3.00
N ASP A 58 4.41 -9.07 3.44
CA ASP A 58 4.54 -7.81 2.66
C ASP A 58 3.22 -7.33 1.99
N TYR A 59 2.13 -7.54 2.73
CA TYR A 59 0.73 -7.24 2.35
C TYR A 59 0.52 -6.30 1.14
N PRO A 60 -0.22 -6.77 0.12
CA PRO A 60 -0.47 -6.00 -1.11
C PRO A 60 -1.22 -4.69 -0.86
N MET A 61 -0.76 -3.67 -1.58
CA MET A 61 -1.31 -2.31 -1.49
C MET A 61 -2.05 -1.83 -2.76
N VAL A 62 -2.80 -2.77 -3.33
CA VAL A 62 -3.63 -2.56 -4.53
C VAL A 62 -5.00 -3.24 -4.24
N ALA A 63 -6.04 -2.81 -4.95
CA ALA A 63 -7.41 -3.38 -4.89
C ALA A 63 -7.46 -4.86 -4.45
N PRO A 64 -8.40 -5.21 -3.55
CA PRO A 64 -8.45 -6.53 -2.88
C PRO A 64 -8.32 -7.77 -3.79
N ALA A 65 -8.87 -7.70 -4.99
CA ALA A 65 -8.75 -8.80 -5.99
C ALA A 65 -8.08 -8.41 -7.32
N TYR A 66 -7.26 -7.36 -7.30
CA TYR A 66 -6.64 -6.74 -8.51
C TYR A 66 -5.98 -7.73 -9.48
N ALA A 67 -5.21 -8.66 -8.93
CA ALA A 67 -4.58 -9.77 -9.68
C ALA A 67 -4.71 -11.11 -8.93
N GLU A 68 -5.92 -11.36 -8.44
CA GLU A 68 -6.34 -12.55 -7.63
C GLU A 68 -5.39 -12.92 -6.46
N ALA A 69 -4.67 -11.92 -5.96
CA ALA A 69 -3.52 -12.07 -5.04
C ALA A 69 -2.55 -13.24 -5.36
N ARG A 70 -2.31 -13.45 -6.66
CA ARG A 70 -1.53 -14.58 -7.22
C ARG A 70 -0.15 -14.83 -6.58
N SER A 71 0.55 -13.74 -6.26
CA SER A 71 1.90 -13.71 -5.67
C SER A 71 2.30 -12.22 -5.50
N ARG A 72 3.16 -11.73 -6.39
CA ARG A 72 3.63 -10.33 -6.45
C ARG A 72 2.63 -9.31 -7.02
N LEU A 73 1.37 -9.73 -7.14
CA LEU A 73 0.27 -9.05 -7.86
C LEU A 73 0.59 -8.63 -9.30
N ALA A 74 1.37 -7.55 -9.44
CA ALA A 74 1.76 -6.89 -10.71
C ALA A 74 2.78 -5.78 -10.40
N LYS A 75 3.22 -5.04 -11.43
CA LYS A 75 4.14 -3.87 -11.34
C LYS A 75 5.26 -4.03 -10.29
N GLU A 76 6.15 -4.95 -10.64
CA GLU A 76 7.23 -5.45 -9.75
C GLU A 76 8.20 -4.32 -9.35
N MET A 77 8.03 -3.90 -8.10
CA MET A 77 8.67 -2.73 -7.44
C MET A 77 8.47 -1.38 -8.17
N GLY A 78 7.34 -1.29 -8.90
CA GLY A 78 7.01 -0.12 -9.74
C GLY A 78 7.30 -0.44 -11.21
N LEU A 79 7.74 0.62 -11.90
CA LEU A 79 8.10 0.60 -13.34
C LEU A 79 9.12 1.70 -13.68
N GLY A 80 8.80 2.93 -13.26
CA GLY A 80 9.65 4.12 -13.47
C GLY A 80 9.68 4.54 -14.95
N GLN A 81 10.76 4.11 -15.62
CA GLN A 81 11.05 4.49 -17.02
C GLN A 81 11.29 3.31 -17.98
N ARG A 82 10.60 2.20 -17.72
CA ARG A 82 10.72 0.96 -18.52
C ARG A 82 9.38 0.42 -19.04
N ARG A 83 8.40 0.29 -18.12
CA ARG A 83 7.00 -0.12 -18.37
C ARG A 83 6.86 -1.38 -19.25
N LYS A 84 6.62 -1.20 -20.54
CA LYS A 84 6.75 -2.21 -21.60
C LYS A 84 6.68 -1.50 -22.96
N ALA A 85 7.63 -1.83 -23.81
CA ALA A 85 7.82 -1.15 -25.12
C ALA A 85 7.36 -2.06 -26.26
N ASN A 86 6.16 -1.73 -26.74
CA ASN A 86 5.37 -2.48 -27.75
C ASN A 86 4.92 -3.83 -27.17
N ARG A 87 3.59 -4.03 -27.19
CA ARG A 87 2.90 -5.17 -26.52
C ARG A 87 3.42 -5.52 -25.10
N ALA A 1 -5.20 18.92 7.99
CA ALA A 1 -4.26 19.13 6.86
C ALA A 1 -3.06 18.15 6.82
N VAL A 2 -2.32 18.06 7.92
CA VAL A 2 -1.21 17.09 8.09
C VAL A 2 -1.29 16.45 9.49
N ASN A 3 -1.42 15.12 9.49
CA ASN A 3 -1.56 14.29 10.71
C ASN A 3 -2.69 14.75 11.63
N VAL A 4 -3.90 14.27 11.33
CA VAL A 4 -5.14 14.67 12.04
C VAL A 4 -5.08 14.54 13.58
N GLU A 5 -4.45 13.47 14.05
CA GLU A 5 -4.15 13.27 15.48
C GLU A 5 -2.97 12.29 15.62
N LYS A 6 -1.79 12.84 15.33
CA LYS A 6 -0.49 12.14 15.28
C LYS A 6 -0.56 10.85 14.46
N GLN A 7 -0.50 11.02 13.13
CA GLN A 7 -0.73 9.96 12.12
C GLN A 7 -2.13 9.34 12.26
N LYS A 8 -2.51 8.48 11.31
CA LYS A 8 -3.77 7.73 11.43
C LYS A 8 -3.66 6.20 11.22
N PRO A 9 -3.59 5.44 12.31
CA PRO A 9 -3.52 3.95 12.27
C PRO A 9 -4.84 3.32 11.78
N ALA A 10 -4.84 2.98 10.50
CA ALA A 10 -5.99 2.31 9.84
C ALA A 10 -6.00 0.80 10.15
N VAL A 11 -6.23 0.55 11.43
CA VAL A 11 -6.24 -0.79 12.09
C VAL A 11 -5.01 -1.66 11.73
N SER A 12 -5.20 -2.97 11.79
CA SER A 12 -4.21 -3.97 11.35
C SER A 12 -4.64 -4.55 9.98
N VAL A 13 -3.62 -5.05 9.28
CA VAL A 13 -3.72 -5.79 7.99
C VAL A 13 -4.93 -6.74 7.87
N ARG A 14 -5.33 -7.32 9.01
CA ARG A 14 -6.51 -8.19 9.15
C ARG A 14 -7.79 -7.66 8.47
N LYS A 15 -7.93 -6.33 8.40
CA LYS A 15 -9.02 -5.71 7.62
C LYS A 15 -8.58 -4.60 6.63
N SER A 16 -7.37 -4.74 6.09
CA SER A 16 -6.90 -3.85 4.99
C SER A 16 -7.72 -4.00 3.71
N VAL A 17 -8.18 -5.23 3.49
CA VAL A 17 -9.17 -5.63 2.45
C VAL A 17 -10.58 -5.18 2.89
N GLN A 18 -11.13 -4.25 2.11
CA GLN A 18 -12.53 -3.80 2.27
C GLN A 18 -13.30 -3.94 0.94
N ASP A 19 -14.53 -3.43 0.88
CA ASP A 19 -15.40 -3.49 -0.33
C ASP A 19 -14.89 -2.61 -1.50
N ASP A 20 -13.92 -3.15 -2.23
CA ASP A 20 -13.19 -2.47 -3.33
C ASP A 20 -12.52 -1.15 -2.90
N HIS A 21 -12.00 -1.15 -1.68
CA HIS A 21 -11.22 -0.04 -1.09
C HIS A 21 -10.25 -0.60 -0.04
N ILE A 22 -9.01 -0.19 -0.23
CA ILE A 22 -7.86 -0.57 0.61
C ILE A 22 -7.48 0.62 1.51
N VAL A 23 -7.47 0.32 2.81
CA VAL A 23 -7.29 1.33 3.86
C VAL A 23 -5.82 1.76 4.05
N CYS A 24 -5.58 3.08 3.94
CA CYS A 24 -4.26 3.66 3.96
C CYS A 24 -3.77 3.67 5.41
N LEU A 25 -2.83 2.77 5.71
CA LEU A 25 -2.12 2.83 7.01
C LEU A 25 -1.34 4.15 7.12
N GLU A 26 -1.39 4.70 8.32
CA GLU A 26 -0.84 6.03 8.70
C GLU A 26 -1.60 7.25 8.13
N CYS A 27 -2.73 7.02 7.45
CA CYS A 27 -3.43 8.08 6.73
C CYS A 27 -4.91 8.01 7.10
N GLY A 28 -5.53 6.85 6.90
CA GLY A 28 -6.96 6.63 7.24
C GLY A 28 -7.84 6.47 5.98
N GLY A 29 -7.66 7.40 5.03
CA GLY A 29 -8.39 7.40 3.75
C GLY A 29 -8.24 6.07 2.99
N SER A 30 -9.34 5.65 2.36
CA SER A 30 -9.40 4.36 1.65
C SER A 30 -9.81 4.57 0.18
N PHE A 31 -9.28 3.69 -0.66
CA PHE A 31 -9.32 3.81 -2.15
C PHE A 31 -8.99 2.50 -2.87
N LYS A 32 -9.25 2.44 -4.16
CA LYS A 32 -8.88 1.26 -5.00
C LYS A 32 -7.36 1.03 -5.17
N SER A 33 -6.55 2.09 -5.07
CA SER A 33 -5.08 1.97 -5.27
C SER A 33 -4.21 2.78 -4.30
N LEU A 34 -3.79 2.09 -3.25
CA LEU A 34 -2.89 2.65 -2.21
C LEU A 34 -1.48 2.94 -2.75
N LYS A 35 -0.97 2.08 -3.62
CA LYS A 35 0.38 2.13 -4.23
C LYS A 35 0.78 3.55 -4.70
N ARG A 36 0.13 4.05 -5.75
CA ARG A 36 0.28 5.45 -6.21
C ARG A 36 0.29 6.49 -5.07
N HIS A 37 -0.78 6.46 -4.27
CA HIS A 37 -0.99 7.31 -3.10
C HIS A 37 0.26 7.27 -2.21
N LEU A 38 0.69 6.07 -1.88
CA LEU A 38 1.86 5.79 -1.03
C LEU A 38 3.07 6.59 -1.53
N THR A 39 3.54 6.28 -2.74
CA THR A 39 4.69 6.98 -3.38
C THR A 39 4.47 8.50 -3.58
N THR A 40 3.23 8.92 -3.84
CA THR A 40 2.84 10.35 -3.94
C THR A 40 2.94 11.12 -2.60
N HIS A 41 2.31 10.59 -1.56
CA HIS A 41 2.19 11.26 -0.24
C HIS A 41 3.26 10.84 0.77
N HIS A 42 3.06 9.67 1.39
CA HIS A 42 4.05 9.02 2.24
C HIS A 42 5.33 8.77 1.44
N SER A 43 5.32 8.81 0.10
CA SER A 43 6.49 8.52 -0.78
C SER A 43 6.93 7.05 -0.61
N MET A 44 8.08 6.69 -1.19
CA MET A 44 8.71 5.34 -1.07
C MET A 44 7.94 4.20 -1.76
N THR A 45 8.64 3.08 -1.92
CA THR A 45 8.12 1.82 -2.49
C THR A 45 7.20 1.06 -1.51
N PRO A 46 6.19 0.33 -2.01
CA PRO A 46 5.14 -0.28 -1.16
C PRO A 46 5.69 -1.31 -0.14
N GLU A 47 6.59 -2.18 -0.59
CA GLU A 47 7.29 -3.14 0.29
C GLU A 47 8.19 -2.48 1.37
N GLU A 48 8.86 -1.39 1.02
CA GLU A 48 9.67 -0.64 2.01
C GLU A 48 8.76 0.00 3.09
N TYR A 49 7.62 0.53 2.65
CA TYR A 49 6.53 0.98 3.53
C TYR A 49 5.98 -0.13 4.45
N ARG A 50 5.84 -1.35 3.92
CA ARG A 50 5.41 -2.51 4.73
C ARG A 50 6.31 -2.74 5.96
N GLU A 51 7.61 -2.49 5.78
CA GLU A 51 8.61 -2.61 6.86
C GLU A 51 8.38 -1.61 8.02
N LYS A 52 7.93 -0.40 7.70
CA LYS A 52 7.52 0.62 8.70
C LYS A 52 6.43 0.09 9.65
N TRP A 53 5.35 -0.42 9.07
CA TRP A 53 4.24 -1.04 9.83
C TRP A 53 4.47 -2.50 10.24
N ASP A 54 5.69 -3.01 10.03
CA ASP A 54 6.10 -4.42 10.26
C ASP A 54 5.15 -5.44 9.61
N LEU A 55 4.56 -5.03 8.49
CA LEU A 55 3.38 -5.64 7.85
C LEU A 55 3.55 -7.14 7.48
N PRO A 56 2.89 -8.03 8.23
CA PRO A 56 2.92 -9.47 7.95
C PRO A 56 2.36 -9.79 6.55
N VAL A 57 2.96 -10.84 5.98
CA VAL A 57 2.78 -11.32 4.60
C VAL A 57 3.10 -10.28 3.48
N ASP A 58 3.73 -9.17 3.86
CA ASP A 58 4.06 -8.03 2.96
C ASP A 58 2.90 -7.60 2.03
N TYR A 59 1.71 -7.63 2.63
CA TYR A 59 0.40 -7.41 1.99
C TYR A 59 0.38 -6.29 0.92
N PRO A 60 -0.16 -6.60 -0.28
CA PRO A 60 -0.14 -5.69 -1.42
C PRO A 60 -0.92 -4.39 -1.18
N MET A 61 -0.34 -3.30 -1.66
CA MET A 61 -0.95 -1.95 -1.54
C MET A 61 -1.81 -1.56 -2.76
N VAL A 62 -2.55 -2.55 -3.24
CA VAL A 62 -3.42 -2.40 -4.44
C VAL A 62 -4.79 -3.02 -4.11
N ALA A 63 -5.82 -2.57 -4.81
CA ALA A 63 -7.22 -3.06 -4.72
C ALA A 63 -7.35 -4.47 -4.08
N PRO A 64 -8.31 -4.63 -3.15
CA PRO A 64 -8.49 -5.87 -2.38
C PRO A 64 -8.60 -7.17 -3.21
N ALA A 65 -9.05 -7.05 -4.47
CA ALA A 65 -9.06 -8.16 -5.44
C ALA A 65 -8.38 -7.83 -6.80
N TYR A 66 -7.33 -7.01 -6.77
CA TYR A 66 -6.57 -6.57 -7.97
C TYR A 66 -6.00 -7.74 -8.79
N ALA A 67 -5.44 -8.71 -8.07
CA ALA A 67 -4.77 -9.92 -8.59
C ALA A 67 -4.49 -10.85 -7.40
N GLU A 68 -4.37 -12.15 -7.69
CA GLU A 68 -4.06 -13.20 -6.70
C GLU A 68 -2.71 -13.07 -5.95
N ALA A 69 -1.90 -12.08 -6.35
CA ALA A 69 -0.53 -11.83 -5.86
C ALA A 69 0.38 -13.07 -5.83
N ARG A 70 0.85 -13.40 -7.03
CA ARG A 70 1.74 -14.55 -7.26
C ARG A 70 3.03 -14.17 -8.01
N SER A 71 3.70 -15.16 -8.60
CA SER A 71 4.91 -14.97 -9.45
C SER A 71 4.69 -13.89 -10.53
N ARG A 72 3.62 -14.07 -11.30
CA ARG A 72 3.10 -13.04 -12.25
C ARG A 72 2.13 -12.05 -11.57
N LEU A 73 2.63 -11.38 -10.53
CA LEU A 73 1.90 -10.26 -9.88
C LEU A 73 1.94 -9.00 -10.76
N ALA A 74 2.97 -8.18 -10.56
CA ALA A 74 3.30 -6.95 -11.29
C ALA A 74 4.63 -6.41 -10.71
N LYS A 75 5.69 -7.13 -11.04
CA LYS A 75 7.06 -6.76 -10.61
C LYS A 75 7.49 -5.44 -11.28
N GLU A 76 8.64 -4.89 -10.81
CA GLU A 76 9.16 -3.58 -11.23
C GLU A 76 8.24 -2.43 -10.74
N MET A 77 8.44 -2.11 -9.46
CA MET A 77 7.68 -1.12 -8.65
C MET A 77 6.17 -1.32 -8.44
N GLY A 78 5.44 -1.53 -9.55
CA GLY A 78 3.97 -1.60 -9.56
C GLY A 78 3.31 -0.45 -10.37
N LEU A 79 3.96 -0.07 -11.47
CA LEU A 79 3.50 0.97 -12.40
C LEU A 79 4.02 0.72 -13.82
N GLY A 80 3.16 1.01 -14.81
CA GLY A 80 3.49 0.89 -16.24
C GLY A 80 4.38 2.04 -16.72
N GLN A 81 5.69 1.82 -16.61
CA GLN A 81 6.71 2.82 -17.01
C GLN A 81 7.31 2.42 -18.36
N ARG A 82 6.87 3.17 -19.36
CA ARG A 82 7.29 3.03 -20.77
C ARG A 82 7.22 4.42 -21.43
N ARG A 83 8.14 4.68 -22.35
CA ARG A 83 8.13 5.92 -23.15
C ARG A 83 8.29 5.65 -24.65
N LYS A 84 7.28 6.12 -25.39
CA LYS A 84 7.22 6.04 -26.87
C LYS A 84 6.15 6.99 -27.42
N ALA A 85 6.65 8.03 -28.08
CA ALA A 85 5.81 9.10 -28.67
C ALA A 85 6.14 9.31 -30.16
N ASN A 86 5.10 9.65 -30.92
CA ASN A 86 5.19 9.95 -32.36
C ASN A 86 4.65 11.34 -32.71
N ARG A 87 5.24 11.95 -33.74
CA ARG A 87 4.74 13.22 -34.31
C ARG A 87 3.33 13.07 -34.93
N ALA A 1 0.18 15.32 7.86
CA ALA A 1 1.36 15.18 8.75
C ALA A 1 1.12 15.41 10.26
N VAL A 2 0.18 16.30 10.57
CA VAL A 2 -0.24 16.61 11.96
C VAL A 2 -0.87 15.40 12.68
N ASN A 3 -0.17 14.94 13.70
CA ASN A 3 -0.49 13.72 14.47
C ASN A 3 -1.61 13.94 15.51
N VAL A 4 -2.82 14.14 14.98
CA VAL A 4 -4.05 14.45 15.76
C VAL A 4 -4.32 13.52 16.96
N GLU A 5 -4.16 12.22 16.75
CA GLU A 5 -4.10 11.22 17.84
C GLU A 5 -3.13 10.09 17.43
N LYS A 6 -1.84 10.41 17.51
CA LYS A 6 -0.73 9.53 17.11
C LYS A 6 -0.94 8.88 15.73
N GLN A 7 -0.89 9.76 14.74
CA GLN A 7 -1.24 9.49 13.32
C GLN A 7 -2.70 9.00 13.19
N LYS A 8 -3.03 8.34 12.09
CA LYS A 8 -4.34 7.67 11.98
C LYS A 8 -4.20 6.19 11.57
N PRO A 9 -4.09 5.29 12.57
CA PRO A 9 -3.93 3.85 12.35
C PRO A 9 -5.19 3.19 11.77
N ALA A 10 -5.09 2.84 10.49
CA ALA A 10 -6.16 2.23 9.69
C ALA A 10 -6.40 0.72 9.99
N VAL A 11 -6.44 0.42 11.29
CA VAL A 11 -6.53 -0.95 11.84
C VAL A 11 -5.30 -1.78 11.39
N SER A 12 -5.09 -2.92 12.05
CA SER A 12 -4.10 -3.92 11.62
C SER A 12 -4.48 -4.52 10.26
N VAL A 13 -3.44 -5.00 9.57
CA VAL A 13 -3.48 -5.68 8.26
C VAL A 13 -4.65 -6.65 8.03
N ARG A 14 -5.10 -7.31 9.11
CA ARG A 14 -6.29 -8.17 9.15
C ARG A 14 -7.50 -7.61 8.39
N LYS A 15 -7.70 -6.28 8.50
CA LYS A 15 -8.81 -5.60 7.82
C LYS A 15 -8.40 -4.43 6.89
N SER A 16 -7.18 -4.51 6.35
CA SER A 16 -6.69 -3.58 5.29
C SER A 16 -7.47 -3.73 3.97
N VAL A 17 -7.89 -4.97 3.72
CA VAL A 17 -8.73 -5.41 2.59
C VAL A 17 -10.20 -5.09 2.92
N GLN A 18 -10.77 -4.15 2.17
CA GLN A 18 -12.19 -3.75 2.33
C GLN A 18 -12.96 -3.88 0.99
N ASP A 19 -14.22 -3.43 0.97
CA ASP A 19 -15.12 -3.51 -0.22
C ASP A 19 -14.67 -2.66 -1.42
N ASP A 20 -13.70 -3.21 -2.16
CA ASP A 20 -13.00 -2.54 -3.29
C ASP A 20 -12.44 -1.16 -2.88
N HIS A 21 -11.76 -1.14 -1.76
CA HIS A 21 -11.04 0.05 -1.22
C HIS A 21 -10.05 -0.37 -0.13
N ILE A 22 -8.79 -0.15 -0.48
CA ILE A 22 -7.66 -0.34 0.46
C ILE A 22 -7.57 0.86 1.42
N VAL A 23 -7.54 0.54 2.71
CA VAL A 23 -7.46 1.56 3.78
C VAL A 23 -6.03 2.11 3.95
N CYS A 24 -5.91 3.45 3.87
CA CYS A 24 -4.60 4.10 3.90
C CYS A 24 -4.11 4.09 5.34
N LEU A 25 -3.13 3.21 5.58
CA LEU A 25 -2.36 3.22 6.84
C LEU A 25 -1.71 4.61 7.03
N GLU A 26 -1.79 5.06 8.29
CA GLU A 26 -1.35 6.40 8.75
C GLU A 26 -2.34 7.56 8.46
N CYS A 27 -3.34 7.29 7.61
CA CYS A 27 -4.26 8.29 7.11
C CYS A 27 -5.69 7.86 7.49
N GLY A 28 -6.17 6.70 7.04
CA GLY A 28 -7.53 6.22 7.35
C GLY A 28 -8.46 6.14 6.13
N GLY A 29 -8.39 7.17 5.28
CA GLY A 29 -9.12 7.21 3.99
C GLY A 29 -8.74 6.04 3.06
N SER A 30 -9.66 5.69 2.17
CA SER A 30 -9.46 4.54 1.25
C SER A 30 -9.53 4.91 -0.24
N PHE A 31 -8.61 4.34 -1.01
CA PHE A 31 -8.46 4.67 -2.46
C PHE A 31 -8.09 3.52 -3.44
N LYS A 32 -8.46 2.29 -3.08
CA LYS A 32 -8.21 1.04 -3.86
C LYS A 32 -6.74 0.65 -4.09
N SER A 33 -5.93 1.55 -4.62
CA SER A 33 -4.49 1.33 -4.92
C SER A 33 -3.57 2.12 -3.99
N LEU A 34 -3.11 1.43 -2.94
CA LEU A 34 -2.21 2.01 -1.93
C LEU A 34 -0.83 2.39 -2.46
N LYS A 35 -0.26 1.58 -3.36
CA LYS A 35 1.05 1.83 -4.02
C LYS A 35 1.18 3.25 -4.62
N ARG A 36 0.08 3.70 -5.23
CA ARG A 36 -0.11 5.05 -5.77
C ARG A 36 0.06 6.10 -4.66
N HIS A 37 -0.92 6.19 -3.75
CA HIS A 37 -0.95 7.13 -2.65
C HIS A 37 0.37 7.07 -1.89
N LEU A 38 0.83 5.85 -1.65
CA LEU A 38 2.09 5.52 -0.97
C LEU A 38 3.23 6.35 -1.55
N THR A 39 3.64 6.03 -2.78
CA THR A 39 4.73 6.73 -3.49
C THR A 39 4.46 8.24 -3.70
N THR A 40 3.18 8.63 -3.81
CA THR A 40 2.74 10.03 -3.87
C THR A 40 2.94 10.84 -2.56
N HIS A 41 2.30 10.40 -1.48
CA HIS A 41 2.23 11.14 -0.19
C HIS A 41 3.30 10.75 0.83
N HIS A 42 3.14 9.56 1.44
CA HIS A 42 4.17 8.92 2.24
C HIS A 42 5.42 8.71 1.40
N SER A 43 5.37 8.81 0.07
CA SER A 43 6.49 8.58 -0.87
C SER A 43 6.97 7.11 -0.76
N MET A 44 8.12 6.80 -1.36
CA MET A 44 8.80 5.48 -1.23
C MET A 44 8.01 4.31 -1.85
N THR A 45 8.70 3.20 -2.03
CA THR A 45 8.12 1.96 -2.56
C THR A 45 7.18 1.21 -1.60
N PRO A 46 6.12 0.57 -2.13
CA PRO A 46 5.10 -0.15 -1.35
C PRO A 46 5.66 -1.18 -0.35
N GLU A 47 6.58 -2.03 -0.82
CA GLU A 47 7.26 -3.03 0.03
C GLU A 47 8.13 -2.41 1.15
N GLU A 48 8.80 -1.30 0.85
CA GLU A 48 9.58 -0.54 1.86
C GLU A 48 8.64 -0.01 2.97
N TYR A 49 7.46 0.46 2.59
CA TYR A 49 6.42 0.90 3.54
C TYR A 49 5.90 -0.21 4.47
N ARG A 50 5.82 -1.45 3.99
CA ARG A 50 5.40 -2.58 4.85
C ARG A 50 6.33 -2.72 6.09
N GLU A 51 7.61 -2.41 5.90
CA GLU A 51 8.62 -2.40 6.99
C GLU A 51 8.24 -1.41 8.11
N LYS A 52 7.81 -0.21 7.72
CA LYS A 52 7.32 0.84 8.65
C LYS A 52 6.24 0.32 9.61
N TRP A 53 5.19 -0.25 9.05
CA TRP A 53 4.07 -0.86 9.81
C TRP A 53 4.30 -2.31 10.28
N ASP A 54 5.49 -2.85 10.01
CA ASP A 54 5.89 -4.25 10.27
C ASP A 54 4.92 -5.30 9.68
N LEU A 55 4.30 -4.92 8.56
CA LEU A 55 3.15 -5.59 7.94
C LEU A 55 3.44 -7.01 7.41
N PRO A 56 2.94 -8.05 8.10
CA PRO A 56 3.20 -9.46 7.76
C PRO A 56 2.77 -9.81 6.32
N VAL A 57 3.51 -10.79 5.78
CA VAL A 57 3.47 -11.25 4.38
C VAL A 57 3.65 -10.11 3.33
N ASP A 58 4.25 -9.01 3.75
CA ASP A 58 4.51 -7.81 2.92
C ASP A 58 3.29 -7.29 2.12
N TYR A 59 2.16 -7.26 2.83
CA TYR A 59 0.83 -6.80 2.37
C TYR A 59 0.79 -6.04 1.03
N PRO A 60 0.18 -6.62 0.00
CA PRO A 60 0.11 -6.00 -1.34
C PRO A 60 -0.67 -4.68 -1.30
N MET A 61 -0.04 -3.66 -1.86
CA MET A 61 -0.57 -2.29 -1.82
C MET A 61 -1.40 -1.96 -3.08
N VAL A 62 -2.17 -2.96 -3.50
CA VAL A 62 -2.99 -2.89 -4.74
C VAL A 62 -4.41 -3.33 -4.35
N ALA A 63 -5.40 -2.93 -5.15
CA ALA A 63 -6.84 -3.21 -4.90
C ALA A 63 -7.11 -4.57 -4.25
N PRO A 64 -7.98 -4.62 -3.23
CA PRO A 64 -8.18 -5.81 -2.38
C PRO A 64 -8.41 -7.15 -3.09
N ALA A 65 -9.00 -7.13 -4.29
CA ALA A 65 -9.13 -8.33 -5.14
C ALA A 65 -8.48 -8.26 -6.54
N TYR A 66 -7.50 -7.36 -6.72
CA TYR A 66 -6.90 -7.01 -8.03
C TYR A 66 -6.48 -8.22 -8.89
N ALA A 67 -5.28 -8.76 -8.68
CA ALA A 67 -4.79 -9.95 -9.39
C ALA A 67 -5.33 -11.23 -8.73
N GLU A 68 -6.64 -11.37 -8.91
CA GLU A 68 -7.50 -12.46 -8.40
C GLU A 68 -7.31 -12.74 -6.88
N ALA A 69 -7.10 -11.66 -6.14
CA ALA A 69 -6.73 -11.65 -4.70
C ALA A 69 -5.60 -12.63 -4.26
N ARG A 70 -4.64 -12.84 -5.15
CA ARG A 70 -3.51 -13.76 -4.90
C ARG A 70 -2.13 -13.08 -4.82
N SER A 71 -1.81 -12.46 -3.68
CA SER A 71 -0.51 -11.79 -3.40
C SER A 71 0.17 -11.07 -4.59
N ARG A 72 -0.60 -10.18 -5.23
CA ARG A 72 -0.27 -9.47 -6.49
C ARG A 72 0.20 -10.42 -7.63
N LEU A 73 -0.53 -11.53 -7.76
CA LEU A 73 -0.31 -12.65 -8.70
C LEU A 73 0.92 -13.49 -8.30
N ALA A 74 2.10 -12.88 -8.44
CA ALA A 74 3.42 -13.44 -8.11
C ALA A 74 4.49 -12.37 -8.38
N LYS A 75 5.50 -12.35 -7.50
CA LYS A 75 6.64 -11.41 -7.49
C LYS A 75 6.20 -9.95 -7.29
N GLU A 76 6.91 -9.28 -6.38
CA GLU A 76 6.69 -7.87 -6.03
C GLU A 76 7.95 -7.33 -5.33
N MET A 77 8.44 -6.22 -5.88
CA MET A 77 9.59 -5.43 -5.35
C MET A 77 9.77 -4.15 -6.20
N GLY A 78 10.53 -3.20 -5.64
CA GLY A 78 10.85 -1.93 -6.32
C GLY A 78 11.72 -1.02 -5.44
N LEU A 79 12.30 0.00 -6.08
CA LEU A 79 13.13 1.01 -5.41
C LEU A 79 12.64 2.46 -5.56
N GLY A 80 12.48 2.92 -6.81
CA GLY A 80 12.02 4.30 -7.11
C GLY A 80 13.00 5.41 -6.67
N GLN A 81 14.28 5.14 -6.90
CA GLN A 81 15.38 6.06 -6.56
C GLN A 81 15.52 7.18 -7.59
N ARG A 82 14.98 8.33 -7.19
CA ARG A 82 15.03 9.59 -7.97
C ARG A 82 16.45 10.05 -8.33
N ARG A 83 16.89 9.51 -9.47
CA ARG A 83 18.20 9.81 -10.07
C ARG A 83 18.21 9.55 -11.58
N LYS A 84 18.05 10.65 -12.31
CA LYS A 84 18.04 10.72 -13.79
C LYS A 84 18.02 12.18 -14.25
N ALA A 85 18.48 12.39 -15.49
CA ALA A 85 18.70 13.71 -16.13
C ALA A 85 19.78 14.53 -15.39
N ASN A 86 20.36 15.47 -16.13
CA ASN A 86 21.40 16.38 -15.60
C ASN A 86 21.32 17.73 -16.32
N ARG A 87 21.49 18.79 -15.53
CA ARG A 87 21.41 20.20 -16.00
C ARG A 87 20.11 20.59 -16.75
N ALA A 1 -3.44 20.21 11.37
CA ALA A 1 -4.82 20.01 10.87
C ALA A 1 -5.52 18.72 11.37
N VAL A 2 -4.92 17.56 11.08
CA VAL A 2 -5.37 16.25 11.59
C VAL A 2 -4.25 15.50 12.33
N ASN A 3 -3.29 14.99 11.57
CA ASN A 3 -2.08 14.28 12.05
C ASN A 3 -1.00 15.21 12.65
N VAL A 4 -1.43 16.02 13.62
CA VAL A 4 -0.57 17.01 14.31
C VAL A 4 0.62 16.34 15.04
N GLU A 5 0.31 15.31 15.83
CA GLU A 5 1.29 14.41 16.49
C GLU A 5 0.51 13.28 17.19
N LYS A 6 0.28 12.23 16.41
CA LYS A 6 -0.52 11.04 16.79
C LYS A 6 -0.62 9.96 15.71
N GLN A 7 -0.77 10.41 14.46
CA GLN A 7 -1.11 9.58 13.28
C GLN A 7 -2.46 8.87 13.40
N LYS A 8 -2.97 8.49 12.23
CA LYS A 8 -4.24 7.75 12.12
C LYS A 8 -4.00 6.31 11.64
N PRO A 9 -3.87 5.37 12.60
CA PRO A 9 -3.70 3.94 12.31
C PRO A 9 -5.00 3.35 11.74
N ALA A 10 -4.90 2.89 10.50
CA ALA A 10 -6.03 2.28 9.77
C ALA A 10 -6.18 0.81 10.19
N VAL A 11 -6.54 0.67 11.46
CA VAL A 11 -6.62 -0.58 12.24
C VAL A 11 -5.41 -1.51 12.05
N SER A 12 -5.58 -2.76 12.46
CA SER A 12 -4.62 -3.85 12.17
C SER A 12 -4.83 -4.38 10.74
N VAL A 13 -3.87 -5.19 10.31
CA VAL A 13 -3.94 -5.94 9.04
C VAL A 13 -5.14 -6.93 9.03
N ARG A 14 -5.11 -7.94 8.15
CA ARG A 14 -6.24 -8.84 7.83
C ARG A 14 -7.41 -8.09 7.14
N LYS A 15 -8.05 -7.17 7.87
CA LYS A 15 -9.17 -6.36 7.35
C LYS A 15 -8.74 -5.06 6.63
N SER A 16 -7.48 -5.01 6.21
CA SER A 16 -6.97 -3.96 5.29
C SER A 16 -7.75 -3.95 3.96
N VAL A 17 -8.22 -5.15 3.60
CA VAL A 17 -9.14 -5.47 2.49
C VAL A 17 -10.59 -5.12 2.91
N GLN A 18 -11.18 -4.19 2.18
CA GLN A 18 -12.61 -3.82 2.34
C GLN A 18 -13.35 -3.85 0.99
N ASP A 19 -14.60 -3.35 0.94
CA ASP A 19 -15.44 -3.34 -0.28
C ASP A 19 -14.92 -2.44 -1.42
N ASP A 20 -13.98 -2.99 -2.18
CA ASP A 20 -13.24 -2.31 -3.28
C ASP A 20 -12.49 -1.02 -2.86
N HIS A 21 -12.09 -1.00 -1.59
CA HIS A 21 -11.32 0.10 -0.98
C HIS A 21 -10.35 -0.44 0.07
N ILE A 22 -9.08 -0.26 -0.25
CA ILE A 22 -7.93 -0.62 0.60
C ILE A 22 -7.64 0.56 1.55
N VAL A 23 -7.43 0.23 2.83
CA VAL A 23 -7.29 1.25 3.89
C VAL A 23 -5.84 1.76 4.04
N CYS A 24 -5.69 3.07 4.02
CA CYS A 24 -4.38 3.70 4.01
C CYS A 24 -3.86 3.75 5.45
N LEU A 25 -2.99 2.79 5.78
CA LEU A 25 -2.21 2.89 7.03
C LEU A 25 -1.45 4.24 7.05
N GLU A 26 -1.38 4.83 8.24
CA GLU A 26 -0.82 6.17 8.51
C GLU A 26 -1.71 7.35 8.06
N CYS A 27 -2.69 7.09 7.18
CA CYS A 27 -3.44 8.11 6.48
C CYS A 27 -4.92 7.97 6.86
N GLY A 28 -5.45 6.74 6.98
CA GLY A 28 -6.83 6.49 7.43
C GLY A 28 -7.79 6.30 6.24
N GLY A 29 -7.74 7.27 5.32
CA GLY A 29 -8.57 7.27 4.09
C GLY A 29 -8.44 5.99 3.26
N SER A 30 -9.56 5.62 2.63
CA SER A 30 -9.67 4.42 1.79
C SER A 30 -9.85 4.75 0.32
N PHE A 31 -9.32 3.86 -0.51
CA PHE A 31 -9.30 3.99 -1.99
C PHE A 31 -9.05 2.65 -2.71
N LYS A 32 -9.35 2.61 -4.00
CA LYS A 32 -9.06 1.44 -4.84
C LYS A 32 -7.56 1.15 -5.04
N SER A 33 -6.71 2.18 -5.00
CA SER A 33 -5.25 2.01 -5.14
C SER A 33 -4.44 2.74 -4.06
N LEU A 34 -3.47 2.01 -3.52
CA LEU A 34 -2.51 2.55 -2.53
C LEU A 34 -1.06 2.64 -3.05
N LYS A 35 -0.66 1.74 -3.96
CA LYS A 35 0.69 1.72 -4.56
C LYS A 35 1.18 3.10 -5.03
N ARG A 36 0.29 3.80 -5.75
CA ARG A 36 0.53 5.21 -6.13
C ARG A 36 0.47 6.17 -4.95
N HIS A 37 -0.67 6.22 -4.23
CA HIS A 37 -0.89 7.12 -3.11
C HIS A 37 0.31 7.08 -2.17
N LEU A 38 0.75 5.86 -1.86
CA LEU A 38 1.93 5.58 -1.02
C LEU A 38 3.13 6.39 -1.52
N THR A 39 3.67 6.00 -2.67
CA THR A 39 4.83 6.65 -3.33
C THR A 39 4.61 8.15 -3.66
N THR A 40 3.36 8.56 -3.86
CA THR A 40 2.95 9.99 -3.97
C THR A 40 3.11 10.78 -2.65
N HIS A 41 2.34 10.42 -1.62
CA HIS A 41 2.26 11.19 -0.37
C HIS A 41 3.30 10.81 0.69
N HIS A 42 3.10 9.65 1.33
CA HIS A 42 4.06 8.99 2.20
C HIS A 42 5.37 8.75 1.43
N SER A 43 5.33 8.69 0.10
CA SER A 43 6.42 8.37 -0.83
C SER A 43 7.05 6.99 -0.53
N MET A 44 8.27 6.74 -1.00
CA MET A 44 8.99 5.45 -0.88
C MET A 44 8.30 4.27 -1.60
N THR A 45 9.02 3.15 -1.68
CA THR A 45 8.50 1.90 -2.28
C THR A 45 7.52 1.17 -1.33
N PRO A 46 6.50 0.47 -1.87
CA PRO A 46 5.53 -0.28 -1.05
C PRO A 46 6.17 -1.35 -0.16
N GLU A 47 7.16 -2.08 -0.69
CA GLU A 47 7.94 -3.07 0.07
C GLU A 47 8.75 -2.47 1.25
N GLU A 48 9.37 -1.31 1.06
CA GLU A 48 10.05 -0.60 2.16
C GLU A 48 9.02 -0.08 3.20
N TYR A 49 7.93 0.48 2.70
CA TYR A 49 6.80 0.95 3.52
C TYR A 49 6.18 -0.14 4.42
N ARG A 50 6.08 -1.37 3.90
CA ARG A 50 5.58 -2.50 4.72
C ARG A 50 6.40 -2.68 6.02
N GLU A 51 7.70 -2.43 5.95
CA GLU A 51 8.60 -2.48 7.13
C GLU A 51 8.25 -1.44 8.22
N LYS A 52 7.84 -0.24 7.79
CA LYS A 52 7.40 0.86 8.69
C LYS A 52 6.28 0.41 9.66
N TRP A 53 5.27 -0.23 9.11
CA TRP A 53 4.15 -0.81 9.89
C TRP A 53 4.32 -2.29 10.26
N ASP A 54 5.48 -2.86 9.92
CA ASP A 54 5.81 -4.30 10.05
C ASP A 54 4.78 -5.24 9.39
N LEU A 55 4.16 -4.77 8.32
CA LEU A 55 3.04 -5.40 7.61
C LEU A 55 3.33 -6.84 7.11
N PRO A 56 2.72 -7.85 7.74
CA PRO A 56 2.95 -9.27 7.40
C PRO A 56 2.62 -9.57 5.94
N VAL A 57 3.39 -10.52 5.40
CA VAL A 57 3.39 -10.96 4.00
C VAL A 57 3.51 -9.82 2.96
N ASP A 58 4.12 -8.71 3.38
CA ASP A 58 4.26 -7.47 2.59
C ASP A 58 2.96 -6.99 1.91
N TYR A 59 1.86 -7.13 2.66
CA TYR A 59 0.47 -6.78 2.30
C TYR A 59 0.33 -5.86 1.05
N PRO A 60 -0.28 -6.36 -0.03
CA PRO A 60 -0.36 -5.64 -1.31
C PRO A 60 -1.03 -4.27 -1.17
N MET A 61 -0.52 -3.31 -1.94
CA MET A 61 -1.03 -1.93 -1.92
C MET A 61 -1.94 -1.62 -3.12
N VAL A 62 -2.64 -2.63 -3.60
CA VAL A 62 -3.51 -2.51 -4.79
C VAL A 62 -4.89 -3.08 -4.42
N ALA A 63 -5.93 -2.62 -5.11
CA ALA A 63 -7.33 -3.04 -4.91
C ALA A 63 -7.51 -4.42 -4.25
N PRO A 64 -8.44 -4.54 -3.28
CA PRO A 64 -8.59 -5.75 -2.44
C PRO A 64 -8.70 -7.10 -3.17
N ALA A 65 -9.21 -7.09 -4.40
CA ALA A 65 -9.21 -8.29 -5.28
C ALA A 65 -8.57 -8.08 -6.68
N TYR A 66 -7.59 -7.17 -6.76
CA TYR A 66 -6.94 -6.78 -8.04
C TYR A 66 -6.19 -7.93 -8.74
N ALA A 67 -5.58 -8.78 -7.93
CA ALA A 67 -4.81 -9.97 -8.37
C ALA A 67 -4.67 -10.93 -7.18
N GLU A 68 -4.63 -12.23 -7.50
CA GLU A 68 -4.41 -13.33 -6.53
C GLU A 68 -3.10 -13.22 -5.72
N ALA A 69 -2.17 -12.38 -6.19
CA ALA A 69 -0.82 -12.18 -5.61
C ALA A 69 -0.05 -13.50 -5.35
N ARG A 70 0.31 -14.13 -6.48
CA ARG A 70 1.02 -15.43 -6.51
C ARG A 70 2.32 -15.45 -5.67
N SER A 71 3.07 -14.34 -5.76
CA SER A 71 4.41 -14.14 -5.17
C SER A 71 4.79 -12.66 -5.36
N ARG A 72 5.53 -12.38 -6.44
CA ARG A 72 6.02 -11.04 -6.82
C ARG A 72 4.95 -10.07 -7.41
N LEU A 73 3.70 -10.24 -7.00
CA LEU A 73 2.52 -9.51 -7.54
C LEU A 73 2.44 -9.39 -9.08
N ALA A 74 2.99 -10.41 -9.74
CA ALA A 74 3.31 -10.44 -11.19
C ALA A 74 4.31 -9.35 -11.61
N LYS A 75 5.58 -9.76 -11.57
CA LYS A 75 6.78 -8.96 -11.90
C LYS A 75 6.83 -7.57 -11.24
N GLU A 76 7.12 -7.63 -9.94
CA GLU A 76 7.21 -6.48 -9.03
C GLU A 76 8.06 -6.87 -7.80
N MET A 77 8.33 -5.90 -6.94
CA MET A 77 9.05 -6.04 -5.65
C MET A 77 10.38 -6.83 -5.69
N GLY A 78 11.14 -6.57 -6.76
CA GLY A 78 12.43 -7.22 -7.04
C GLY A 78 13.22 -6.40 -8.08
N LEU A 79 14.10 -7.08 -8.81
CA LEU A 79 14.96 -6.45 -9.83
C LEU A 79 14.25 -5.97 -11.11
N GLY A 80 13.61 -6.92 -11.82
CA GLY A 80 12.93 -6.65 -13.10
C GLY A 80 13.83 -6.07 -14.21
N GLN A 81 15.05 -6.60 -14.32
CA GLN A 81 16.09 -6.12 -15.25
C GLN A 81 15.89 -6.69 -16.67
N ARG A 82 14.72 -6.40 -17.24
CA ARG A 82 14.29 -6.83 -18.58
C ARG A 82 12.94 -6.20 -18.94
N ARG A 83 12.77 -5.95 -20.25
CA ARG A 83 11.51 -5.41 -20.79
C ARG A 83 10.80 -6.51 -21.60
N LYS A 84 9.57 -6.76 -21.21
CA LYS A 84 8.66 -7.68 -21.91
C LYS A 84 7.58 -6.91 -22.68
N ALA A 85 7.04 -7.59 -23.70
CA ALA A 85 5.99 -7.05 -24.58
C ALA A 85 4.66 -7.79 -24.37
N ASN A 86 3.63 -7.33 -25.08
CA ASN A 86 2.29 -7.94 -25.09
C ASN A 86 2.36 -9.40 -25.60
N ARG A 87 2.25 -10.31 -24.64
CA ARG A 87 2.48 -11.77 -24.81
C ARG A 87 3.92 -12.12 -25.25
N ALA A 1 -7.84 17.56 2.30
CA ALA A 1 -8.84 16.48 2.49
C ALA A 1 -9.00 16.04 3.97
N VAL A 2 -9.71 14.93 4.23
CA VAL A 2 -9.99 14.40 5.58
C VAL A 2 -8.76 14.34 6.51
N ASN A 3 -7.60 14.05 5.92
CA ASN A 3 -6.27 14.04 6.57
C ASN A 3 -5.72 15.48 6.72
N VAL A 4 -6.44 16.27 7.51
CA VAL A 4 -6.12 17.67 7.88
C VAL A 4 -4.90 17.85 8.82
N GLU A 5 -3.81 17.17 8.46
CA GLU A 5 -2.57 16.99 9.26
C GLU A 5 -2.89 16.47 10.67
N LYS A 6 -2.94 15.14 10.74
CA LYS A 6 -3.35 14.38 11.95
C LYS A 6 -3.30 12.86 11.66
N GLN A 7 -3.94 12.48 10.56
CA GLN A 7 -3.98 11.08 10.05
C GLN A 7 -4.56 10.14 11.12
N LYS A 8 -4.37 8.83 10.97
CA LYS A 8 -4.65 7.77 11.98
C LYS A 8 -4.23 6.35 11.55
N PRO A 9 -3.90 5.47 12.51
CA PRO A 9 -3.68 4.03 12.25
C PRO A 9 -4.95 3.31 11.80
N ALA A 10 -4.99 3.04 10.50
CA ALA A 10 -6.10 2.33 9.82
C ALA A 10 -6.08 0.82 10.12
N VAL A 11 -6.25 0.52 11.41
CA VAL A 11 -6.17 -0.81 12.05
C VAL A 11 -4.93 -1.64 11.64
N SER A 12 -4.98 -2.94 11.94
CA SER A 12 -3.99 -3.92 11.44
C SER A 12 -4.43 -4.43 10.05
N VAL A 13 -3.47 -5.02 9.35
CA VAL A 13 -3.65 -5.58 7.98
C VAL A 13 -4.87 -6.52 7.81
N ARG A 14 -5.28 -7.15 8.92
CA ARG A 14 -6.48 -8.01 9.04
C ARG A 14 -7.74 -7.40 8.38
N LYS A 15 -7.88 -6.07 8.46
CA LYS A 15 -8.96 -5.34 7.77
C LYS A 15 -8.45 -4.19 6.87
N SER A 16 -7.26 -4.39 6.28
CA SER A 16 -6.66 -3.42 5.33
C SER A 16 -7.44 -3.36 4.00
N VAL A 17 -7.93 -4.53 3.60
CA VAL A 17 -8.80 -4.77 2.44
C VAL A 17 -10.27 -4.72 2.91
N GLN A 18 -11.02 -3.78 2.32
CA GLN A 18 -12.47 -3.62 2.56
C GLN A 18 -13.26 -3.66 1.23
N ASP A 19 -14.52 -3.24 1.25
CA ASP A 19 -15.47 -3.29 0.10
C ASP A 19 -15.04 -2.44 -1.11
N ASP A 20 -14.15 -3.00 -1.93
CA ASP A 20 -13.46 -2.32 -3.04
C ASP A 20 -12.79 -0.99 -2.67
N HIS A 21 -12.23 -0.99 -1.47
CA HIS A 21 -11.44 0.13 -0.92
C HIS A 21 -10.44 -0.39 0.12
N ILE A 22 -9.20 -0.05 -0.14
CA ILE A 22 -8.03 -0.42 0.67
C ILE A 22 -7.60 0.81 1.49
N VAL A 23 -7.61 0.60 2.80
CA VAL A 23 -7.43 1.67 3.80
C VAL A 23 -5.95 2.07 4.00
N CYS A 24 -5.70 3.37 3.90
CA CYS A 24 -4.35 3.92 3.93
C CYS A 24 -3.86 3.92 5.38
N LEU A 25 -2.97 2.99 5.69
CA LEU A 25 -2.24 2.99 6.97
C LEU A 25 -1.40 4.26 7.09
N GLU A 26 -1.35 4.79 8.31
CA GLU A 26 -0.72 6.09 8.66
C GLU A 26 -1.36 7.30 7.95
N CYS A 27 -2.56 7.15 7.38
CA CYS A 27 -3.26 8.24 6.73
C CYS A 27 -4.72 8.21 7.20
N GLY A 28 -5.41 7.09 7.00
CA GLY A 28 -6.82 6.94 7.41
C GLY A 28 -7.77 6.80 6.22
N GLY A 29 -7.62 7.74 5.26
CA GLY A 29 -8.40 7.76 4.01
C GLY A 29 -8.29 6.44 3.22
N SER A 30 -9.39 6.08 2.57
CA SER A 30 -9.49 4.80 1.84
C SER A 30 -9.81 5.03 0.35
N PHE A 31 -9.35 4.09 -0.47
CA PHE A 31 -9.36 4.16 -1.95
C PHE A 31 -9.08 2.80 -2.61
N LYS A 32 -9.25 2.72 -3.93
CA LYS A 32 -8.92 1.50 -4.69
C LYS A 32 -7.43 1.19 -4.91
N SER A 33 -6.53 2.10 -4.50
CA SER A 33 -5.09 1.98 -4.79
C SER A 33 -4.19 2.75 -3.81
N LEU A 34 -3.64 2.00 -2.86
CA LEU A 34 -2.71 2.53 -1.87
C LEU A 34 -1.34 2.88 -2.49
N LYS A 35 -0.82 2.00 -3.35
CA LYS A 35 0.50 2.13 -4.02
C LYS A 35 0.82 3.56 -4.47
N ARG A 36 0.00 4.09 -5.40
CA ARG A 36 0.11 5.47 -5.91
C ARG A 36 0.14 6.54 -4.80
N HIS A 37 -0.97 6.70 -4.07
CA HIS A 37 -1.11 7.55 -2.90
C HIS A 37 0.13 7.40 -2.01
N LEU A 38 0.52 6.17 -1.72
CA LEU A 38 1.70 5.85 -0.89
C LEU A 38 2.95 6.57 -1.44
N THR A 39 3.39 6.18 -2.62
CA THR A 39 4.56 6.77 -3.32
C THR A 39 4.44 8.29 -3.54
N THR A 40 3.21 8.78 -3.71
CA THR A 40 2.87 10.22 -3.80
C THR A 40 3.04 10.99 -2.47
N HIS A 41 2.28 10.61 -1.44
CA HIS A 41 2.21 11.34 -0.16
C HIS A 41 3.31 10.94 0.85
N HIS A 42 3.10 9.78 1.48
CA HIS A 42 4.07 9.09 2.31
C HIS A 42 5.34 8.82 1.48
N SER A 43 5.28 8.82 0.15
CA SER A 43 6.42 8.51 -0.75
C SER A 43 6.85 7.03 -0.59
N MET A 44 7.98 6.66 -1.21
CA MET A 44 8.62 5.32 -1.10
C MET A 44 7.85 4.18 -1.81
N THR A 45 8.56 3.07 -2.00
CA THR A 45 7.99 1.84 -2.60
C THR A 45 7.03 1.11 -1.62
N PRO A 46 5.96 0.48 -2.13
CA PRO A 46 4.98 -0.23 -1.32
C PRO A 46 5.59 -1.33 -0.42
N GLU A 47 6.50 -2.14 -0.97
CA GLU A 47 7.28 -3.13 -0.20
C GLU A 47 8.07 -2.53 0.97
N GLU A 48 8.75 -1.40 0.75
CA GLU A 48 9.48 -0.70 1.82
C GLU A 48 8.53 -0.17 2.91
N TYR A 49 7.39 0.36 2.49
CA TYR A 49 6.30 0.80 3.37
C TYR A 49 5.73 -0.31 4.28
N ARG A 50 5.59 -1.53 3.76
CA ARG A 50 5.10 -2.66 4.58
C ARG A 50 6.02 -2.91 5.80
N GLU A 51 7.32 -2.67 5.61
CA GLU A 51 8.34 -2.81 6.68
C GLU A 51 8.09 -1.83 7.85
N LYS A 52 7.67 -0.60 7.53
CA LYS A 52 7.24 0.41 8.53
C LYS A 52 6.14 -0.13 9.46
N TRP A 53 5.08 -0.66 8.85
CA TRP A 53 3.95 -1.27 9.58
C TRP A 53 4.14 -2.76 9.99
N ASP A 54 5.33 -3.30 9.73
CA ASP A 54 5.70 -4.73 9.93
C ASP A 54 4.71 -5.72 9.29
N LEU A 55 4.10 -5.27 8.20
CA LEU A 55 2.92 -5.88 7.57
C LEU A 55 3.14 -7.29 6.97
N PRO A 56 2.63 -8.32 7.66
CA PRO A 56 2.87 -9.73 7.32
C PRO A 56 2.51 -10.09 5.87
N VAL A 57 3.34 -10.98 5.35
CA VAL A 57 3.37 -11.47 3.94
C VAL A 57 3.47 -10.38 2.86
N ASP A 58 3.83 -9.15 3.25
CA ASP A 58 3.92 -7.97 2.34
C ASP A 58 2.69 -7.81 1.43
N TYR A 59 1.56 -7.67 2.10
CA TYR A 59 0.22 -7.60 1.48
C TYR A 59 0.12 -6.60 0.30
N PRO A 60 -0.81 -6.82 -0.65
CA PRO A 60 -1.01 -5.90 -1.79
C PRO A 60 -1.58 -4.53 -1.39
N MET A 61 -0.84 -3.50 -1.82
CA MET A 61 -1.24 -2.09 -1.64
C MET A 61 -2.21 -1.56 -2.72
N VAL A 62 -3.09 -2.43 -3.21
CA VAL A 62 -4.07 -2.12 -4.28
C VAL A 62 -5.37 -2.87 -3.93
N ALA A 63 -6.50 -2.38 -4.47
CA ALA A 63 -7.82 -3.02 -4.46
C ALA A 63 -7.80 -4.55 -4.29
N PRO A 64 -8.81 -5.16 -3.64
CA PRO A 64 -8.91 -6.61 -3.39
C PRO A 64 -9.06 -7.52 -4.63
N ALA A 65 -8.04 -7.45 -5.49
CA ALA A 65 -7.82 -8.27 -6.70
C ALA A 65 -6.45 -8.05 -7.37
N TYR A 66 -5.48 -7.48 -6.64
CA TYR A 66 -4.15 -7.13 -7.19
C TYR A 66 -3.34 -8.34 -7.70
N ALA A 67 -3.47 -9.46 -7.00
CA ALA A 67 -2.77 -10.73 -7.29
C ALA A 67 -3.41 -11.86 -6.46
N GLU A 68 -3.36 -13.06 -7.03
CA GLU A 68 -3.75 -14.32 -6.34
C GLU A 68 -2.91 -14.60 -5.07
N ALA A 69 -1.73 -13.98 -5.00
CA ALA A 69 -0.73 -14.08 -3.90
C ALA A 69 -0.31 -15.52 -3.55
N ARG A 70 0.36 -16.13 -4.53
CA ARG A 70 0.90 -17.50 -4.41
C ARG A 70 2.39 -17.48 -4.75
N SER A 71 3.18 -18.12 -3.89
CA SER A 71 4.65 -18.36 -4.07
C SER A 71 5.43 -17.12 -4.53
N ARG A 72 5.38 -16.07 -3.69
CA ARG A 72 5.94 -14.72 -3.94
C ARG A 72 5.44 -13.99 -5.20
N LEU A 73 4.38 -14.52 -5.82
CA LEU A 73 3.78 -14.07 -7.09
C LEU A 73 4.80 -14.21 -8.25
N ALA A 74 5.52 -13.11 -8.51
CA ALA A 74 6.51 -12.92 -9.60
C ALA A 74 6.95 -11.45 -9.57
N LYS A 75 8.18 -11.23 -10.03
CA LYS A 75 8.76 -9.88 -10.23
C LYS A 75 8.72 -9.01 -8.95
N GLU A 76 9.56 -9.39 -7.99
CA GLU A 76 9.72 -8.70 -6.69
C GLU A 76 10.07 -7.21 -6.93
N MET A 77 9.19 -6.34 -6.44
CA MET A 77 9.18 -4.87 -6.67
C MET A 77 9.34 -4.42 -8.14
N GLY A 78 8.93 -5.29 -9.06
CA GLY A 78 9.12 -5.12 -10.52
C GLY A 78 8.04 -4.23 -11.15
N LEU A 79 8.25 -2.94 -10.96
CA LEU A 79 7.39 -1.87 -11.52
C LEU A 79 8.18 -0.73 -12.19
N GLY A 80 9.22 -0.24 -11.49
CA GLY A 80 10.06 0.88 -11.96
C GLY A 80 9.36 2.25 -11.93
N GLN A 81 8.76 2.57 -10.78
CA GLN A 81 8.08 3.86 -10.56
C GLN A 81 9.13 4.96 -10.27
N ARG A 82 8.98 6.07 -10.98
CA ARG A 82 9.83 7.26 -10.77
C ARG A 82 9.59 7.86 -9.38
N ARG A 83 10.65 8.46 -8.85
CA ARG A 83 10.72 8.97 -7.47
C ARG A 83 10.87 10.50 -7.51
N LYS A 84 9.91 11.17 -6.85
CA LYS A 84 9.87 12.63 -6.72
C LYS A 84 9.32 12.98 -5.32
N ALA A 85 9.92 14.00 -4.72
CA ALA A 85 9.49 14.50 -3.39
C ALA A 85 8.58 15.73 -3.52
N ASN A 86 7.47 15.66 -2.79
CA ASN A 86 6.45 16.73 -2.71
C ASN A 86 6.17 17.13 -1.25
N ARG A 87 5.31 18.14 -1.09
CA ARG A 87 4.74 18.56 0.21
C ARG A 87 3.94 17.42 0.90
N ALA A 1 -6.08 20.81 5.57
CA ALA A 1 -4.80 20.41 6.19
C ALA A 1 -4.67 18.92 6.54
N VAL A 2 -3.43 18.42 6.48
CA VAL A 2 -3.13 16.99 6.73
C VAL A 2 -2.84 16.70 8.22
N ASN A 3 -3.93 16.74 8.98
CA ASN A 3 -3.94 16.61 10.45
C ASN A 3 -5.37 16.36 10.98
N VAL A 4 -5.44 15.98 12.25
CA VAL A 4 -6.63 15.57 13.03
C VAL A 4 -7.35 14.30 12.51
N GLU A 5 -7.74 14.38 11.24
CA GLU A 5 -8.43 13.32 10.48
C GLU A 5 -7.59 12.85 9.28
N LYS A 6 -6.41 12.33 9.64
CA LYS A 6 -5.36 11.85 8.69
C LYS A 6 -4.23 11.07 9.37
N GLN A 7 -3.37 11.72 10.14
CA GLN A 7 -2.24 11.07 10.86
C GLN A 7 -2.52 9.74 11.59
N LYS A 8 -3.79 9.55 11.96
CA LYS A 8 -4.36 8.35 12.58
C LYS A 8 -4.07 7.05 11.78
N PRO A 9 -3.73 5.96 12.49
CA PRO A 9 -3.48 4.65 11.86
C PRO A 9 -4.76 4.02 11.27
N ALA A 10 -4.53 3.22 10.24
CA ALA A 10 -5.60 2.47 9.53
C ALA A 10 -5.96 1.16 10.26
N VAL A 11 -6.30 1.35 11.54
CA VAL A 11 -6.49 0.28 12.55
C VAL A 11 -5.34 -0.76 12.54
N SER A 12 -5.60 -1.96 13.07
CA SER A 12 -4.66 -3.10 12.97
C SER A 12 -4.89 -3.81 11.63
N VAL A 13 -3.78 -4.05 10.94
CA VAL A 13 -3.68 -4.81 9.67
C VAL A 13 -4.91 -5.67 9.33
N ARG A 14 -4.97 -6.91 9.81
CA ARG A 14 -6.10 -7.87 9.69
C ARG A 14 -6.93 -7.76 8.38
N LYS A 15 -7.92 -6.87 8.39
CA LYS A 15 -8.80 -6.58 7.24
C LYS A 15 -8.39 -5.31 6.44
N SER A 16 -7.09 -5.16 6.20
CA SER A 16 -6.55 -4.08 5.32
C SER A 16 -7.25 -4.04 3.96
N VAL A 17 -7.61 -5.24 3.50
CA VAL A 17 -8.52 -5.49 2.37
C VAL A 17 -9.97 -5.43 2.91
N GLN A 18 -10.72 -4.45 2.41
CA GLN A 18 -12.16 -4.36 2.65
C GLN A 18 -12.96 -4.48 1.33
N ASP A 19 -14.24 -4.10 1.35
CA ASP A 19 -15.15 -4.12 0.17
C ASP A 19 -14.65 -3.21 -0.97
N ASP A 20 -13.82 -3.83 -1.81
CA ASP A 20 -13.06 -3.21 -2.92
C ASP A 20 -12.41 -1.88 -2.52
N HIS A 21 -11.74 -1.89 -1.37
CA HIS A 21 -11.05 -0.69 -0.85
C HIS A 21 -9.95 -1.05 0.15
N ILE A 22 -8.86 -0.30 0.04
CA ILE A 22 -7.65 -0.45 0.88
C ILE A 22 -7.45 0.81 1.74
N VAL A 23 -7.50 0.57 3.05
CA VAL A 23 -7.35 1.60 4.09
C VAL A 23 -5.90 2.11 4.20
N CYS A 24 -5.70 3.41 3.94
CA CYS A 24 -4.39 4.02 3.92
C CYS A 24 -3.86 4.11 5.35
N LEU A 25 -2.74 3.43 5.55
CA LEU A 25 -1.95 3.52 6.79
C LEU A 25 -1.39 4.95 6.93
N GLU A 26 -1.41 5.43 8.18
CA GLU A 26 -1.09 6.81 8.60
C GLU A 26 -2.01 7.90 7.99
N CYS A 27 -3.12 7.49 7.39
CA CYS A 27 -4.09 8.41 6.82
C CYS A 27 -5.49 8.00 7.30
N GLY A 28 -5.91 6.76 7.05
CA GLY A 28 -7.26 6.27 7.44
C GLY A 28 -8.20 6.17 6.23
N GLY A 29 -8.18 7.22 5.40
CA GLY A 29 -8.91 7.26 4.11
C GLY A 29 -8.53 6.11 3.16
N SER A 30 -9.48 5.74 2.31
CA SER A 30 -9.29 4.62 1.35
C SER A 30 -9.51 5.03 -0.13
N PHE A 31 -8.73 4.38 -0.99
CA PHE A 31 -8.74 4.62 -2.46
C PHE A 31 -8.40 3.42 -3.39
N LYS A 32 -8.60 2.20 -2.89
CA LYS A 32 -8.33 0.90 -3.57
C LYS A 32 -6.87 0.61 -3.96
N SER A 33 -6.19 1.57 -4.58
CA SER A 33 -4.78 1.43 -5.00
C SER A 33 -3.88 2.28 -4.08
N LEU A 34 -3.37 1.62 -3.05
CA LEU A 34 -2.50 2.29 -2.06
C LEU A 34 -1.16 2.71 -2.68
N LYS A 35 -0.61 1.86 -3.56
CA LYS A 35 0.65 2.08 -4.29
C LYS A 35 0.86 3.53 -4.78
N ARG A 36 -0.06 4.05 -5.59
CA ARG A 36 0.03 5.44 -6.10
C ARG A 36 0.10 6.49 -4.96
N HIS A 37 -0.97 6.60 -4.18
CA HIS A 37 -1.08 7.46 -3.01
C HIS A 37 0.17 7.33 -2.15
N LEU A 38 0.58 6.10 -1.89
CA LEU A 38 1.78 5.76 -1.11
C LEU A 38 3.01 6.49 -1.67
N THR A 39 3.46 6.08 -2.85
CA THR A 39 4.63 6.65 -3.55
C THR A 39 4.51 8.18 -3.78
N THR A 40 3.29 8.68 -3.97
CA THR A 40 2.98 10.13 -4.05
C THR A 40 3.20 10.88 -2.72
N HIS A 41 2.40 10.56 -1.70
CA HIS A 41 2.35 11.28 -0.41
C HIS A 41 3.42 10.82 0.59
N HIS A 42 3.16 9.70 1.26
CA HIS A 42 4.11 8.99 2.10
C HIS A 42 5.37 8.67 1.30
N SER A 43 5.34 8.66 -0.03
CA SER A 43 6.48 8.34 -0.93
C SER A 43 6.88 6.86 -0.75
N MET A 44 8.00 6.44 -1.36
CA MET A 44 8.59 5.08 -1.23
C MET A 44 7.76 3.96 -1.89
N THR A 45 8.44 2.81 -2.06
CA THR A 45 7.86 1.59 -2.67
C THR A 45 6.83 0.90 -1.75
N PRO A 46 5.79 0.28 -2.31
CA PRO A 46 4.72 -0.40 -1.54
C PRO A 46 5.22 -1.45 -0.53
N GLU A 47 6.07 -2.39 -0.98
CA GLU A 47 6.69 -3.39 -0.09
C GLU A 47 7.58 -2.79 1.02
N GLU A 48 8.32 -1.73 0.72
CA GLU A 48 9.14 -1.03 1.75
C GLU A 48 8.25 -0.44 2.86
N TYR A 49 7.11 0.11 2.47
CA TYR A 49 6.09 0.64 3.39
C TYR A 49 5.50 -0.43 4.34
N ARG A 50 5.39 -1.67 3.88
CA ARG A 50 4.98 -2.79 4.76
C ARG A 50 5.93 -2.94 5.97
N GLU A 51 7.22 -2.73 5.72
CA GLU A 51 8.27 -2.82 6.76
C GLU A 51 8.11 -1.72 7.84
N LYS A 52 7.74 -0.51 7.40
CA LYS A 52 7.41 0.62 8.31
C LYS A 52 6.35 0.24 9.36
N TRP A 53 5.28 -0.41 8.89
CA TRP A 53 4.18 -0.88 9.76
C TRP A 53 4.30 -2.35 10.21
N ASP A 54 5.48 -2.94 10.00
CA ASP A 54 5.80 -4.36 10.30
C ASP A 54 4.76 -5.37 9.74
N LEU A 55 4.16 -4.99 8.61
CA LEU A 55 2.95 -5.64 8.05
C LEU A 55 3.11 -7.12 7.66
N PRO A 56 2.41 -8.02 8.36
CA PRO A 56 2.51 -9.47 8.16
C PRO A 56 2.21 -9.91 6.72
N VAL A 57 2.88 -11.01 6.35
CA VAL A 57 2.88 -11.63 5.01
C VAL A 57 3.19 -10.65 3.84
N ASP A 58 3.92 -9.57 4.16
CA ASP A 58 4.26 -8.47 3.23
C ASP A 58 3.06 -7.90 2.44
N TYR A 59 1.92 -7.86 3.14
CA TYR A 59 0.60 -7.43 2.62
C TYR A 59 0.65 -6.42 1.43
N PRO A 60 0.11 -6.81 0.27
CA PRO A 60 0.12 -5.98 -0.94
C PRO A 60 -0.71 -4.69 -0.82
N MET A 61 -0.05 -3.59 -1.16
CA MET A 61 -0.64 -2.22 -1.17
C MET A 61 -1.56 -1.92 -2.38
N VAL A 62 -2.30 -2.94 -2.79
CA VAL A 62 -3.17 -2.88 -3.98
C VAL A 62 -4.48 -3.62 -3.67
N ALA A 63 -5.57 -3.15 -4.27
CA ALA A 63 -6.94 -3.68 -4.11
C ALA A 63 -7.01 -5.23 -4.15
N PRO A 64 -7.89 -5.84 -3.36
CA PRO A 64 -7.94 -7.31 -3.12
C PRO A 64 -7.73 -8.22 -4.34
N ALA A 65 -8.37 -7.89 -5.45
CA ALA A 65 -8.20 -8.64 -6.72
C ALA A 65 -7.81 -7.79 -7.94
N TYR A 66 -7.11 -6.67 -7.70
CA TYR A 66 -6.81 -5.64 -8.72
C TYR A 66 -6.19 -6.19 -10.02
N ALA A 67 -5.25 -7.11 -9.86
CA ALA A 67 -4.79 -8.02 -10.94
C ALA A 67 -4.30 -9.34 -10.34
N GLU A 68 -5.29 -10.19 -10.08
CA GLU A 68 -5.16 -11.56 -9.52
C GLU A 68 -4.39 -11.68 -8.18
N ALA A 69 -4.30 -10.56 -7.45
CA ALA A 69 -3.50 -10.38 -6.22
C ALA A 69 -2.09 -11.02 -6.22
N ARG A 70 -1.47 -11.05 -7.40
CA ARG A 70 -0.18 -11.75 -7.66
C ARG A 70 1.08 -11.17 -6.98
N SER A 71 0.90 -10.19 -6.09
CA SER A 71 1.98 -9.38 -5.44
C SER A 71 2.97 -8.63 -6.35
N ARG A 72 3.10 -9.08 -7.60
CA ARG A 72 3.98 -8.45 -8.59
C ARG A 72 3.24 -7.84 -9.80
N LEU A 73 1.98 -7.47 -9.60
CA LEU A 73 1.10 -6.96 -10.68
C LEU A 73 1.57 -5.65 -11.34
N ALA A 74 2.05 -4.71 -10.53
CA ALA A 74 2.66 -3.47 -11.00
C ALA A 74 4.17 -3.71 -11.17
N LYS A 75 4.52 -4.20 -12.36
CA LYS A 75 5.90 -4.53 -12.77
C LYS A 75 6.88 -3.33 -12.89
N GLU A 76 6.71 -2.39 -11.97
CA GLU A 76 7.47 -1.13 -11.91
C GLU A 76 7.37 -0.56 -10.48
N MET A 77 8.16 -1.18 -9.60
CA MET A 77 8.29 -0.77 -8.19
C MET A 77 8.83 0.66 -7.99
N GLY A 78 9.65 1.10 -8.95
CA GLY A 78 10.24 2.45 -8.97
C GLY A 78 9.69 3.26 -10.14
N LEU A 79 9.41 4.52 -9.84
CA LEU A 79 8.84 5.52 -10.77
C LEU A 79 9.54 6.88 -10.58
N GLY A 80 9.31 7.78 -11.55
CA GLY A 80 9.78 9.18 -11.50
C GLY A 80 9.05 9.99 -10.40
N GLN A 81 9.57 9.83 -9.18
CA GLN A 81 9.06 10.49 -7.96
C GLN A 81 10.11 11.50 -7.45
N ARG A 82 9.66 12.41 -6.57
CA ARG A 82 10.49 13.51 -6.01
C ARG A 82 11.04 14.46 -7.11
N ARG A 83 10.14 14.82 -8.03
CA ARG A 83 10.47 15.69 -9.18
C ARG A 83 9.22 16.41 -9.73
N LYS A 84 9.09 17.66 -9.27
CA LYS A 84 7.99 18.60 -9.62
C LYS A 84 8.21 19.96 -8.92
N ALA A 85 8.20 19.92 -7.58
CA ALA A 85 8.25 21.08 -6.67
C ALA A 85 7.11 22.09 -6.93
N ASN A 86 5.97 21.73 -6.35
CA ASN A 86 4.74 22.54 -6.41
C ASN A 86 4.68 23.56 -5.26
N ARG A 87 3.75 24.51 -5.34
CA ARG A 87 3.55 25.53 -4.28
C ARG A 87 3.36 24.90 -2.88
N ALA A 1 -13.89 10.91 5.49
CA ALA A 1 -14.39 10.30 6.76
C ALA A 1 -13.32 9.74 7.72
N VAL A 2 -12.12 10.33 7.63
CA VAL A 2 -10.89 9.81 8.26
C VAL A 2 -9.97 10.86 8.92
N ASN A 3 -9.79 11.98 8.22
CA ASN A 3 -9.08 13.17 8.73
C ASN A 3 -9.71 13.69 10.03
N VAL A 4 -9.08 13.26 11.12
CA VAL A 4 -9.43 13.69 12.49
C VAL A 4 -8.33 14.53 13.17
N GLU A 5 -7.16 13.92 13.40
CA GLU A 5 -6.00 14.61 13.99
C GLU A 5 -4.74 14.23 13.22
N LYS A 6 -4.58 14.84 12.03
CA LYS A 6 -3.49 14.55 11.08
C LYS A 6 -3.25 13.05 10.85
N GLN A 7 -4.01 12.55 9.89
CA GLN A 7 -4.08 11.11 9.51
C GLN A 7 -4.60 10.25 10.70
N LYS A 8 -4.49 8.93 10.53
CA LYS A 8 -4.72 7.93 11.60
C LYS A 8 -4.14 6.53 11.23
N PRO A 9 -3.71 5.75 12.23
CA PRO A 9 -3.42 4.32 12.05
C PRO A 9 -4.71 3.53 11.82
N ALA A 10 -4.81 2.98 10.61
CA ALA A 10 -5.98 2.20 10.17
C ALA A 10 -5.89 0.75 10.71
N VAL A 11 -5.94 0.70 12.05
CA VAL A 11 -5.72 -0.50 12.89
C VAL A 11 -4.50 -1.33 12.47
N SER A 12 -4.48 -2.60 12.86
CA SER A 12 -3.51 -3.59 12.34
C SER A 12 -3.99 -4.10 10.97
N VAL A 13 -3.19 -4.97 10.36
CA VAL A 13 -3.49 -5.64 9.08
C VAL A 13 -4.73 -6.57 9.19
N ARG A 14 -4.78 -7.65 8.41
CA ARG A 14 -5.83 -8.69 8.37
C ARG A 14 -7.14 -8.20 7.73
N LYS A 15 -7.60 -7.02 8.14
CA LYS A 15 -8.77 -6.34 7.53
C LYS A 15 -8.50 -4.96 6.88
N SER A 16 -7.26 -4.78 6.43
CA SER A 16 -6.84 -3.64 5.57
C SER A 16 -7.65 -3.57 4.25
N VAL A 17 -8.06 -4.76 3.81
CA VAL A 17 -8.92 -5.00 2.63
C VAL A 17 -10.39 -4.90 3.04
N GLN A 18 -11.08 -3.97 2.39
CA GLN A 18 -12.53 -3.72 2.63
C GLN A 18 -13.33 -3.92 1.33
N ASP A 19 -14.58 -3.44 1.28
CA ASP A 19 -15.49 -3.56 0.10
C ASP A 19 -15.01 -2.79 -1.15
N ASP A 20 -14.05 -3.40 -1.84
CA ASP A 20 -13.33 -2.83 -3.01
C ASP A 20 -12.67 -1.46 -2.71
N HIS A 21 -12.15 -1.35 -1.49
CA HIS A 21 -11.38 -0.20 -1.01
C HIS A 21 -10.39 -0.66 0.06
N ILE A 22 -9.14 -0.28 -0.18
CA ILE A 22 -7.98 -0.61 0.68
C ILE A 22 -7.59 0.68 1.45
N VAL A 23 -7.58 0.51 2.76
CA VAL A 23 -7.39 1.62 3.71
C VAL A 23 -5.91 2.06 3.85
N CYS A 24 -5.70 3.36 3.71
CA CYS A 24 -4.38 3.97 3.67
C CYS A 24 -3.83 4.03 5.10
N LEU A 25 -3.01 3.04 5.42
CA LEU A 25 -2.23 3.05 6.68
C LEU A 25 -1.31 4.29 6.73
N GLU A 26 -1.36 4.97 7.89
CA GLU A 26 -0.70 6.26 8.17
C GLU A 26 -1.31 7.44 7.38
N CYS A 27 -2.58 7.31 6.98
CA CYS A 27 -3.33 8.37 6.34
C CYS A 27 -4.78 8.30 6.82
N GLY A 28 -5.42 7.14 6.61
CA GLY A 28 -6.83 6.91 6.97
C GLY A 28 -7.70 6.66 5.73
N GLY A 29 -7.50 7.50 4.69
CA GLY A 29 -8.29 7.48 3.45
C GLY A 29 -8.33 6.09 2.79
N SER A 30 -9.48 5.74 2.23
CA SER A 30 -9.65 4.42 1.60
C SER A 30 -10.01 4.57 0.12
N PHE A 31 -9.44 3.68 -0.69
CA PHE A 31 -9.47 3.75 -2.16
C PHE A 31 -9.09 2.43 -2.86
N LYS A 32 -9.31 2.39 -4.17
CA LYS A 32 -8.88 1.26 -5.01
C LYS A 32 -7.36 1.08 -5.22
N SER A 33 -6.58 2.17 -5.11
CA SER A 33 -5.11 2.11 -5.31
C SER A 33 -4.26 2.83 -4.25
N LEU A 34 -3.80 2.05 -3.26
CA LEU A 34 -2.87 2.58 -2.23
C LEU A 34 -1.47 2.86 -2.81
N LYS A 35 -0.94 1.97 -3.66
CA LYS A 35 0.40 2.13 -4.28
C LYS A 35 0.73 3.57 -4.72
N ARG A 36 -0.01 4.10 -5.71
CA ARG A 36 0.21 5.46 -6.24
C ARG A 36 0.19 6.52 -5.15
N HIS A 37 -0.93 6.59 -4.41
CA HIS A 37 -1.14 7.47 -3.28
C HIS A 37 0.07 7.41 -2.35
N LEU A 38 0.46 6.19 -1.97
CA LEU A 38 1.62 5.89 -1.12
C LEU A 38 2.87 6.57 -1.72
N THR A 39 3.34 6.06 -2.85
CA THR A 39 4.56 6.54 -3.56
C THR A 39 4.55 8.05 -3.89
N THR A 40 3.36 8.62 -4.14
CA THR A 40 3.13 10.07 -4.29
C THR A 40 3.31 10.86 -2.98
N HIS A 41 2.46 10.58 -1.99
CA HIS A 41 2.41 11.36 -0.73
C HIS A 41 3.41 10.88 0.33
N HIS A 42 3.11 9.73 0.94
CA HIS A 42 3.99 8.99 1.83
C HIS A 42 5.29 8.63 1.11
N SER A 43 5.29 8.57 -0.22
CA SER A 43 6.42 8.14 -1.09
C SER A 43 6.98 6.75 -0.71
N MET A 44 8.17 6.40 -1.19
CA MET A 44 8.84 5.09 -0.98
C MET A 44 8.11 3.91 -1.66
N THR A 45 8.78 2.76 -1.69
CA THR A 45 8.23 1.52 -2.26
C THR A 45 7.12 0.91 -1.36
N PRO A 46 6.15 0.19 -1.95
CA PRO A 46 5.12 -0.53 -1.18
C PRO A 46 5.70 -1.52 -0.16
N GLU A 47 6.74 -2.27 -0.54
CA GLU A 47 7.49 -3.11 0.42
C GLU A 47 8.17 -2.35 1.57
N GLU A 48 8.74 -1.18 1.29
CA GLU A 48 9.34 -0.32 2.35
C GLU A 48 8.30 0.14 3.38
N TYR A 49 7.12 0.52 2.89
CA TYR A 49 5.93 0.83 3.71
C TYR A 49 5.58 -0.28 4.71
N ARG A 50 5.58 -1.53 4.24
CA ARG A 50 5.23 -2.69 5.08
C ARG A 50 6.17 -2.86 6.28
N GLU A 51 7.45 -2.48 6.09
CA GLU A 51 8.46 -2.55 7.15
C GLU A 51 8.15 -1.64 8.36
N LYS A 52 7.73 -0.38 8.12
CA LYS A 52 7.38 0.52 9.24
C LYS A 52 6.17 0.02 10.04
N TRP A 53 5.20 -0.53 9.30
CA TRP A 53 4.01 -1.20 9.87
C TRP A 53 4.28 -2.60 10.48
N ASP A 54 5.46 -3.16 10.20
CA ASP A 54 5.89 -4.54 10.53
C ASP A 54 4.97 -5.63 9.95
N LEU A 55 4.30 -5.26 8.86
CA LEU A 55 3.13 -5.98 8.32
C LEU A 55 3.42 -7.34 7.66
N PRO A 56 2.96 -8.43 8.30
CA PRO A 56 3.28 -9.82 7.90
C PRO A 56 2.92 -10.12 6.44
N VAL A 57 3.81 -10.92 5.86
CA VAL A 57 3.82 -11.38 4.44
C VAL A 57 3.73 -10.25 3.38
N ASP A 58 4.07 -9.02 3.78
CA ASP A 58 3.97 -7.82 2.91
C ASP A 58 2.66 -7.74 2.11
N TYR A 59 1.55 -7.74 2.84
CA TYR A 59 0.17 -7.79 2.30
C TYR A 59 -0.06 -6.83 1.12
N PRO A 60 -0.91 -7.20 0.15
CA PRO A 60 -1.23 -6.35 -1.02
C PRO A 60 -1.96 -5.06 -0.63
N MET A 61 -1.31 -3.96 -1.00
CA MET A 61 -1.81 -2.59 -0.78
C MET A 61 -2.38 -1.93 -2.06
N VAL A 62 -3.13 -2.76 -2.78
CA VAL A 62 -3.94 -2.35 -3.96
C VAL A 62 -5.32 -3.00 -3.77
N ALA A 63 -6.31 -2.60 -4.58
CA ALA A 63 -7.67 -3.17 -4.59
C ALA A 63 -7.70 -4.69 -4.28
N PRO A 64 -8.66 -5.16 -3.47
CA PRO A 64 -8.73 -6.55 -2.99
C PRO A 64 -8.60 -7.66 -4.06
N ALA A 65 -9.02 -7.37 -5.28
CA ALA A 65 -8.90 -8.28 -6.42
C ALA A 65 -8.22 -7.65 -7.67
N TYR A 66 -7.25 -6.76 -7.42
CA TYR A 66 -6.53 -6.01 -8.49
C TYR A 66 -5.76 -6.91 -9.48
N ALA A 67 -4.90 -7.76 -8.93
CA ALA A 67 -4.00 -8.69 -9.64
C ALA A 67 -3.27 -9.58 -8.62
N GLU A 68 -2.95 -10.80 -9.04
CA GLU A 68 -2.31 -11.85 -8.20
C GLU A 68 -3.18 -12.23 -6.98
N ALA A 69 -2.56 -12.82 -5.96
CA ALA A 69 -3.21 -13.24 -4.68
C ALA A 69 -4.47 -14.12 -4.81
N ARG A 70 -4.47 -14.98 -5.81
CA ARG A 70 -5.60 -15.89 -6.11
C ARG A 70 -5.09 -17.19 -6.76
N SER A 71 -4.77 -18.13 -5.87
CA SER A 71 -4.17 -19.46 -6.15
C SER A 71 -2.81 -19.38 -6.88
N ARG A 72 -2.82 -19.14 -8.20
CA ARG A 72 -1.60 -18.94 -8.99
C ARG A 72 -1.17 -17.46 -8.93
N LEU A 73 -0.63 -17.10 -7.76
CA LEU A 73 -0.11 -15.73 -7.52
C LEU A 73 1.30 -15.54 -8.10
N ALA A 74 1.33 -14.88 -9.27
CA ALA A 74 2.59 -14.48 -9.94
C ALA A 74 3.49 -13.65 -9.02
N LYS A 75 4.60 -14.27 -8.64
CA LYS A 75 5.60 -13.70 -7.72
C LYS A 75 6.36 -12.51 -8.32
N GLU A 76 5.78 -11.32 -8.11
CA GLU A 76 6.40 -10.03 -8.48
C GLU A 76 5.99 -8.86 -7.56
N MET A 77 6.86 -8.56 -6.60
CA MET A 77 6.75 -7.37 -5.73
C MET A 77 6.86 -6.02 -6.48
N GLY A 78 7.63 -6.05 -7.57
CA GLY A 78 7.98 -4.87 -8.38
C GLY A 78 9.46 -4.49 -8.21
N LEU A 79 10.09 -4.17 -9.34
CA LEU A 79 11.50 -3.71 -9.37
C LEU A 79 11.70 -2.22 -9.08
N GLY A 80 10.97 -1.38 -9.83
CA GLY A 80 11.05 0.09 -9.71
C GLY A 80 12.04 0.73 -10.70
N GLN A 81 11.83 0.45 -11.98
CA GLN A 81 12.70 0.93 -13.07
C GLN A 81 12.08 2.19 -13.72
N ARG A 82 12.61 3.32 -13.24
CA ARG A 82 12.20 4.67 -13.65
C ARG A 82 12.42 4.95 -15.15
N ARG A 83 11.35 4.73 -15.90
CA ARG A 83 11.29 4.94 -17.36
C ARG A 83 9.84 4.95 -17.88
N LYS A 84 9.56 5.90 -18.76
CA LYS A 84 8.30 5.96 -19.53
C LYS A 84 8.57 6.39 -20.98
N ALA A 85 8.72 5.38 -21.84
CA ALA A 85 8.93 5.53 -23.28
C ALA A 85 8.63 4.22 -24.01
N ASN A 86 8.04 4.34 -25.20
CA ASN A 86 7.66 3.19 -26.07
C ASN A 86 7.14 3.66 -27.44
N ARG A 87 6.15 4.55 -27.43
CA ARG A 87 5.57 5.14 -28.66
C ARG A 87 5.82 6.67 -28.74
#